data_1O9V
# 
_entry.id   1O9V 
# 
_audit_conform.dict_name       mmcif_pdbx.dic 
_audit_conform.dict_version    5.399 
_audit_conform.dict_location   http://mmcif.pdb.org/dictionaries/ascii/mmcif_pdbx.dic 
# 
loop_
_database_2.database_id 
_database_2.database_code 
_database_2.pdbx_database_accession 
_database_2.pdbx_DOI 
PDB   1O9V         pdb_00001o9v 10.2210/pdb1o9v/pdb 
PDBE  EBI-11906    ?            ?                   
WWPDB D_1290011906 ?            ?                   
# 
loop_
_pdbx_audit_revision_history.ordinal 
_pdbx_audit_revision_history.data_content_type 
_pdbx_audit_revision_history.major_revision 
_pdbx_audit_revision_history.minor_revision 
_pdbx_audit_revision_history.revision_date 
1 'Structure model' 1 0 2003-05-29 
2 'Structure model' 1 1 2011-05-08 
3 'Structure model' 1 2 2011-07-13 
4 'Structure model' 1 3 2019-07-24 
5 'Structure model' 1 4 2020-07-29 
6 'Structure model' 1 5 2024-11-20 
# 
loop_
_pdbx_audit_revision_details.ordinal 
_pdbx_audit_revision_details.revision_ordinal 
_pdbx_audit_revision_details.data_content_type 
_pdbx_audit_revision_details.provider 
_pdbx_audit_revision_details.type 
_pdbx_audit_revision_details.description 
_pdbx_audit_revision_details.details 
1 1 'Structure model' repository 'Initial release' ?                          ? 
2 5 'Structure model' repository Remediation       'Carbohydrate remediation' ? 
# 
loop_
_pdbx_audit_revision_group.ordinal 
_pdbx_audit_revision_group.revision_ordinal 
_pdbx_audit_revision_group.data_content_type 
_pdbx_audit_revision_group.group 
1 2 'Structure model' 'Version format compliance' 
2 3 'Structure model' 'Version format compliance' 
3 4 'Structure model' 'Data collection'           
4 5 'Structure model' 'Derived calculations'      
5 5 'Structure model' Other                       
6 5 'Structure model' 'Structure summary'         
7 6 'Structure model' 'Data collection'           
8 6 'Structure model' 'Database references'       
9 6 'Structure model' 'Structure summary'         
# 
loop_
_pdbx_audit_revision_category.ordinal 
_pdbx_audit_revision_category.revision_ordinal 
_pdbx_audit_revision_category.data_content_type 
_pdbx_audit_revision_category.category 
1  4 'Structure model' diffrn_source             
2  5 'Structure model' chem_comp                 
3  5 'Structure model' entity                    
4  5 'Structure model' pdbx_database_status      
5  5 'Structure model' pdbx_entity_nonpoly       
6  5 'Structure model' struct_site               
7  5 'Structure model' struct_site_gen           
8  6 'Structure model' chem_comp                 
9  6 'Structure model' chem_comp_atom            
10 6 'Structure model' chem_comp_bond            
11 6 'Structure model' database_2                
12 6 'Structure model' pdbx_entry_details        
13 6 'Structure model' pdbx_modification_feature 
# 
loop_
_pdbx_audit_revision_item.ordinal 
_pdbx_audit_revision_item.revision_ordinal 
_pdbx_audit_revision_item.data_content_type 
_pdbx_audit_revision_item.item 
1 4 'Structure model' '_diffrn_source.pdbx_synchrotron_site' 
2 5 'Structure model' '_chem_comp.name'                      
3 5 'Structure model' '_chem_comp.type'                      
4 5 'Structure model' '_entity.pdbx_description'             
5 5 'Structure model' '_pdbx_database_status.status_code_sf' 
6 5 'Structure model' '_pdbx_entity_nonpoly.name'            
7 6 'Structure model' '_chem_comp.pdbx_synonyms'             
8 6 'Structure model' '_database_2.pdbx_DOI'                 
9 6 'Structure model' '_database_2.pdbx_database_accession'  
# 
_pdbx_database_status.status_code                     REL 
_pdbx_database_status.entry_id                        1O9V 
_pdbx_database_status.deposit_site                    PDBE 
_pdbx_database_status.process_site                    PDBE 
_pdbx_database_status.SG_entry                        . 
_pdbx_database_status.recvd_initial_deposition_date   2002-12-20 
_pdbx_database_status.pdb_format_compatible           Y 
_pdbx_database_status.status_code_sf                  REL 
_pdbx_database_status.status_code_mr                  ? 
_pdbx_database_status.status_code_cs                  ? 
_pdbx_database_status.methods_development_category    ? 
_pdbx_database_status.status_code_nmr_data            ? 
# 
loop_
_pdbx_database_related.db_name 
_pdbx_database_related.db_id 
_pdbx_database_related.content_type 
_pdbx_database_related.details 
PDB 1O9W unspecified 'F17-AG LECTIN DOMAIN FROM ESCHERICHIA COLI IN COMPLEX WITH N-ACETYL-GLUCOSAMINE' 
PDB 1O9Z unspecified 'F17-AG LECTIN DOMAIN FROM ESCHERICHIA COLI (LIGAND FREE)'                        
# 
loop_
_audit_author.name 
_audit_author.pdbx_ordinal 
'Buts, L.'      1  
'De Genst, E.'  2  
'Loris, R.'     3  
'Oscarson, S.'  4  
'Lahmann, M.'   5  
'Messens, J.'   6  
'Brosens, E.'   7  
'Wyns, L.'      8  
'Bouckaert, J.' 9  
'De Greve, H.'  10 
# 
loop_
_citation.id 
_citation.title 
_citation.journal_abbrev 
_citation.journal_volume 
_citation.page_first 
_citation.page_last 
_citation.year 
_citation.journal_id_ASTM 
_citation.country 
_citation.journal_id_ISSN 
_citation.journal_id_CSD 
_citation.book_publisher 
_citation.pdbx_database_id_PubMed 
_citation.pdbx_database_id_DOI 
primary 
;The Fimbrial Adhesin F17-G of Enterotoxigenic Escherichia Coli Has an Immunoglobulin-Like Lectin Domain that Binds N-Acetylglucosamine
;
Mol.Microbiol.             49  705  ? 2003 MOMIEE UK 0950-382X 2007 ? 12864853 10.1046/J.1365-2958.2003.03600.X 
1       
;Solving the Phase Problem for Carbohydrate -Binding Proteins Using Selenium Derivatives of Their Ligands: A Case Study Involving the Bacterial F17-G Adhesin
;
'Acta Crystallogr.,Sect.D' 59  1012 ? 2003 ABCRE6 DK 0907-4449 0766 ? 12777763 10.1107/S0907444903007170        
2       
;Identification, Characterization and Nucleotide Sequence of the F17G Gene, which Determines Receptor Binding of Escherichia Coli F17 Fimbriae
;
J.Bacteriol.               173 3366 ? 1991 JOBAAY US 0021-9193 0767 ? 1675211  ?                                
# 
loop_
_citation_author.citation_id 
_citation_author.name 
_citation_author.ordinal 
_citation_author.identifier_ORCID 
primary 'Buts, L.'         1  ? 
primary 'Bouckaert, J.'    2  ? 
primary 'De Genst, E.'     3  ? 
primary 'Loris, R.'        4  ? 
primary 'Oscarson, S.'     5  ? 
primary 'Lahmann, M.'      6  ? 
primary 'Messens, J.'      7  ? 
primary 'Brosens, E.'      8  ? 
primary 'Wyns, L.'         9  ? 
primary 'De Greve, H.'     10 ? 
1       'Buts, L.'         11 ? 
1       'Loris, R.'        12 ? 
1       'De Genst, E.'     13 ? 
1       'Oscarson, S.'     14 ? 
1       'Lahmann, M.'      15 ? 
1       'Messens, J.'      16 ? 
1       'Brosens, E.'      17 ? 
1       'Wyns, L.'         18 ? 
1       'De Greve, H.'     19 ? 
1       'Bouckaert, J.'    20 ? 
2       'Lintermans, P.F.' 21 ? 
2       'Bertels, A.'      22 ? 
2       'Schlicker, C.'    23 ? 
2       'Deboeck, F.'      24 ? 
2       'Charlier, G.'     25 ? 
2       'Pohl, P.'         26 ? 
2       'Norgren, M.'      27 ? 
2       'Normark, S.'      28 ? 
2       'Van Montagu, M.'  29 ? 
2       'De Greve, H.'     30 ? 
# 
loop_
_entity.id 
_entity.type 
_entity.src_method 
_entity.pdbx_description 
_entity.formula_weight 
_entity.pdbx_number_of_molecules 
_entity.pdbx_ec 
_entity.pdbx_mutation 
_entity.pdbx_fragment 
_entity.details 
1 polymer     man 'F17-AG LECTIN DOMAIN'                                       19048.227 1   ? ? 
'CARBOHYDRATE-BINDING DOMAIN, RESIDUES 23-199' ? 
2 non-polymer syn 'methyl 2-acetamido-2-deoxy-1-seleno-beta-D-glucopyranoside' 298.195   1   ? ? ? ? 
3 water       nat water                                                        18.015    110 ? ? ? ? 
# 
_entity_poly.entity_id                      1 
_entity_poly.type                           'polypeptide(L)' 
_entity_poly.nstd_linkage                   no 
_entity_poly.nstd_monomer                   no 
_entity_poly.pdbx_seq_one_letter_code       
;AVSFIGSTENDVGPSLGSYSRTHAMDNLPFVYDTRNKIGYQNANVWHISKGFCVGLDGKVDLPVVGSLDGQSIYGLTEEV
GLLIWMGDTKYSRGTAMSGNSWENVFSGWCVGANTASTQGLSVRVTPVILKRNSSARYSVQKTSIGSIRMRPYNGSSAGS
VQTTVNFSLNPFTLNDT
;
_entity_poly.pdbx_seq_one_letter_code_can   
;AVSFIGSTENDVGPSLGSYSRTHAMDNLPFVYDTRNKIGYQNANVWHISKGFCVGLDGKVDLPVVGSLDGQSIYGLTEEV
GLLIWMGDTKYSRGTAMSGNSWENVFSGWCVGANTASTQGLSVRVTPVILKRNSSARYSVQKTSIGSIRMRPYNGSSAGS
VQTTVNFSLNPFTLNDT
;
_entity_poly.pdbx_strand_id                 A 
_entity_poly.pdbx_target_identifier         ? 
# 
loop_
_pdbx_entity_nonpoly.entity_id 
_pdbx_entity_nonpoly.name 
_pdbx_entity_nonpoly.comp_id 
2 'methyl 2-acetamido-2-deoxy-1-seleno-beta-D-glucopyranoside' SNG 
3 water                                                        HOH 
# 
loop_
_entity_poly_seq.entity_id 
_entity_poly_seq.num 
_entity_poly_seq.mon_id 
_entity_poly_seq.hetero 
1 1   ALA n 
1 2   VAL n 
1 3   SER n 
1 4   PHE n 
1 5   ILE n 
1 6   GLY n 
1 7   SER n 
1 8   THR n 
1 9   GLU n 
1 10  ASN n 
1 11  ASP n 
1 12  VAL n 
1 13  GLY n 
1 14  PRO n 
1 15  SER n 
1 16  LEU n 
1 17  GLY n 
1 18  SER n 
1 19  TYR n 
1 20  SER n 
1 21  ARG n 
1 22  THR n 
1 23  HIS n 
1 24  ALA n 
1 25  MET n 
1 26  ASP n 
1 27  ASN n 
1 28  LEU n 
1 29  PRO n 
1 30  PHE n 
1 31  VAL n 
1 32  TYR n 
1 33  ASP n 
1 34  THR n 
1 35  ARG n 
1 36  ASN n 
1 37  LYS n 
1 38  ILE n 
1 39  GLY n 
1 40  TYR n 
1 41  GLN n 
1 42  ASN n 
1 43  ALA n 
1 44  ASN n 
1 45  VAL n 
1 46  TRP n 
1 47  HIS n 
1 48  ILE n 
1 49  SER n 
1 50  LYS n 
1 51  GLY n 
1 52  PHE n 
1 53  CYS n 
1 54  VAL n 
1 55  GLY n 
1 56  LEU n 
1 57  ASP n 
1 58  GLY n 
1 59  LYS n 
1 60  VAL n 
1 61  ASP n 
1 62  LEU n 
1 63  PRO n 
1 64  VAL n 
1 65  VAL n 
1 66  GLY n 
1 67  SER n 
1 68  LEU n 
1 69  ASP n 
1 70  GLY n 
1 71  GLN n 
1 72  SER n 
1 73  ILE n 
1 74  TYR n 
1 75  GLY n 
1 76  LEU n 
1 77  THR n 
1 78  GLU n 
1 79  GLU n 
1 80  VAL n 
1 81  GLY n 
1 82  LEU n 
1 83  LEU n 
1 84  ILE n 
1 85  TRP n 
1 86  MET n 
1 87  GLY n 
1 88  ASP n 
1 89  THR n 
1 90  LYS n 
1 91  TYR n 
1 92  SER n 
1 93  ARG n 
1 94  GLY n 
1 95  THR n 
1 96  ALA n 
1 97  MET n 
1 98  SER n 
1 99  GLY n 
1 100 ASN n 
1 101 SER n 
1 102 TRP n 
1 103 GLU n 
1 104 ASN n 
1 105 VAL n 
1 106 PHE n 
1 107 SER n 
1 108 GLY n 
1 109 TRP n 
1 110 CYS n 
1 111 VAL n 
1 112 GLY n 
1 113 ALA n 
1 114 ASN n 
1 115 THR n 
1 116 ALA n 
1 117 SER n 
1 118 THR n 
1 119 GLN n 
1 120 GLY n 
1 121 LEU n 
1 122 SER n 
1 123 VAL n 
1 124 ARG n 
1 125 VAL n 
1 126 THR n 
1 127 PRO n 
1 128 VAL n 
1 129 ILE n 
1 130 LEU n 
1 131 LYS n 
1 132 ARG n 
1 133 ASN n 
1 134 SER n 
1 135 SER n 
1 136 ALA n 
1 137 ARG n 
1 138 TYR n 
1 139 SER n 
1 140 VAL n 
1 141 GLN n 
1 142 LYS n 
1 143 THR n 
1 144 SER n 
1 145 ILE n 
1 146 GLY n 
1 147 SER n 
1 148 ILE n 
1 149 ARG n 
1 150 MET n 
1 151 ARG n 
1 152 PRO n 
1 153 TYR n 
1 154 ASN n 
1 155 GLY n 
1 156 SER n 
1 157 SER n 
1 158 ALA n 
1 159 GLY n 
1 160 SER n 
1 161 VAL n 
1 162 GLN n 
1 163 THR n 
1 164 THR n 
1 165 VAL n 
1 166 ASN n 
1 167 PHE n 
1 168 SER n 
1 169 LEU n 
1 170 ASN n 
1 171 PRO n 
1 172 PHE n 
1 173 THR n 
1 174 LEU n 
1 175 ASN n 
1 176 ASP n 
1 177 THR n 
# 
_entity_src_gen.entity_id                          1 
_entity_src_gen.pdbx_src_id                        1 
_entity_src_gen.pdbx_alt_source_flag               sample 
_entity_src_gen.pdbx_seq_type                      ? 
_entity_src_gen.pdbx_beg_seq_num                   ? 
_entity_src_gen.pdbx_end_seq_num                   ? 
_entity_src_gen.gene_src_common_name               ? 
_entity_src_gen.gene_src_genus                     ? 
_entity_src_gen.pdbx_gene_src_gene                 ? 
_entity_src_gen.gene_src_species                   ? 
_entity_src_gen.gene_src_strain                    ? 
_entity_src_gen.gene_src_tissue                    ? 
_entity_src_gen.gene_src_tissue_fraction           ? 
_entity_src_gen.gene_src_details                   ? 
_entity_src_gen.pdbx_gene_src_fragment             ? 
_entity_src_gen.pdbx_gene_src_scientific_name      'ESCHERICHIA COLI' 
_entity_src_gen.pdbx_gene_src_ncbi_taxonomy_id     562 
_entity_src_gen.pdbx_gene_src_variant              ? 
_entity_src_gen.pdbx_gene_src_cell_line            ? 
_entity_src_gen.pdbx_gene_src_atcc                 ? 
_entity_src_gen.pdbx_gene_src_organ                ? 
_entity_src_gen.pdbx_gene_src_organelle            ? 
_entity_src_gen.pdbx_gene_src_cell                 ? 
_entity_src_gen.pdbx_gene_src_cellular_location    ? 
_entity_src_gen.host_org_common_name               ? 
_entity_src_gen.pdbx_host_org_scientific_name      'ESCHERICHIA COLI' 
_entity_src_gen.pdbx_host_org_ncbi_taxonomy_id     511693 
_entity_src_gen.host_org_genus                     ? 
_entity_src_gen.pdbx_host_org_gene                 ? 
_entity_src_gen.pdbx_host_org_organ                ? 
_entity_src_gen.host_org_species                   ? 
_entity_src_gen.pdbx_host_org_tissue               ? 
_entity_src_gen.pdbx_host_org_tissue_fraction      ? 
_entity_src_gen.pdbx_host_org_strain               BL21 
_entity_src_gen.pdbx_host_org_variant              ? 
_entity_src_gen.pdbx_host_org_cell_line            ? 
_entity_src_gen.pdbx_host_org_atcc                 ? 
_entity_src_gen.pdbx_host_org_culture_collection   ? 
_entity_src_gen.pdbx_host_org_cell                 ? 
_entity_src_gen.pdbx_host_org_organelle            ? 
_entity_src_gen.pdbx_host_org_cellular_location    ? 
_entity_src_gen.pdbx_host_org_vector_type          ? 
_entity_src_gen.pdbx_host_org_vector               'CUSTOM (T7 PROMOTOR)' 
_entity_src_gen.host_org_details                   ? 
_entity_src_gen.expression_system_id               ? 
_entity_src_gen.plasmid_name                       PHD52 
_entity_src_gen.plasmid_details                    ? 
_entity_src_gen.pdbx_description                   ? 
# 
loop_
_chem_comp.id 
_chem_comp.type 
_chem_comp.mon_nstd_flag 
_chem_comp.name 
_chem_comp.pdbx_synonyms 
_chem_comp.formula 
_chem_comp.formula_weight 
ALA 'L-peptide linking' y ALANINE                                                      ? 'C3 H7 N O2'     89.093  
ARG 'L-peptide linking' y ARGININE                                                     ? 'C6 H15 N4 O2 1' 175.209 
ASN 'L-peptide linking' y ASPARAGINE                                                   ? 'C4 H8 N2 O3'    132.118 
ASP 'L-peptide linking' y 'ASPARTIC ACID'                                              ? 'C4 H7 N O4'     133.103 
CYS 'L-peptide linking' y CYSTEINE                                                     ? 'C3 H7 N O2 S'   121.158 
GLN 'L-peptide linking' y GLUTAMINE                                                    ? 'C5 H10 N2 O3'   146.144 
GLU 'L-peptide linking' y 'GLUTAMIC ACID'                                              ? 'C5 H9 N O4'     147.129 
GLY 'peptide linking'   y GLYCINE                                                      ? 'C2 H5 N O2'     75.067  
HIS 'L-peptide linking' y HISTIDINE                                                    ? 'C6 H10 N3 O2 1' 156.162 
HOH non-polymer         . WATER                                                        ? 'H2 O'           18.015  
ILE 'L-peptide linking' y ISOLEUCINE                                                   ? 'C6 H13 N O2'    131.173 
LEU 'L-peptide linking' y LEUCINE                                                      ? 'C6 H13 N O2'    131.173 
LYS 'L-peptide linking' y LYSINE                                                       ? 'C6 H15 N2 O2 1' 147.195 
MET 'L-peptide linking' y METHIONINE                                                   ? 'C5 H11 N O2 S'  149.211 
PHE 'L-peptide linking' y PHENYLALANINE                                                ? 'C9 H11 N O2'    165.189 
PRO 'L-peptide linking' y PROLINE                                                      ? 'C5 H9 N O2'     115.130 
SER 'L-peptide linking' y SERINE                                                       ? 'C3 H7 N O3'     105.093 
SNG D-saccharide        . 'methyl 2-acetamido-2-deoxy-1-seleno-beta-D-glucopyranoside' 
;METHYL 2-ACETAMIDO-1,2-DIDEOXY-1-SELENO-BETA-D-GLUCOPYRANOSIDE; methyl 2-acetamido-2-deoxy-1-seleno-beta-D-glucoside; methyl 2-acetamido-2-deoxy-1-seleno-D-glucoside; methyl 2-acetamido-2-deoxy-1-seleno-glucoside
;
'C9 H17 N O5 Se' 298.195 
THR 'L-peptide linking' y THREONINE                                                    ? 'C4 H9 N O3'     119.119 
TRP 'L-peptide linking' y TRYPTOPHAN                                                   ? 'C11 H12 N2 O2'  204.225 
TYR 'L-peptide linking' y TYROSINE                                                     ? 'C9 H11 N O3'    181.189 
VAL 'L-peptide linking' y VALINE                                                       ? 'C5 H11 N O2'    117.146 
# 
loop_
_pdbx_poly_seq_scheme.asym_id 
_pdbx_poly_seq_scheme.entity_id 
_pdbx_poly_seq_scheme.seq_id 
_pdbx_poly_seq_scheme.mon_id 
_pdbx_poly_seq_scheme.ndb_seq_num 
_pdbx_poly_seq_scheme.pdb_seq_num 
_pdbx_poly_seq_scheme.auth_seq_num 
_pdbx_poly_seq_scheme.pdb_mon_id 
_pdbx_poly_seq_scheme.auth_mon_id 
_pdbx_poly_seq_scheme.pdb_strand_id 
_pdbx_poly_seq_scheme.pdb_ins_code 
_pdbx_poly_seq_scheme.hetero 
A 1 1   ALA 1   1   1   ALA ALA A . n 
A 1 2   VAL 2   2   2   VAL VAL A . n 
A 1 3   SER 3   3   3   SER SER A . n 
A 1 4   PHE 4   4   4   PHE PHE A . n 
A 1 5   ILE 5   5   5   ILE ILE A . n 
A 1 6   GLY 6   6   6   GLY GLY A . n 
A 1 7   SER 7   7   7   SER SER A . n 
A 1 8   THR 8   8   8   THR THR A . n 
A 1 9   GLU 9   9   9   GLU GLU A . n 
A 1 10  ASN 10  10  10  ASN ASN A . n 
A 1 11  ASP 11  11  11  ASP ASP A . n 
A 1 12  VAL 12  12  12  VAL VAL A . n 
A 1 13  GLY 13  13  13  GLY GLY A . n 
A 1 14  PRO 14  14  14  PRO PRO A . n 
A 1 15  SER 15  15  15  SER SER A . n 
A 1 16  LEU 16  16  16  LEU LEU A . n 
A 1 17  GLY 17  17  17  GLY GLY A . n 
A 1 18  SER 18  18  18  SER SER A . n 
A 1 19  TYR 19  19  19  TYR TYR A . n 
A 1 20  SER 20  20  20  SER SER A . n 
A 1 21  ARG 21  21  21  ARG ARG A . n 
A 1 22  THR 22  22  ?   ?   ?   A . n 
A 1 23  HIS 23  23  ?   ?   ?   A . n 
A 1 24  ALA 24  24  ?   ?   ?   A . n 
A 1 25  MET 25  25  ?   ?   ?   A . n 
A 1 26  ASP 26  26  ?   ?   ?   A . n 
A 1 27  ASN 27  27  27  ASN ASN A . n 
A 1 28  LEU 28  28  28  LEU LEU A . n 
A 1 29  PRO 29  29  29  PRO PRO A . n 
A 1 30  PHE 30  30  30  PHE PHE A . n 
A 1 31  VAL 31  31  31  VAL VAL A . n 
A 1 32  TYR 32  32  32  TYR TYR A . n 
A 1 33  ASP 33  33  ?   ?   ?   A . n 
A 1 34  THR 34  34  34  THR THR A . n 
A 1 35  ARG 35  35  35  ARG ARG A . n 
A 1 36  ASN 36  36  36  ASN ASN A . n 
A 1 37  LYS 37  37  37  LYS LYS A . n 
A 1 38  ILE 38  38  38  ILE ILE A . n 
A 1 39  GLY 39  39  39  GLY GLY A . n 
A 1 40  TYR 40  40  40  TYR TYR A . n 
A 1 41  GLN 41  41  41  GLN GLN A . n 
A 1 42  ASN 42  42  42  ASN ASN A . n 
A 1 43  ALA 43  43  43  ALA ALA A . n 
A 1 44  ASN 44  44  44  ASN ASN A . n 
A 1 45  VAL 45  45  45  VAL VAL A . n 
A 1 46  TRP 46  46  46  TRP TRP A . n 
A 1 47  HIS 47  47  47  HIS HIS A . n 
A 1 48  ILE 48  48  48  ILE ILE A . n 
A 1 49  SER 49  49  49  SER SER A . n 
A 1 50  LYS 50  50  50  LYS LYS A . n 
A 1 51  GLY 51  51  51  GLY GLY A . n 
A 1 52  PHE 52  52  52  PHE PHE A . n 
A 1 53  CYS 53  53  53  CYS CYS A . n 
A 1 54  VAL 54  54  54  VAL VAL A . n 
A 1 55  GLY 55  55  55  GLY GLY A . n 
A 1 56  LEU 56  56  56  LEU LEU A . n 
A 1 57  ASP 57  57  57  ASP ASP A . n 
A 1 58  GLY 58  58  58  GLY GLY A . n 
A 1 59  LYS 59  59  59  LYS LYS A . n 
A 1 60  VAL 60  60  60  VAL VAL A . n 
A 1 61  ASP 61  61  61  ASP ASP A . n 
A 1 62  LEU 62  62  62  LEU LEU A . n 
A 1 63  PRO 63  63  63  PRO PRO A . n 
A 1 64  VAL 64  64  64  VAL VAL A . n 
A 1 65  VAL 65  65  65  VAL VAL A . n 
A 1 66  GLY 66  66  66  GLY GLY A . n 
A 1 67  SER 67  67  67  SER SER A . n 
A 1 68  LEU 68  68  68  LEU LEU A . n 
A 1 69  ASP 69  69  69  ASP ASP A . n 
A 1 70  GLY 70  70  70  GLY GLY A . n 
A 1 71  GLN 71  71  71  GLN GLN A . n 
A 1 72  SER 72  72  72  SER SER A . n 
A 1 73  ILE 73  73  73  ILE ILE A . n 
A 1 74  TYR 74  74  74  TYR TYR A . n 
A 1 75  GLY 75  75  75  GLY GLY A . n 
A 1 76  LEU 76  76  76  LEU LEU A . n 
A 1 77  THR 77  77  77  THR THR A . n 
A 1 78  GLU 78  78  78  GLU GLU A . n 
A 1 79  GLU 79  79  79  GLU GLU A . n 
A 1 80  VAL 80  80  80  VAL VAL A . n 
A 1 81  GLY 81  81  81  GLY GLY A . n 
A 1 82  LEU 82  82  82  LEU LEU A . n 
A 1 83  LEU 83  83  83  LEU LEU A . n 
A 1 84  ILE 84  84  84  ILE ILE A . n 
A 1 85  TRP 85  85  85  TRP TRP A . n 
A 1 86  MET 86  86  86  MET MET A . n 
A 1 87  GLY 87  87  87  GLY GLY A . n 
A 1 88  ASP 88  88  88  ASP ASP A . n 
A 1 89  THR 89  89  89  THR THR A . n 
A 1 90  LYS 90  90  90  LYS LYS A . n 
A 1 91  TYR 91  91  91  TYR TYR A . n 
A 1 92  SER 92  92  92  SER SER A . n 
A 1 93  ARG 93  93  93  ARG ARG A . n 
A 1 94  GLY 94  94  94  GLY GLY A . n 
A 1 95  THR 95  95  95  THR THR A . n 
A 1 96  ALA 96  96  96  ALA ALA A . n 
A 1 97  MET 97  97  97  MET MET A . n 
A 1 98  SER 98  98  98  SER SER A . n 
A 1 99  GLY 99  99  99  GLY GLY A . n 
A 1 100 ASN 100 100 100 ASN ASN A . n 
A 1 101 SER 101 101 101 SER SER A . n 
A 1 102 TRP 102 102 102 TRP TRP A . n 
A 1 103 GLU 103 103 103 GLU GLU A . n 
A 1 104 ASN 104 104 104 ASN ASN A . n 
A 1 105 VAL 105 105 105 VAL VAL A . n 
A 1 106 PHE 106 106 106 PHE PHE A . n 
A 1 107 SER 107 107 107 SER SER A . n 
A 1 108 GLY 108 108 108 GLY GLY A . n 
A 1 109 TRP 109 109 109 TRP TRP A . n 
A 1 110 CYS 110 110 110 CYS CYS A . n 
A 1 111 VAL 111 111 111 VAL VAL A . n 
A 1 112 GLY 112 112 112 GLY GLY A . n 
A 1 113 ALA 113 113 113 ALA ALA A . n 
A 1 114 ASN 114 114 114 ASN ASN A . n 
A 1 115 THR 115 115 115 THR THR A . n 
A 1 116 ALA 116 116 116 ALA ALA A . n 
A 1 117 SER 117 117 117 SER SER A . n 
A 1 118 THR 118 118 118 THR THR A . n 
A 1 119 GLN 119 119 119 GLN GLN A . n 
A 1 120 GLY 120 120 120 GLY GLY A . n 
A 1 121 LEU 121 121 121 LEU LEU A . n 
A 1 122 SER 122 122 122 SER SER A . n 
A 1 123 VAL 123 123 123 VAL VAL A . n 
A 1 124 ARG 124 124 124 ARG ARG A . n 
A 1 125 VAL 125 125 125 VAL VAL A . n 
A 1 126 THR 126 126 126 THR THR A . n 
A 1 127 PRO 127 127 127 PRO PRO A . n 
A 1 128 VAL 128 128 128 VAL VAL A . n 
A 1 129 ILE 129 129 129 ILE ILE A . n 
A 1 130 LEU 130 130 130 LEU LEU A . n 
A 1 131 LYS 131 131 131 LYS LYS A . n 
A 1 132 ARG 132 132 132 ARG ARG A . n 
A 1 133 ASN 133 133 133 ASN ASN A . n 
A 1 134 SER 134 134 ?   ?   ?   A . n 
A 1 135 SER 135 135 ?   ?   ?   A . n 
A 1 136 ALA 136 136 136 ALA ALA A . n 
A 1 137 ARG 137 137 137 ARG ARG A . n 
A 1 138 TYR 138 138 138 TYR TYR A . n 
A 1 139 SER 139 139 139 SER SER A . n 
A 1 140 VAL 140 140 140 VAL VAL A . n 
A 1 141 GLN 141 141 141 GLN GLN A . n 
A 1 142 LYS 142 142 142 LYS LYS A . n 
A 1 143 THR 143 143 143 THR THR A . n 
A 1 144 SER 144 144 144 SER SER A . n 
A 1 145 ILE 145 145 145 ILE ILE A . n 
A 1 146 GLY 146 146 146 GLY GLY A . n 
A 1 147 SER 147 147 147 SER SER A . n 
A 1 148 ILE 148 148 148 ILE ILE A . n 
A 1 149 ARG 149 149 149 ARG ARG A . n 
A 1 150 MET 150 150 150 MET MET A . n 
A 1 151 ARG 151 151 151 ARG ARG A . n 
A 1 152 PRO 152 152 152 PRO PRO A . n 
A 1 153 TYR 153 153 153 TYR TYR A . n 
A 1 154 ASN 154 154 154 ASN ASN A . n 
A 1 155 GLY 155 155 155 GLY GLY A . n 
A 1 156 SER 156 156 156 SER SER A . n 
A 1 157 SER 157 157 157 SER SER A . n 
A 1 158 ALA 158 158 158 ALA ALA A . n 
A 1 159 GLY 159 159 159 GLY GLY A . n 
A 1 160 SER 160 160 160 SER SER A . n 
A 1 161 VAL 161 161 161 VAL VAL A . n 
A 1 162 GLN 162 162 162 GLN GLN A . n 
A 1 163 THR 163 163 163 THR THR A . n 
A 1 164 THR 164 164 164 THR THR A . n 
A 1 165 VAL 165 165 165 VAL VAL A . n 
A 1 166 ASN 166 166 166 ASN ASN A . n 
A 1 167 PHE 167 167 167 PHE PHE A . n 
A 1 168 SER 168 168 168 SER SER A . n 
A 1 169 LEU 169 169 169 LEU LEU A . n 
A 1 170 ASN 170 170 170 ASN ASN A . n 
A 1 171 PRO 171 171 171 PRO PRO A . n 
A 1 172 PHE 172 172 172 PHE PHE A . n 
A 1 173 THR 173 173 173 THR THR A . n 
A 1 174 LEU 174 174 174 LEU LEU A . n 
A 1 175 ASN 175 175 175 ASN ASN A . n 
A 1 176 ASP 176 176 176 ASP ASP A . n 
A 1 177 THR 177 177 ?   ?   ?   A . n 
# 
loop_
_pdbx_nonpoly_scheme.asym_id 
_pdbx_nonpoly_scheme.entity_id 
_pdbx_nonpoly_scheme.mon_id 
_pdbx_nonpoly_scheme.ndb_seq_num 
_pdbx_nonpoly_scheme.pdb_seq_num 
_pdbx_nonpoly_scheme.auth_seq_num 
_pdbx_nonpoly_scheme.pdb_mon_id 
_pdbx_nonpoly_scheme.auth_mon_id 
_pdbx_nonpoly_scheme.pdb_strand_id 
_pdbx_nonpoly_scheme.pdb_ins_code 
B 2 SNG 1   1177 1177 SNG SNG A . 
C 3 HOH 1   2001 2001 HOH HOH A . 
C 3 HOH 2   2002 2002 HOH HOH A . 
C 3 HOH 3   2003 2003 HOH HOH A . 
C 3 HOH 4   2004 2004 HOH HOH A . 
C 3 HOH 5   2005 2005 HOH HOH A . 
C 3 HOH 6   2006 2006 HOH HOH A . 
C 3 HOH 7   2007 2007 HOH HOH A . 
C 3 HOH 8   2008 2008 HOH HOH A . 
C 3 HOH 9   2009 2009 HOH HOH A . 
C 3 HOH 10  2010 2010 HOH HOH A . 
C 3 HOH 11  2011 2011 HOH HOH A . 
C 3 HOH 12  2012 2012 HOH HOH A . 
C 3 HOH 13  2013 2013 HOH HOH A . 
C 3 HOH 14  2014 2014 HOH HOH A . 
C 3 HOH 15  2015 2015 HOH HOH A . 
C 3 HOH 16  2016 2016 HOH HOH A . 
C 3 HOH 17  2017 2017 HOH HOH A . 
C 3 HOH 18  2018 2018 HOH HOH A . 
C 3 HOH 19  2019 2019 HOH HOH A . 
C 3 HOH 20  2020 2020 HOH HOH A . 
C 3 HOH 21  2021 2021 HOH HOH A . 
C 3 HOH 22  2022 2022 HOH HOH A . 
C 3 HOH 23  2023 2023 HOH HOH A . 
C 3 HOH 24  2024 2024 HOH HOH A . 
C 3 HOH 25  2025 2025 HOH HOH A . 
C 3 HOH 26  2026 2026 HOH HOH A . 
C 3 HOH 27  2027 2027 HOH HOH A . 
C 3 HOH 28  2028 2028 HOH HOH A . 
C 3 HOH 29  2029 2029 HOH HOH A . 
C 3 HOH 30  2030 2030 HOH HOH A . 
C 3 HOH 31  2031 2031 HOH HOH A . 
C 3 HOH 32  2032 2032 HOH HOH A . 
C 3 HOH 33  2033 2033 HOH HOH A . 
C 3 HOH 34  2034 2034 HOH HOH A . 
C 3 HOH 35  2035 2035 HOH HOH A . 
C 3 HOH 36  2036 2036 HOH HOH A . 
C 3 HOH 37  2037 2037 HOH HOH A . 
C 3 HOH 38  2038 2038 HOH HOH A . 
C 3 HOH 39  2039 2039 HOH HOH A . 
C 3 HOH 40  2040 2040 HOH HOH A . 
C 3 HOH 41  2041 2041 HOH HOH A . 
C 3 HOH 42  2042 2042 HOH HOH A . 
C 3 HOH 43  2043 2043 HOH HOH A . 
C 3 HOH 44  2044 2044 HOH HOH A . 
C 3 HOH 45  2045 2045 HOH HOH A . 
C 3 HOH 46  2046 2046 HOH HOH A . 
C 3 HOH 47  2047 2047 HOH HOH A . 
C 3 HOH 48  2048 2048 HOH HOH A . 
C 3 HOH 49  2049 2049 HOH HOH A . 
C 3 HOH 50  2050 2050 HOH HOH A . 
C 3 HOH 51  2051 2051 HOH HOH A . 
C 3 HOH 52  2052 2052 HOH HOH A . 
C 3 HOH 53  2053 2053 HOH HOH A . 
C 3 HOH 54  2054 2054 HOH HOH A . 
C 3 HOH 55  2055 2055 HOH HOH A . 
C 3 HOH 56  2056 2056 HOH HOH A . 
C 3 HOH 57  2057 2057 HOH HOH A . 
C 3 HOH 58  2058 2058 HOH HOH A . 
C 3 HOH 59  2059 2059 HOH HOH A . 
C 3 HOH 60  2060 2060 HOH HOH A . 
C 3 HOH 61  2061 2061 HOH HOH A . 
C 3 HOH 62  2062 2062 HOH HOH A . 
C 3 HOH 63  2063 2063 HOH HOH A . 
C 3 HOH 64  2064 2064 HOH HOH A . 
C 3 HOH 65  2065 2065 HOH HOH A . 
C 3 HOH 66  2066 2066 HOH HOH A . 
C 3 HOH 67  2067 2067 HOH HOH A . 
C 3 HOH 68  2068 2068 HOH HOH A . 
C 3 HOH 69  2069 2069 HOH HOH A . 
C 3 HOH 70  2070 2070 HOH HOH A . 
C 3 HOH 71  2071 2071 HOH HOH A . 
C 3 HOH 72  2072 2072 HOH HOH A . 
C 3 HOH 73  2073 2073 HOH HOH A . 
C 3 HOH 74  2074 2074 HOH HOH A . 
C 3 HOH 75  2075 2075 HOH HOH A . 
C 3 HOH 76  2076 2076 HOH HOH A . 
C 3 HOH 77  2077 2077 HOH HOH A . 
C 3 HOH 78  2078 2078 HOH HOH A . 
C 3 HOH 79  2079 2079 HOH HOH A . 
C 3 HOH 80  2080 2080 HOH HOH A . 
C 3 HOH 81  2081 2081 HOH HOH A . 
C 3 HOH 82  2082 2082 HOH HOH A . 
C 3 HOH 83  2083 2083 HOH HOH A . 
C 3 HOH 84  2084 2084 HOH HOH A . 
C 3 HOH 85  2085 2085 HOH HOH A . 
C 3 HOH 86  2086 2086 HOH HOH A . 
C 3 HOH 87  2087 2087 HOH HOH A . 
C 3 HOH 88  2088 2088 HOH HOH A . 
C 3 HOH 89  2089 2089 HOH HOH A . 
C 3 HOH 90  2090 2090 HOH HOH A . 
C 3 HOH 91  2091 2091 HOH HOH A . 
C 3 HOH 92  2092 2092 HOH HOH A . 
C 3 HOH 93  2093 2093 HOH HOH A . 
C 3 HOH 94  2094 2094 HOH HOH A . 
C 3 HOH 95  2095 2095 HOH HOH A . 
C 3 HOH 96  2096 2096 HOH HOH A . 
C 3 HOH 97  2097 2097 HOH HOH A . 
C 3 HOH 98  2098 2098 HOH HOH A . 
C 3 HOH 99  2099 2099 HOH HOH A . 
C 3 HOH 100 2100 2100 HOH HOH A . 
C 3 HOH 101 2101 2101 HOH HOH A . 
C 3 HOH 102 2102 2102 HOH HOH A . 
C 3 HOH 103 2103 2103 HOH HOH A . 
C 3 HOH 104 2104 2104 HOH HOH A . 
C 3 HOH 105 2105 2105 HOH HOH A . 
C 3 HOH 106 2106 2106 HOH HOH A . 
C 3 HOH 107 2107 2107 HOH HOH A . 
C 3 HOH 108 2108 2108 HOH HOH A . 
C 3 HOH 109 2109 2109 HOH HOH A . 
C 3 HOH 110 2110 2110 HOH HOH A . 
# 
loop_
_pdbx_unobs_or_zero_occ_atoms.id 
_pdbx_unobs_or_zero_occ_atoms.PDB_model_num 
_pdbx_unobs_or_zero_occ_atoms.polymer_flag 
_pdbx_unobs_or_zero_occ_atoms.occupancy_flag 
_pdbx_unobs_or_zero_occ_atoms.auth_asym_id 
_pdbx_unobs_or_zero_occ_atoms.auth_comp_id 
_pdbx_unobs_or_zero_occ_atoms.auth_seq_id 
_pdbx_unobs_or_zero_occ_atoms.PDB_ins_code 
_pdbx_unobs_or_zero_occ_atoms.auth_atom_id 
_pdbx_unobs_or_zero_occ_atoms.label_alt_id 
_pdbx_unobs_or_zero_occ_atoms.label_asym_id 
_pdbx_unobs_or_zero_occ_atoms.label_comp_id 
_pdbx_unobs_or_zero_occ_atoms.label_seq_id 
_pdbx_unobs_or_zero_occ_atoms.label_atom_id 
1  1 Y 1 A LEU 16  ? CG  ? A LEU 16  CG  
2  1 Y 1 A LEU 16  ? CD1 ? A LEU 16  CD1 
3  1 Y 1 A LEU 16  ? CD2 ? A LEU 16  CD2 
4  1 Y 1 A ARG 21  ? CG  ? A ARG 21  CG  
5  1 Y 1 A ARG 21  ? CD  ? A ARG 21  CD  
6  1 Y 1 A ARG 21  ? NE  ? A ARG 21  NE  
7  1 Y 1 A ARG 21  ? CZ  ? A ARG 21  CZ  
8  1 Y 1 A ARG 21  ? NH1 ? A ARG 21  NH1 
9  1 Y 1 A ARG 21  ? NH2 ? A ARG 21  NH2 
10 1 Y 1 A ASN 27  ? CG  ? A ASN 27  CG  
11 1 Y 1 A ASN 27  ? OD1 ? A ASN 27  OD1 
12 1 Y 1 A ASN 27  ? ND2 ? A ASN 27  ND2 
13 1 Y 1 A PHE 30  ? CG  ? A PHE 30  CG  
14 1 Y 1 A PHE 30  ? CD1 ? A PHE 30  CD1 
15 1 Y 1 A PHE 30  ? CD2 ? A PHE 30  CD2 
16 1 Y 1 A PHE 30  ? CE1 ? A PHE 30  CE1 
17 1 Y 1 A PHE 30  ? CE2 ? A PHE 30  CE2 
18 1 Y 1 A PHE 30  ? CZ  ? A PHE 30  CZ  
19 1 Y 1 A ARG 35  ? CG  ? A ARG 35  CG  
20 1 Y 1 A ARG 35  ? CD  ? A ARG 35  CD  
21 1 Y 1 A ARG 35  ? NE  ? A ARG 35  NE  
22 1 Y 1 A ARG 35  ? CZ  ? A ARG 35  CZ  
23 1 Y 1 A ARG 35  ? NH1 ? A ARG 35  NH1 
24 1 Y 1 A ARG 35  ? NH2 ? A ARG 35  NH2 
25 1 Y 1 A LYS 50  ? NZ  ? A LYS 50  NZ  
26 1 Y 1 A LEU 68  ? CG  ? A LEU 68  CG  
27 1 Y 1 A LEU 68  ? CD1 ? A LEU 68  CD1 
28 1 Y 1 A LEU 68  ? CD2 ? A LEU 68  CD2 
29 1 Y 1 A GLU 78  ? CG  ? A GLU 78  CG  
30 1 Y 1 A GLU 78  ? CD  ? A GLU 78  CD  
31 1 Y 1 A GLU 78  ? OE1 ? A GLU 78  OE1 
32 1 Y 1 A GLU 78  ? OE2 ? A GLU 78  OE2 
33 1 Y 1 A LYS 131 ? CD  ? A LYS 131 CD  
34 1 Y 1 A LYS 131 ? CE  ? A LYS 131 CE  
35 1 Y 1 A LYS 131 ? NZ  ? A LYS 131 NZ  
36 1 Y 1 A ARG 132 ? CG  ? A ARG 132 CG  
37 1 Y 1 A ARG 132 ? CD  ? A ARG 132 CD  
38 1 Y 1 A ARG 132 ? NE  ? A ARG 132 NE  
39 1 Y 1 A ARG 132 ? CZ  ? A ARG 132 CZ  
40 1 Y 1 A ARG 132 ? NH1 ? A ARG 132 NH1 
41 1 Y 1 A ARG 132 ? NH2 ? A ARG 132 NH2 
42 1 Y 1 A ASN 175 ? CB  ? A ASN 175 CB  
43 1 Y 1 A ASP 176 ? CG  ? A ASP 176 CG  
44 1 Y 1 A ASP 176 ? OD1 ? A ASP 176 OD1 
45 1 Y 1 A ASP 176 ? OD2 ? A ASP 176 OD2 
# 
loop_
_software.name 
_software.classification 
_software.version 
_software.citation_id 
_software.pdbx_ordinal 
CNS       refinement       1.0 ? 1 
DENZO     'data reduction' .   ? 2 
SCALEPACK 'data scaling'   .   ? 3 
SOLVE     phasing          .   ? 4 
# 
_cell.entry_id           1O9V 
_cell.length_a           42.757 
_cell.length_b           42.757 
_cell.length_c           273.758 
_cell.angle_alpha        90.00 
_cell.angle_beta         90.00 
_cell.angle_gamma        120.00 
_cell.Z_PDB              12 
_cell.pdbx_unique_axis   ? 
# 
_symmetry.entry_id                         1O9V 
_symmetry.space_group_name_H-M             'P 61 2 2' 
_symmetry.pdbx_full_space_group_name_H-M   ? 
_symmetry.cell_setting                     ? 
_symmetry.Int_Tables_number                178 
# 
_exptl.entry_id          1O9V 
_exptl.method            'X-RAY DIFFRACTION' 
_exptl.crystals_number   1 
# 
_exptl_crystal.id                    1 
_exptl_crystal.density_meas          ? 
_exptl_crystal.density_Matthews      1.89 
_exptl_crystal.density_percent_sol   33 
_exptl_crystal.description           ? 
# 
_exptl_crystal_grow.crystal_id      1 
_exptl_crystal_grow.method          ? 
_exptl_crystal_grow.temp            ? 
_exptl_crystal_grow.temp_details    ? 
_exptl_crystal_grow.pH              4.60 
_exptl_crystal_grow.pdbx_pH_range   ? 
_exptl_crystal_grow.pdbx_details    '30% PEG4000, 0.1M SODIUM ACETATE (PH 4.6),0.2M AMMONIUM ACETATE' 
# 
_diffrn.id                     1 
_diffrn.ambient_temp           100.0 
_diffrn.ambient_temp_details   ? 
_diffrn.crystal_id             1 
# 
_diffrn_detector.diffrn_id              1 
_diffrn_detector.detector               CCD 
_diffrn_detector.type                   MARRESEARCH 
_diffrn_detector.pdbx_collection_date   2002-08-15 
_diffrn_detector.details                MIRRORS 
# 
_diffrn_radiation.diffrn_id                        1 
_diffrn_radiation.wavelength_id                    1 
_diffrn_radiation.pdbx_monochromatic_or_laue_m_l   M 
_diffrn_radiation.monochromator                    GRAPHITE 
_diffrn_radiation.pdbx_diffrn_protocol             MAD 
_diffrn_radiation.pdbx_scattering_type             x-ray 
# 
loop_
_diffrn_radiation_wavelength.id 
_diffrn_radiation_wavelength.wavelength 
_diffrn_radiation_wavelength.wt 
1 0.9611 1.0 
2 0.9792 1.0 
3 0.9788 1.0 
# 
_diffrn_source.diffrn_id                   1 
_diffrn_source.source                      SYNCHROTRON 
_diffrn_source.type                        'EMBL/DESY, HAMBURG BEAMLINE BW7A' 
_diffrn_source.pdbx_synchrotron_site       'EMBL/DESY, HAMBURG' 
_diffrn_source.pdbx_synchrotron_beamline   BW7A 
_diffrn_source.pdbx_wavelength             ? 
_diffrn_source.pdbx_wavelength_list        0.9611,0.9792,0.9788 
# 
_reflns.pdbx_diffrn_id               1 
_reflns.pdbx_ordinal                 1 
_reflns.entry_id                     1O9V 
_reflns.observed_criterion_sigma_I   ? 
_reflns.observed_criterion_sigma_F   ? 
_reflns.d_resolution_low             50.000 
_reflns.d_resolution_high            1.750 
_reflns.number_obs                   16346 
_reflns.number_all                   ? 
_reflns.percent_possible_obs         97.1 
_reflns.pdbx_Rmerge_I_obs            ? 
_reflns.pdbx_Rsym_value              0.07200 
_reflns.pdbx_netI_over_sigmaI        10.3000 
_reflns.B_iso_Wilson_estimate        19.6 
_reflns.pdbx_redundancy              58.000 
# 
_reflns_shell.pdbx_diffrn_id         1 
_reflns_shell.pdbx_ordinal           1 
_reflns_shell.d_res_high             1.75 
_reflns_shell.d_res_low              1.81 
_reflns_shell.percent_possible_all   93.1 
_reflns_shell.Rmerge_I_obs           ? 
_reflns_shell.pdbx_Rsym_value        0.32100 
_reflns_shell.meanI_over_sigI_obs    ? 
_reflns_shell.pdbx_redundancy        ? 
# 
_refine.pdbx_refine_id                           'X-RAY DIFFRACTION' 
_refine.entry_id                                 1O9V 
_refine.pdbx_diffrn_id                           1 
_refine.pdbx_TLS_residual_ADP_flag               ? 
_refine.ls_number_reflns_obs                     15716 
_refine.ls_number_reflns_all                     ? 
_refine.pdbx_ls_sigma_I                          ? 
_refine.pdbx_ls_sigma_F                          0.0 
_refine.pdbx_data_cutoff_high_absF               1691341.77 
_refine.pdbx_data_cutoff_low_absF                ? 
_refine.pdbx_data_cutoff_high_rms_absF           ? 
_refine.ls_d_res_low                             50.0 
_refine.ls_d_res_high                            1.75 
_refine.ls_percent_reflns_obs                    96.9 
_refine.ls_R_factor_obs                          0.205 
_refine.ls_R_factor_all                          ? 
_refine.ls_R_factor_R_work                       0.205 
_refine.ls_R_factor_R_free                       0.235 
_refine.ls_R_factor_R_free_error                 0.008 
_refine.ls_R_factor_R_free_error_details         ? 
_refine.ls_percent_reflns_R_free                 5.9 
_refine.ls_number_reflns_R_free                  931 
_refine.ls_number_parameters                     ? 
_refine.ls_number_restraints                     ? 
_refine.occupancy_min                            ? 
_refine.occupancy_max                            ? 
_refine.correlation_coeff_Fo_to_Fc               ? 
_refine.correlation_coeff_Fo_to_Fc_free          ? 
_refine.B_iso_mean                               22.4 
_refine.aniso_B[1][1]                            -1.01 
_refine.aniso_B[2][2]                            -1.01 
_refine.aniso_B[3][3]                            2.02 
_refine.aniso_B[1][2]                            -0.84 
_refine.aniso_B[1][3]                            0.00 
_refine.aniso_B[2][3]                            0.00 
_refine.solvent_model_details                    'FLAT MODEL' 
_refine.solvent_model_param_ksol                 0.40744 
_refine.solvent_model_param_bsol                 57.1026 
_refine.pdbx_solvent_vdw_probe_radii             ? 
_refine.pdbx_solvent_ion_probe_radii             ? 
_refine.pdbx_solvent_shrinkage_radii             ? 
_refine.pdbx_ls_cross_valid_method               THROUGHOUT 
_refine.details                                  ? 
_refine.pdbx_starting_model                      ? 
_refine.pdbx_method_to_determine_struct          MAD 
_refine.pdbx_isotropic_thermal_model             ? 
_refine.pdbx_stereochemistry_target_values       ? 
_refine.pdbx_stereochem_target_val_spec_case     ? 
_refine.pdbx_R_Free_selection_details            RANDOM 
_refine.pdbx_overall_ESU_R                       ? 
_refine.pdbx_overall_ESU_R_Free                  ? 
_refine.overall_SU_ML                            ? 
_refine.pdbx_overall_phase_error                 ? 
_refine.overall_SU_B                             ? 
_refine.overall_SU_R_Cruickshank_DPI             ? 
_refine.pdbx_overall_SU_R_free_Cruickshank_DPI   ? 
_refine.pdbx_overall_SU_R_Blow_DPI               ? 
_refine.pdbx_overall_SU_R_free_Blow_DPI          ? 
# 
_refine_analyze.pdbx_refine_id                  'X-RAY DIFFRACTION' 
_refine_analyze.entry_id                        1O9V 
_refine_analyze.Luzzati_coordinate_error_obs    0.20 
_refine_analyze.Luzzati_sigma_a_obs             0.05 
_refine_analyze.Luzzati_d_res_low_obs           5.00 
_refine_analyze.Luzzati_coordinate_error_free   0.24 
_refine_analyze.Luzzati_sigma_a_free            0.08 
_refine_analyze.Luzzati_d_res_low_free          ? 
_refine_analyze.number_disordered_residues      ? 
_refine_analyze.occupancy_sum_hydrogen          ? 
_refine_analyze.occupancy_sum_non_hydrogen      ? 
# 
_refine_hist.pdbx_refine_id                   'X-RAY DIFFRACTION' 
_refine_hist.cycle_id                         LAST 
_refine_hist.pdbx_number_atoms_protein        1228 
_refine_hist.pdbx_number_atoms_nucleic_acid   0 
_refine_hist.pdbx_number_atoms_ligand         16 
_refine_hist.number_atoms_solvent             110 
_refine_hist.number_atoms_total               1354 
_refine_hist.d_res_high                       1.75 
_refine_hist.d_res_low                        50.0 
# 
loop_
_refine_ls_restr.type 
_refine_ls_restr.dev_ideal 
_refine_ls_restr.dev_ideal_target 
_refine_ls_restr.weight 
_refine_ls_restr.number 
_refine_ls_restr.pdbx_refine_id 
_refine_ls_restr.pdbx_restraint_function 
c_bond_d                0.016 ? ? ? 'X-RAY DIFFRACTION' ? 
c_bond_d_na             ?     ? ? ? 'X-RAY DIFFRACTION' ? 
c_bond_d_prot           ?     ? ? ? 'X-RAY DIFFRACTION' ? 
c_angle_d               ?     ? ? ? 'X-RAY DIFFRACTION' ? 
c_angle_d_na            ?     ? ? ? 'X-RAY DIFFRACTION' ? 
c_angle_d_prot          ?     ? ? ? 'X-RAY DIFFRACTION' ? 
c_angle_deg             1.8   ? ? ? 'X-RAY DIFFRACTION' ? 
c_angle_deg_na          ?     ? ? ? 'X-RAY DIFFRACTION' ? 
c_angle_deg_prot        ?     ? ? ? 'X-RAY DIFFRACTION' ? 
c_dihedral_angle_d      27.2  ? ? ? 'X-RAY DIFFRACTION' ? 
c_dihedral_angle_d_na   ?     ? ? ? 'X-RAY DIFFRACTION' ? 
c_dihedral_angle_d_prot ?     ? ? ? 'X-RAY DIFFRACTION' ? 
c_improper_angle_d      1.11  ? ? ? 'X-RAY DIFFRACTION' ? 
c_improper_angle_d_na   ?     ? ? ? 'X-RAY DIFFRACTION' ? 
c_improper_angle_d_prot ?     ? ? ? 'X-RAY DIFFRACTION' ? 
c_mcbond_it             ?     ? ? ? 'X-RAY DIFFRACTION' ? 
c_mcangle_it            ?     ? ? ? 'X-RAY DIFFRACTION' ? 
c_scbond_it             ?     ? ? ? 'X-RAY DIFFRACTION' ? 
c_scangle_it            ?     ? ? ? 'X-RAY DIFFRACTION' ? 
# 
_refine_ls_shell.pdbx_refine_id                   'X-RAY DIFFRACTION' 
_refine_ls_shell.pdbx_total_number_of_bins_used   6 
_refine_ls_shell.d_res_high                       1.75 
_refine_ls_shell.d_res_low                        1.86 
_refine_ls_shell.number_reflns_R_work             2294 
_refine_ls_shell.R_factor_R_work                  0.241 
_refine_ls_shell.percent_reflns_obs               93.0 
_refine_ls_shell.R_factor_R_free                  0.253 
_refine_ls_shell.R_factor_R_free_error            0.021 
_refine_ls_shell.percent_reflns_R_free            6.1 
_refine_ls_shell.number_reflns_R_free             148 
_refine_ls_shell.number_reflns_all                ? 
_refine_ls_shell.R_factor_all                     ? 
# 
loop_
_pdbx_xplor_file.pdbx_refine_id 
_pdbx_xplor_file.serial_no 
_pdbx_xplor_file.param_file 
_pdbx_xplor_file.topol_file 
'X-RAY DIFFRACTION' 1 PROTEIN_REP.PARAM  PROTEIN.TOP      
'X-RAY DIFFRACTION' 2 WATER_REP.PARAM    WATER.TOP        
'X-RAY DIFFRACTION' 3 CARBOHYDRATE.PARAM CARBOHYDRATE.TOP 
'X-RAY DIFFRACTION' 4 ION.PARAM          ION.TOP          
# 
_struct.entry_id                  1O9V 
_struct.title                     'F17-aG lectin domain from Escherichia coli in complex with a selenium carbohydrate derivative' 
_struct.pdbx_model_details        ? 
_struct.pdbx_CASP_flag            ? 
_struct.pdbx_model_type_details   ? 
# 
_struct_keywords.entry_id        1O9V 
_struct_keywords.pdbx_keywords   LECTIN 
_struct_keywords.text            'BACTERIAL ADHESIN, LECTIN, BACTERIAL ATTACHMENT, PATHOGENESIS, IMMUNOGLOBULIN FOLD' 
# 
loop_
_struct_asym.id 
_struct_asym.pdbx_blank_PDB_chainid_flag 
_struct_asym.pdbx_modified 
_struct_asym.entity_id 
_struct_asym.details 
A N N 1 ? 
B N N 2 ? 
C N N 3 ? 
# 
_struct_ref.id                         1 
_struct_ref.db_name                    UNP 
_struct_ref.db_code                    Q99003 
_struct_ref.entity_id                  1 
_struct_ref.pdbx_seq_one_letter_code   ? 
_struct_ref.pdbx_align_begin           ? 
_struct_ref.pdbx_db_accession          Q99003 
_struct_ref.pdbx_db_isoform            ? 
# 
_struct_ref_seq.align_id                      1 
_struct_ref_seq.ref_id                        1 
_struct_ref_seq.pdbx_PDB_id_code              1O9V 
_struct_ref_seq.pdbx_strand_id                A 
_struct_ref_seq.seq_align_beg                 1 
_struct_ref_seq.pdbx_seq_align_beg_ins_code   ? 
_struct_ref_seq.seq_align_end                 177 
_struct_ref_seq.pdbx_seq_align_end_ins_code   ? 
_struct_ref_seq.pdbx_db_accession             Q99003 
_struct_ref_seq.db_align_beg                  23 
_struct_ref_seq.pdbx_db_align_beg_ins_code    ? 
_struct_ref_seq.db_align_end                  199 
_struct_ref_seq.pdbx_db_align_end_ins_code    ? 
_struct_ref_seq.pdbx_auth_seq_align_beg       1 
_struct_ref_seq.pdbx_auth_seq_align_end       177 
# 
_pdbx_struct_assembly.id                   1 
_pdbx_struct_assembly.details              author_and_software_defined_assembly 
_pdbx_struct_assembly.method_details       PQS 
_pdbx_struct_assembly.oligomeric_details   monomeric 
_pdbx_struct_assembly.oligomeric_count     1 
# 
_pdbx_struct_assembly_gen.assembly_id       1 
_pdbx_struct_assembly_gen.oper_expression   1 
_pdbx_struct_assembly_gen.asym_id_list      A,B,C 
# 
_pdbx_struct_oper_list.id                   1 
_pdbx_struct_oper_list.type                 'identity operation' 
_pdbx_struct_oper_list.name                 1_555 
_pdbx_struct_oper_list.symmetry_operation   x,y,z 
_pdbx_struct_oper_list.matrix[1][1]         1.0000000000 
_pdbx_struct_oper_list.matrix[1][2]         0.0000000000 
_pdbx_struct_oper_list.matrix[1][3]         0.0000000000 
_pdbx_struct_oper_list.vector[1]            0.0000000000 
_pdbx_struct_oper_list.matrix[2][1]         0.0000000000 
_pdbx_struct_oper_list.matrix[2][2]         1.0000000000 
_pdbx_struct_oper_list.matrix[2][3]         0.0000000000 
_pdbx_struct_oper_list.vector[2]            0.0000000000 
_pdbx_struct_oper_list.matrix[3][1]         0.0000000000 
_pdbx_struct_oper_list.matrix[3][2]         0.0000000000 
_pdbx_struct_oper_list.matrix[3][3]         1.0000000000 
_pdbx_struct_oper_list.vector[3]            0.0000000000 
# 
_struct_biol.id   1 
# 
_struct_conf.conf_type_id            HELX_P 
_struct_conf.id                      HELX_P1 
_struct_conf.pdbx_PDB_helix_id       1 
_struct_conf.beg_label_comp_id       LYS 
_struct_conf.beg_label_asym_id       A 
_struct_conf.beg_label_seq_id        90 
_struct_conf.pdbx_beg_PDB_ins_code   ? 
_struct_conf.end_label_comp_id       GLY 
_struct_conf.end_label_asym_id       A 
_struct_conf.end_label_seq_id        94 
_struct_conf.pdbx_end_PDB_ins_code   ? 
_struct_conf.beg_auth_comp_id        LYS 
_struct_conf.beg_auth_asym_id        A 
_struct_conf.beg_auth_seq_id         90 
_struct_conf.end_auth_comp_id        GLY 
_struct_conf.end_auth_asym_id        A 
_struct_conf.end_auth_seq_id         94 
_struct_conf.pdbx_PDB_helix_class    5 
_struct_conf.details                 ? 
_struct_conf.pdbx_PDB_helix_length   5 
# 
_struct_conf_type.id          HELX_P 
_struct_conf_type.criteria    ? 
_struct_conf_type.reference   ? 
# 
_struct_conn.id                            disulf1 
_struct_conn.conn_type_id                  disulf 
_struct_conn.pdbx_leaving_atom_flag        ? 
_struct_conn.pdbx_PDB_id                   ? 
_struct_conn.ptnr1_label_asym_id           A 
_struct_conn.ptnr1_label_comp_id           CYS 
_struct_conn.ptnr1_label_seq_id            53 
_struct_conn.ptnr1_label_atom_id           SG 
_struct_conn.pdbx_ptnr1_label_alt_id       ? 
_struct_conn.pdbx_ptnr1_PDB_ins_code       ? 
_struct_conn.pdbx_ptnr1_standard_comp_id   ? 
_struct_conn.ptnr1_symmetry                1_555 
_struct_conn.ptnr2_label_asym_id           A 
_struct_conn.ptnr2_label_comp_id           CYS 
_struct_conn.ptnr2_label_seq_id            110 
_struct_conn.ptnr2_label_atom_id           SG 
_struct_conn.pdbx_ptnr2_label_alt_id       ? 
_struct_conn.pdbx_ptnr2_PDB_ins_code       ? 
_struct_conn.ptnr1_auth_asym_id            A 
_struct_conn.ptnr1_auth_comp_id            CYS 
_struct_conn.ptnr1_auth_seq_id             53 
_struct_conn.ptnr2_auth_asym_id            A 
_struct_conn.ptnr2_auth_comp_id            CYS 
_struct_conn.ptnr2_auth_seq_id             110 
_struct_conn.ptnr2_symmetry                1_555 
_struct_conn.pdbx_ptnr3_label_atom_id      ? 
_struct_conn.pdbx_ptnr3_label_seq_id       ? 
_struct_conn.pdbx_ptnr3_label_comp_id      ? 
_struct_conn.pdbx_ptnr3_label_asym_id      ? 
_struct_conn.pdbx_ptnr3_label_alt_id       ? 
_struct_conn.pdbx_ptnr3_PDB_ins_code       ? 
_struct_conn.details                       ? 
_struct_conn.pdbx_dist_value               2.030 
_struct_conn.pdbx_value_order              ? 
_struct_conn.pdbx_role                     ? 
# 
_struct_conn_type.id          disulf 
_struct_conn_type.criteria    ? 
_struct_conn_type.reference   ? 
# 
_pdbx_modification_feature.ordinal                            1 
_pdbx_modification_feature.label_comp_id                      CYS 
_pdbx_modification_feature.label_asym_id                      A 
_pdbx_modification_feature.label_seq_id                       53 
_pdbx_modification_feature.label_alt_id                       ? 
_pdbx_modification_feature.modified_residue_label_comp_id     CYS 
_pdbx_modification_feature.modified_residue_label_asym_id     A 
_pdbx_modification_feature.modified_residue_label_seq_id      110 
_pdbx_modification_feature.modified_residue_label_alt_id      ? 
_pdbx_modification_feature.auth_comp_id                       CYS 
_pdbx_modification_feature.auth_asym_id                       A 
_pdbx_modification_feature.auth_seq_id                        53 
_pdbx_modification_feature.PDB_ins_code                       ? 
_pdbx_modification_feature.symmetry                           1_555 
_pdbx_modification_feature.modified_residue_auth_comp_id      CYS 
_pdbx_modification_feature.modified_residue_auth_asym_id      A 
_pdbx_modification_feature.modified_residue_auth_seq_id       110 
_pdbx_modification_feature.modified_residue_PDB_ins_code      ? 
_pdbx_modification_feature.modified_residue_symmetry          1_555 
_pdbx_modification_feature.comp_id_linking_atom               SG 
_pdbx_modification_feature.modified_residue_id_linking_atom   SG 
_pdbx_modification_feature.modified_residue_id                . 
_pdbx_modification_feature.ref_pcm_id                         . 
_pdbx_modification_feature.ref_comp_id                        . 
_pdbx_modification_feature.type                               None 
_pdbx_modification_feature.category                           'Disulfide bridge' 
# 
_struct_mon_prot_cis.pdbx_id                1 
_struct_mon_prot_cis.label_comp_id          LEU 
_struct_mon_prot_cis.label_seq_id           28 
_struct_mon_prot_cis.label_asym_id          A 
_struct_mon_prot_cis.label_alt_id           . 
_struct_mon_prot_cis.pdbx_PDB_ins_code      ? 
_struct_mon_prot_cis.auth_comp_id           LEU 
_struct_mon_prot_cis.auth_seq_id            28 
_struct_mon_prot_cis.auth_asym_id           A 
_struct_mon_prot_cis.pdbx_label_comp_id_2   PRO 
_struct_mon_prot_cis.pdbx_label_seq_id_2    29 
_struct_mon_prot_cis.pdbx_label_asym_id_2   A 
_struct_mon_prot_cis.pdbx_PDB_ins_code_2    ? 
_struct_mon_prot_cis.pdbx_auth_comp_id_2    PRO 
_struct_mon_prot_cis.pdbx_auth_seq_id_2     29 
_struct_mon_prot_cis.pdbx_auth_asym_id_2    A 
_struct_mon_prot_cis.pdbx_PDB_model_num     1 
_struct_mon_prot_cis.pdbx_omega_angle       0.14 
# 
loop_
_struct_sheet.id 
_struct_sheet.type 
_struct_sheet.number_strands 
_struct_sheet.details 
AA ? 4 ? 
AB ? 4 ? 
AC ? 5 ? 
AD ? 3 ? 
# 
loop_
_struct_sheet_order.sheet_id 
_struct_sheet_order.range_id_1 
_struct_sheet_order.range_id_2 
_struct_sheet_order.offset 
_struct_sheet_order.sense 
AA 1 2 ? anti-parallel 
AA 2 3 ? anti-parallel 
AA 3 4 ? anti-parallel 
AB 1 2 ? anti-parallel 
AB 2 3 ? anti-parallel 
AB 3 4 ? anti-parallel 
AC 1 2 ? parallel      
AC 2 3 ? anti-parallel 
AC 3 4 ? anti-parallel 
AC 4 5 ? anti-parallel 
AD 1 2 ? parallel      
AD 2 3 ? anti-parallel 
# 
loop_
_struct_sheet_range.sheet_id 
_struct_sheet_range.id 
_struct_sheet_range.beg_label_comp_id 
_struct_sheet_range.beg_label_asym_id 
_struct_sheet_range.beg_label_seq_id 
_struct_sheet_range.pdbx_beg_PDB_ins_code 
_struct_sheet_range.end_label_comp_id 
_struct_sheet_range.end_label_asym_id 
_struct_sheet_range.end_label_seq_id 
_struct_sheet_range.pdbx_end_PDB_ins_code 
_struct_sheet_range.beg_auth_comp_id 
_struct_sheet_range.beg_auth_asym_id 
_struct_sheet_range.beg_auth_seq_id 
_struct_sheet_range.end_auth_comp_id 
_struct_sheet_range.end_auth_asym_id 
_struct_sheet_range.end_auth_seq_id 
AA 1 VAL A 2   ? PHE A 4   ? VAL A 2   PHE A 4   
AA 2 GLY A 39  ? SER A 49  ? GLY A 39  SER A 49  
AA 3 ALA A 116 ? ILE A 129 ? ALA A 116 ILE A 129 
AA 4 PHE A 30  ? VAL A 31  ? PHE A 30  VAL A 31  
AB 1 VAL A 2   ? PHE A 4   ? VAL A 2   PHE A 4   
AB 2 GLY A 39  ? SER A 49  ? GLY A 39  SER A 49  
AB 3 ALA A 116 ? ILE A 129 ? ALA A 116 ILE A 129 
AB 4 VAL A 80  ? GLY A 87  ? VAL A 80  GLY A 87  
AC 1 GLU A 9   ? VAL A 12  ? GLU A 9   VAL A 12  
AC 2 THR A 164 ? LEU A 169 ? THR A 164 LEU A 169 
AC 3 THR A 143 ? PRO A 152 ? THR A 143 PRO A 152 
AC 4 CYS A 53  ? VAL A 60  ? CYS A 53  VAL A 60  
AC 5 GLU A 103 ? CYS A 110 ? GLU A 103 CYS A 110 
AD 1 GLY A 17  ? SER A 20  ? GLY A 17  SER A 20  
AD 2 PHE A 172 ? ASN A 175 ? PHE A 172 ASN A 175 
AD 3 ARG A 137 ? VAL A 140 ? ARG A 137 VAL A 140 
# 
loop_
_pdbx_struct_sheet_hbond.sheet_id 
_pdbx_struct_sheet_hbond.range_id_1 
_pdbx_struct_sheet_hbond.range_id_2 
_pdbx_struct_sheet_hbond.range_1_label_atom_id 
_pdbx_struct_sheet_hbond.range_1_label_comp_id 
_pdbx_struct_sheet_hbond.range_1_label_asym_id 
_pdbx_struct_sheet_hbond.range_1_label_seq_id 
_pdbx_struct_sheet_hbond.range_1_PDB_ins_code 
_pdbx_struct_sheet_hbond.range_1_auth_atom_id 
_pdbx_struct_sheet_hbond.range_1_auth_comp_id 
_pdbx_struct_sheet_hbond.range_1_auth_asym_id 
_pdbx_struct_sheet_hbond.range_1_auth_seq_id 
_pdbx_struct_sheet_hbond.range_2_label_atom_id 
_pdbx_struct_sheet_hbond.range_2_label_comp_id 
_pdbx_struct_sheet_hbond.range_2_label_asym_id 
_pdbx_struct_sheet_hbond.range_2_label_seq_id 
_pdbx_struct_sheet_hbond.range_2_PDB_ins_code 
_pdbx_struct_sheet_hbond.range_2_auth_atom_id 
_pdbx_struct_sheet_hbond.range_2_auth_comp_id 
_pdbx_struct_sheet_hbond.range_2_auth_asym_id 
_pdbx_struct_sheet_hbond.range_2_auth_seq_id 
AA 1 2 N SER A 3   ? N SER A 3   O HIS A 47  ? O HIS A 47  
AA 2 3 N ILE A 48  ? N ILE A 48  O SER A 117 ? O SER A 117 
AA 3 4 N ILE A 129 ? N ILE A 129 O PHE A 30  ? O PHE A 30  
AB 1 2 N SER A 3   ? N SER A 3   O HIS A 47  ? O HIS A 47  
AB 2 3 N ILE A 48  ? N ILE A 48  O SER A 117 ? O SER A 117 
AB 3 4 N VAL A 128 ? N VAL A 128 O GLY A 81  ? O GLY A 81  
AC 1 2 N ASN A 10  ? N ASN A 10  O ASN A 166 ? O ASN A 166 
AC 2 3 N LEU A 169 ? N LEU A 169 O THR A 143 ? O THR A 143 
AC 3 4 N ARG A 151 ? N ARG A 151 O GLY A 55  ? O GLY A 55  
AC 4 5 N GLY A 58  ? N GLY A 58  O GLU A 103 ? O GLU A 103 
AD 1 2 N TYR A 19  ? N TYR A 19  O THR A 173 ? O THR A 173 
AD 2 3 N LEU A 174 ? N LEU A 174 O TYR A 138 ? O TYR A 138 
# 
_pdbx_entry_details.entry_id                   1O9V 
_pdbx_entry_details.compound_details           ? 
_pdbx_entry_details.source_details             ? 
_pdbx_entry_details.nonpolymer_details         ? 
_pdbx_entry_details.sequence_details           ? 
_pdbx_entry_details.has_ligand_of_interest     ? 
_pdbx_entry_details.has_protein_modification   Y 
# 
_pdbx_validate_close_contact.id               1 
_pdbx_validate_close_contact.PDB_model_num    1 
_pdbx_validate_close_contact.auth_atom_id_1   O 
_pdbx_validate_close_contact.auth_asym_id_1   A 
_pdbx_validate_close_contact.auth_comp_id_1   HOH 
_pdbx_validate_close_contact.auth_seq_id_1    2026 
_pdbx_validate_close_contact.PDB_ins_code_1   ? 
_pdbx_validate_close_contact.label_alt_id_1   ? 
_pdbx_validate_close_contact.auth_atom_id_2   O 
_pdbx_validate_close_contact.auth_asym_id_2   A 
_pdbx_validate_close_contact.auth_comp_id_2   HOH 
_pdbx_validate_close_contact.auth_seq_id_2    2029 
_pdbx_validate_close_contact.PDB_ins_code_2   ? 
_pdbx_validate_close_contact.label_alt_id_2   ? 
_pdbx_validate_close_contact.dist             2.04 
# 
loop_
_pdbx_validate_torsion.id 
_pdbx_validate_torsion.PDB_model_num 
_pdbx_validate_torsion.auth_comp_id 
_pdbx_validate_torsion.auth_asym_id 
_pdbx_validate_torsion.auth_seq_id 
_pdbx_validate_torsion.PDB_ins_code 
_pdbx_validate_torsion.label_alt_id 
_pdbx_validate_torsion.phi 
_pdbx_validate_torsion.psi 
1 1 ARG A 35  ? ? 46.08   -120.22 
2 1 SER A 117 ? ? -160.81 -160.88 
# 
_pdbx_database_remark.id     700 
_pdbx_database_remark.text   
;
SHEET
THE SHEET STRUCTURE OF THIS MOLECULE IS BIFURCATED. IN
ORDER TO REPRESENT THIS FEATURE IN THE SHEET RECORDS BELOW,
TWO SHEETS ARE DEFINED.
;
# 
loop_
_pdbx_unobs_or_zero_occ_residues.id 
_pdbx_unobs_or_zero_occ_residues.PDB_model_num 
_pdbx_unobs_or_zero_occ_residues.polymer_flag 
_pdbx_unobs_or_zero_occ_residues.occupancy_flag 
_pdbx_unobs_or_zero_occ_residues.auth_asym_id 
_pdbx_unobs_or_zero_occ_residues.auth_comp_id 
_pdbx_unobs_or_zero_occ_residues.auth_seq_id 
_pdbx_unobs_or_zero_occ_residues.PDB_ins_code 
_pdbx_unobs_or_zero_occ_residues.label_asym_id 
_pdbx_unobs_or_zero_occ_residues.label_comp_id 
_pdbx_unobs_or_zero_occ_residues.label_seq_id 
1 1 Y 1 A THR 22  ? A THR 22  
2 1 Y 1 A HIS 23  ? A HIS 23  
3 1 Y 1 A ALA 24  ? A ALA 24  
4 1 Y 1 A MET 25  ? A MET 25  
5 1 Y 1 A ASP 26  ? A ASP 26  
6 1 Y 1 A ASP 33  ? A ASP 33  
7 1 Y 1 A SER 134 ? A SER 134 
8 1 Y 1 A SER 135 ? A SER 135 
9 1 Y 1 A THR 177 ? A THR 177 
# 
loop_
_chem_comp_atom.comp_id 
_chem_comp_atom.atom_id 
_chem_comp_atom.type_symbol 
_chem_comp_atom.pdbx_aromatic_flag 
_chem_comp_atom.pdbx_stereo_config 
_chem_comp_atom.pdbx_ordinal 
ALA N    N  N N 1   
ALA CA   C  N S 2   
ALA C    C  N N 3   
ALA O    O  N N 4   
ALA CB   C  N N 5   
ALA OXT  O  N N 6   
ALA H    H  N N 7   
ALA H2   H  N N 8   
ALA HA   H  N N 9   
ALA HB1  H  N N 10  
ALA HB2  H  N N 11  
ALA HB3  H  N N 12  
ALA HXT  H  N N 13  
ARG N    N  N N 14  
ARG CA   C  N S 15  
ARG C    C  N N 16  
ARG O    O  N N 17  
ARG CB   C  N N 18  
ARG CG   C  N N 19  
ARG CD   C  N N 20  
ARG NE   N  N N 21  
ARG CZ   C  N N 22  
ARG NH1  N  N N 23  
ARG NH2  N  N N 24  
ARG OXT  O  N N 25  
ARG H    H  N N 26  
ARG H2   H  N N 27  
ARG HA   H  N N 28  
ARG HB2  H  N N 29  
ARG HB3  H  N N 30  
ARG HG2  H  N N 31  
ARG HG3  H  N N 32  
ARG HD2  H  N N 33  
ARG HD3  H  N N 34  
ARG HE   H  N N 35  
ARG HH11 H  N N 36  
ARG HH12 H  N N 37  
ARG HH21 H  N N 38  
ARG HH22 H  N N 39  
ARG HXT  H  N N 40  
ASN N    N  N N 41  
ASN CA   C  N S 42  
ASN C    C  N N 43  
ASN O    O  N N 44  
ASN CB   C  N N 45  
ASN CG   C  N N 46  
ASN OD1  O  N N 47  
ASN ND2  N  N N 48  
ASN OXT  O  N N 49  
ASN H    H  N N 50  
ASN H2   H  N N 51  
ASN HA   H  N N 52  
ASN HB2  H  N N 53  
ASN HB3  H  N N 54  
ASN HD21 H  N N 55  
ASN HD22 H  N N 56  
ASN HXT  H  N N 57  
ASP N    N  N N 58  
ASP CA   C  N S 59  
ASP C    C  N N 60  
ASP O    O  N N 61  
ASP CB   C  N N 62  
ASP CG   C  N N 63  
ASP OD1  O  N N 64  
ASP OD2  O  N N 65  
ASP OXT  O  N N 66  
ASP H    H  N N 67  
ASP H2   H  N N 68  
ASP HA   H  N N 69  
ASP HB2  H  N N 70  
ASP HB3  H  N N 71  
ASP HD2  H  N N 72  
ASP HXT  H  N N 73  
CYS N    N  N N 74  
CYS CA   C  N R 75  
CYS C    C  N N 76  
CYS O    O  N N 77  
CYS CB   C  N N 78  
CYS SG   S  N N 79  
CYS OXT  O  N N 80  
CYS H    H  N N 81  
CYS H2   H  N N 82  
CYS HA   H  N N 83  
CYS HB2  H  N N 84  
CYS HB3  H  N N 85  
CYS HG   H  N N 86  
CYS HXT  H  N N 87  
GLN N    N  N N 88  
GLN CA   C  N S 89  
GLN C    C  N N 90  
GLN O    O  N N 91  
GLN CB   C  N N 92  
GLN CG   C  N N 93  
GLN CD   C  N N 94  
GLN OE1  O  N N 95  
GLN NE2  N  N N 96  
GLN OXT  O  N N 97  
GLN H    H  N N 98  
GLN H2   H  N N 99  
GLN HA   H  N N 100 
GLN HB2  H  N N 101 
GLN HB3  H  N N 102 
GLN HG2  H  N N 103 
GLN HG3  H  N N 104 
GLN HE21 H  N N 105 
GLN HE22 H  N N 106 
GLN HXT  H  N N 107 
GLU N    N  N N 108 
GLU CA   C  N S 109 
GLU C    C  N N 110 
GLU O    O  N N 111 
GLU CB   C  N N 112 
GLU CG   C  N N 113 
GLU CD   C  N N 114 
GLU OE1  O  N N 115 
GLU OE2  O  N N 116 
GLU OXT  O  N N 117 
GLU H    H  N N 118 
GLU H2   H  N N 119 
GLU HA   H  N N 120 
GLU HB2  H  N N 121 
GLU HB3  H  N N 122 
GLU HG2  H  N N 123 
GLU HG3  H  N N 124 
GLU HE2  H  N N 125 
GLU HXT  H  N N 126 
GLY N    N  N N 127 
GLY CA   C  N N 128 
GLY C    C  N N 129 
GLY O    O  N N 130 
GLY OXT  O  N N 131 
GLY H    H  N N 132 
GLY H2   H  N N 133 
GLY HA2  H  N N 134 
GLY HA3  H  N N 135 
GLY HXT  H  N N 136 
HIS N    N  N N 137 
HIS CA   C  N S 138 
HIS C    C  N N 139 
HIS O    O  N N 140 
HIS CB   C  N N 141 
HIS CG   C  Y N 142 
HIS ND1  N  Y N 143 
HIS CD2  C  Y N 144 
HIS CE1  C  Y N 145 
HIS NE2  N  Y N 146 
HIS OXT  O  N N 147 
HIS H    H  N N 148 
HIS H2   H  N N 149 
HIS HA   H  N N 150 
HIS HB2  H  N N 151 
HIS HB3  H  N N 152 
HIS HD1  H  N N 153 
HIS HD2  H  N N 154 
HIS HE1  H  N N 155 
HIS HE2  H  N N 156 
HIS HXT  H  N N 157 
HOH O    O  N N 158 
HOH H1   H  N N 159 
HOH H2   H  N N 160 
ILE N    N  N N 161 
ILE CA   C  N S 162 
ILE C    C  N N 163 
ILE O    O  N N 164 
ILE CB   C  N S 165 
ILE CG1  C  N N 166 
ILE CG2  C  N N 167 
ILE CD1  C  N N 168 
ILE OXT  O  N N 169 
ILE H    H  N N 170 
ILE H2   H  N N 171 
ILE HA   H  N N 172 
ILE HB   H  N N 173 
ILE HG12 H  N N 174 
ILE HG13 H  N N 175 
ILE HG21 H  N N 176 
ILE HG22 H  N N 177 
ILE HG23 H  N N 178 
ILE HD11 H  N N 179 
ILE HD12 H  N N 180 
ILE HD13 H  N N 181 
ILE HXT  H  N N 182 
LEU N    N  N N 183 
LEU CA   C  N S 184 
LEU C    C  N N 185 
LEU O    O  N N 186 
LEU CB   C  N N 187 
LEU CG   C  N N 188 
LEU CD1  C  N N 189 
LEU CD2  C  N N 190 
LEU OXT  O  N N 191 
LEU H    H  N N 192 
LEU H2   H  N N 193 
LEU HA   H  N N 194 
LEU HB2  H  N N 195 
LEU HB3  H  N N 196 
LEU HG   H  N N 197 
LEU HD11 H  N N 198 
LEU HD12 H  N N 199 
LEU HD13 H  N N 200 
LEU HD21 H  N N 201 
LEU HD22 H  N N 202 
LEU HD23 H  N N 203 
LEU HXT  H  N N 204 
LYS N    N  N N 205 
LYS CA   C  N S 206 
LYS C    C  N N 207 
LYS O    O  N N 208 
LYS CB   C  N N 209 
LYS CG   C  N N 210 
LYS CD   C  N N 211 
LYS CE   C  N N 212 
LYS NZ   N  N N 213 
LYS OXT  O  N N 214 
LYS H    H  N N 215 
LYS H2   H  N N 216 
LYS HA   H  N N 217 
LYS HB2  H  N N 218 
LYS HB3  H  N N 219 
LYS HG2  H  N N 220 
LYS HG3  H  N N 221 
LYS HD2  H  N N 222 
LYS HD3  H  N N 223 
LYS HE2  H  N N 224 
LYS HE3  H  N N 225 
LYS HZ1  H  N N 226 
LYS HZ2  H  N N 227 
LYS HZ3  H  N N 228 
LYS HXT  H  N N 229 
MET N    N  N N 230 
MET CA   C  N S 231 
MET C    C  N N 232 
MET O    O  N N 233 
MET CB   C  N N 234 
MET CG   C  N N 235 
MET SD   S  N N 236 
MET CE   C  N N 237 
MET OXT  O  N N 238 
MET H    H  N N 239 
MET H2   H  N N 240 
MET HA   H  N N 241 
MET HB2  H  N N 242 
MET HB3  H  N N 243 
MET HG2  H  N N 244 
MET HG3  H  N N 245 
MET HE1  H  N N 246 
MET HE2  H  N N 247 
MET HE3  H  N N 248 
MET HXT  H  N N 249 
PHE N    N  N N 250 
PHE CA   C  N S 251 
PHE C    C  N N 252 
PHE O    O  N N 253 
PHE CB   C  N N 254 
PHE CG   C  Y N 255 
PHE CD1  C  Y N 256 
PHE CD2  C  Y N 257 
PHE CE1  C  Y N 258 
PHE CE2  C  Y N 259 
PHE CZ   C  Y N 260 
PHE OXT  O  N N 261 
PHE H    H  N N 262 
PHE H2   H  N N 263 
PHE HA   H  N N 264 
PHE HB2  H  N N 265 
PHE HB3  H  N N 266 
PHE HD1  H  N N 267 
PHE HD2  H  N N 268 
PHE HE1  H  N N 269 
PHE HE2  H  N N 270 
PHE HZ   H  N N 271 
PHE HXT  H  N N 272 
PRO N    N  N N 273 
PRO CA   C  N S 274 
PRO C    C  N N 275 
PRO O    O  N N 276 
PRO CB   C  N N 277 
PRO CG   C  N N 278 
PRO CD   C  N N 279 
PRO OXT  O  N N 280 
PRO H    H  N N 281 
PRO HA   H  N N 282 
PRO HB2  H  N N 283 
PRO HB3  H  N N 284 
PRO HG2  H  N N 285 
PRO HG3  H  N N 286 
PRO HD2  H  N N 287 
PRO HD3  H  N N 288 
PRO HXT  H  N N 289 
SER N    N  N N 290 
SER CA   C  N S 291 
SER C    C  N N 292 
SER O    O  N N 293 
SER CB   C  N N 294 
SER OG   O  N N 295 
SER OXT  O  N N 296 
SER H    H  N N 297 
SER H2   H  N N 298 
SER HA   H  N N 299 
SER HB2  H  N N 300 
SER HB3  H  N N 301 
SER HG   H  N N 302 
SER HXT  H  N N 303 
SNG C1   C  N S 304 
SNG C2   C  N R 305 
SNG C3   C  N R 306 
SNG C4   C  N S 307 
SNG C5   C  N R 308 
SNG C6   C  N N 309 
SNG C7   C  N N 310 
SNG C8   C  N N 311 
SNG CM   C  N N 312 
SNG N2   N  N N 313 
SNG O3   O  N N 314 
SNG O4   O  N N 315 
SNG O5   O  N N 316 
SNG O6   O  N N 317 
SNG O7   O  N N 318 
SNG SE   SE N N 319 
SNG H1   H  N N 320 
SNG H2   H  N N 321 
SNG H3   H  N N 322 
SNG H4   H  N N 323 
SNG H5   H  N N 324 
SNG H61  H  N N 325 
SNG H62  H  N N 326 
SNG H81  H  N N 327 
SNG H82  H  N N 328 
SNG H83  H  N N 329 
SNG HMC1 H  N N 330 
SNG HMC2 H  N N 331 
SNG HMC3 H  N N 332 
SNG HN2  H  N N 333 
SNG HO3  H  N N 334 
SNG HO4  H  N N 335 
SNG HO6  H  N N 336 
THR N    N  N N 337 
THR CA   C  N S 338 
THR C    C  N N 339 
THR O    O  N N 340 
THR CB   C  N R 341 
THR OG1  O  N N 342 
THR CG2  C  N N 343 
THR OXT  O  N N 344 
THR H    H  N N 345 
THR H2   H  N N 346 
THR HA   H  N N 347 
THR HB   H  N N 348 
THR HG1  H  N N 349 
THR HG21 H  N N 350 
THR HG22 H  N N 351 
THR HG23 H  N N 352 
THR HXT  H  N N 353 
TRP N    N  N N 354 
TRP CA   C  N S 355 
TRP C    C  N N 356 
TRP O    O  N N 357 
TRP CB   C  N N 358 
TRP CG   C  Y N 359 
TRP CD1  C  Y N 360 
TRP CD2  C  Y N 361 
TRP NE1  N  Y N 362 
TRP CE2  C  Y N 363 
TRP CE3  C  Y N 364 
TRP CZ2  C  Y N 365 
TRP CZ3  C  Y N 366 
TRP CH2  C  Y N 367 
TRP OXT  O  N N 368 
TRP H    H  N N 369 
TRP H2   H  N N 370 
TRP HA   H  N N 371 
TRP HB2  H  N N 372 
TRP HB3  H  N N 373 
TRP HD1  H  N N 374 
TRP HE1  H  N N 375 
TRP HE3  H  N N 376 
TRP HZ2  H  N N 377 
TRP HZ3  H  N N 378 
TRP HH2  H  N N 379 
TRP HXT  H  N N 380 
TYR N    N  N N 381 
TYR CA   C  N S 382 
TYR C    C  N N 383 
TYR O    O  N N 384 
TYR CB   C  N N 385 
TYR CG   C  Y N 386 
TYR CD1  C  Y N 387 
TYR CD2  C  Y N 388 
TYR CE1  C  Y N 389 
TYR CE2  C  Y N 390 
TYR CZ   C  Y N 391 
TYR OH   O  N N 392 
TYR OXT  O  N N 393 
TYR H    H  N N 394 
TYR H2   H  N N 395 
TYR HA   H  N N 396 
TYR HB2  H  N N 397 
TYR HB3  H  N N 398 
TYR HD1  H  N N 399 
TYR HD2  H  N N 400 
TYR HE1  H  N N 401 
TYR HE2  H  N N 402 
TYR HH   H  N N 403 
TYR HXT  H  N N 404 
VAL N    N  N N 405 
VAL CA   C  N S 406 
VAL C    C  N N 407 
VAL O    O  N N 408 
VAL CB   C  N N 409 
VAL CG1  C  N N 410 
VAL CG2  C  N N 411 
VAL OXT  O  N N 412 
VAL H    H  N N 413 
VAL H2   H  N N 414 
VAL HA   H  N N 415 
VAL HB   H  N N 416 
VAL HG11 H  N N 417 
VAL HG12 H  N N 418 
VAL HG13 H  N N 419 
VAL HG21 H  N N 420 
VAL HG22 H  N N 421 
VAL HG23 H  N N 422 
VAL HXT  H  N N 423 
# 
loop_
_chem_comp_bond.comp_id 
_chem_comp_bond.atom_id_1 
_chem_comp_bond.atom_id_2 
_chem_comp_bond.value_order 
_chem_comp_bond.pdbx_aromatic_flag 
_chem_comp_bond.pdbx_stereo_config 
_chem_comp_bond.pdbx_ordinal 
ALA N   CA   sing N N 1   
ALA N   H    sing N N 2   
ALA N   H2   sing N N 3   
ALA CA  C    sing N N 4   
ALA CA  CB   sing N N 5   
ALA CA  HA   sing N N 6   
ALA C   O    doub N N 7   
ALA C   OXT  sing N N 8   
ALA CB  HB1  sing N N 9   
ALA CB  HB2  sing N N 10  
ALA CB  HB3  sing N N 11  
ALA OXT HXT  sing N N 12  
ARG N   CA   sing N N 13  
ARG N   H    sing N N 14  
ARG N   H2   sing N N 15  
ARG CA  C    sing N N 16  
ARG CA  CB   sing N N 17  
ARG CA  HA   sing N N 18  
ARG C   O    doub N N 19  
ARG C   OXT  sing N N 20  
ARG CB  CG   sing N N 21  
ARG CB  HB2  sing N N 22  
ARG CB  HB3  sing N N 23  
ARG CG  CD   sing N N 24  
ARG CG  HG2  sing N N 25  
ARG CG  HG3  sing N N 26  
ARG CD  NE   sing N N 27  
ARG CD  HD2  sing N N 28  
ARG CD  HD3  sing N N 29  
ARG NE  CZ   sing N N 30  
ARG NE  HE   sing N N 31  
ARG CZ  NH1  sing N N 32  
ARG CZ  NH2  doub N N 33  
ARG NH1 HH11 sing N N 34  
ARG NH1 HH12 sing N N 35  
ARG NH2 HH21 sing N N 36  
ARG NH2 HH22 sing N N 37  
ARG OXT HXT  sing N N 38  
ASN N   CA   sing N N 39  
ASN N   H    sing N N 40  
ASN N   H2   sing N N 41  
ASN CA  C    sing N N 42  
ASN CA  CB   sing N N 43  
ASN CA  HA   sing N N 44  
ASN C   O    doub N N 45  
ASN C   OXT  sing N N 46  
ASN CB  CG   sing N N 47  
ASN CB  HB2  sing N N 48  
ASN CB  HB3  sing N N 49  
ASN CG  OD1  doub N N 50  
ASN CG  ND2  sing N N 51  
ASN ND2 HD21 sing N N 52  
ASN ND2 HD22 sing N N 53  
ASN OXT HXT  sing N N 54  
ASP N   CA   sing N N 55  
ASP N   H    sing N N 56  
ASP N   H2   sing N N 57  
ASP CA  C    sing N N 58  
ASP CA  CB   sing N N 59  
ASP CA  HA   sing N N 60  
ASP C   O    doub N N 61  
ASP C   OXT  sing N N 62  
ASP CB  CG   sing N N 63  
ASP CB  HB2  sing N N 64  
ASP CB  HB3  sing N N 65  
ASP CG  OD1  doub N N 66  
ASP CG  OD2  sing N N 67  
ASP OD2 HD2  sing N N 68  
ASP OXT HXT  sing N N 69  
CYS N   CA   sing N N 70  
CYS N   H    sing N N 71  
CYS N   H2   sing N N 72  
CYS CA  C    sing N N 73  
CYS CA  CB   sing N N 74  
CYS CA  HA   sing N N 75  
CYS C   O    doub N N 76  
CYS C   OXT  sing N N 77  
CYS CB  SG   sing N N 78  
CYS CB  HB2  sing N N 79  
CYS CB  HB3  sing N N 80  
CYS SG  HG   sing N N 81  
CYS OXT HXT  sing N N 82  
GLN N   CA   sing N N 83  
GLN N   H    sing N N 84  
GLN N   H2   sing N N 85  
GLN CA  C    sing N N 86  
GLN CA  CB   sing N N 87  
GLN CA  HA   sing N N 88  
GLN C   O    doub N N 89  
GLN C   OXT  sing N N 90  
GLN CB  CG   sing N N 91  
GLN CB  HB2  sing N N 92  
GLN CB  HB3  sing N N 93  
GLN CG  CD   sing N N 94  
GLN CG  HG2  sing N N 95  
GLN CG  HG3  sing N N 96  
GLN CD  OE1  doub N N 97  
GLN CD  NE2  sing N N 98  
GLN NE2 HE21 sing N N 99  
GLN NE2 HE22 sing N N 100 
GLN OXT HXT  sing N N 101 
GLU N   CA   sing N N 102 
GLU N   H    sing N N 103 
GLU N   H2   sing N N 104 
GLU CA  C    sing N N 105 
GLU CA  CB   sing N N 106 
GLU CA  HA   sing N N 107 
GLU C   O    doub N N 108 
GLU C   OXT  sing N N 109 
GLU CB  CG   sing N N 110 
GLU CB  HB2  sing N N 111 
GLU CB  HB3  sing N N 112 
GLU CG  CD   sing N N 113 
GLU CG  HG2  sing N N 114 
GLU CG  HG3  sing N N 115 
GLU CD  OE1  doub N N 116 
GLU CD  OE2  sing N N 117 
GLU OE2 HE2  sing N N 118 
GLU OXT HXT  sing N N 119 
GLY N   CA   sing N N 120 
GLY N   H    sing N N 121 
GLY N   H2   sing N N 122 
GLY CA  C    sing N N 123 
GLY CA  HA2  sing N N 124 
GLY CA  HA3  sing N N 125 
GLY C   O    doub N N 126 
GLY C   OXT  sing N N 127 
GLY OXT HXT  sing N N 128 
HIS N   CA   sing N N 129 
HIS N   H    sing N N 130 
HIS N   H2   sing N N 131 
HIS CA  C    sing N N 132 
HIS CA  CB   sing N N 133 
HIS CA  HA   sing N N 134 
HIS C   O    doub N N 135 
HIS C   OXT  sing N N 136 
HIS CB  CG   sing N N 137 
HIS CB  HB2  sing N N 138 
HIS CB  HB3  sing N N 139 
HIS CG  ND1  sing Y N 140 
HIS CG  CD2  doub Y N 141 
HIS ND1 CE1  doub Y N 142 
HIS ND1 HD1  sing N N 143 
HIS CD2 NE2  sing Y N 144 
HIS CD2 HD2  sing N N 145 
HIS CE1 NE2  sing Y N 146 
HIS CE1 HE1  sing N N 147 
HIS NE2 HE2  sing N N 148 
HIS OXT HXT  sing N N 149 
HOH O   H1   sing N N 150 
HOH O   H2   sing N N 151 
ILE N   CA   sing N N 152 
ILE N   H    sing N N 153 
ILE N   H2   sing N N 154 
ILE CA  C    sing N N 155 
ILE CA  CB   sing N N 156 
ILE CA  HA   sing N N 157 
ILE C   O    doub N N 158 
ILE C   OXT  sing N N 159 
ILE CB  CG1  sing N N 160 
ILE CB  CG2  sing N N 161 
ILE CB  HB   sing N N 162 
ILE CG1 CD1  sing N N 163 
ILE CG1 HG12 sing N N 164 
ILE CG1 HG13 sing N N 165 
ILE CG2 HG21 sing N N 166 
ILE CG2 HG22 sing N N 167 
ILE CG2 HG23 sing N N 168 
ILE CD1 HD11 sing N N 169 
ILE CD1 HD12 sing N N 170 
ILE CD1 HD13 sing N N 171 
ILE OXT HXT  sing N N 172 
LEU N   CA   sing N N 173 
LEU N   H    sing N N 174 
LEU N   H2   sing N N 175 
LEU CA  C    sing N N 176 
LEU CA  CB   sing N N 177 
LEU CA  HA   sing N N 178 
LEU C   O    doub N N 179 
LEU C   OXT  sing N N 180 
LEU CB  CG   sing N N 181 
LEU CB  HB2  sing N N 182 
LEU CB  HB3  sing N N 183 
LEU CG  CD1  sing N N 184 
LEU CG  CD2  sing N N 185 
LEU CG  HG   sing N N 186 
LEU CD1 HD11 sing N N 187 
LEU CD1 HD12 sing N N 188 
LEU CD1 HD13 sing N N 189 
LEU CD2 HD21 sing N N 190 
LEU CD2 HD22 sing N N 191 
LEU CD2 HD23 sing N N 192 
LEU OXT HXT  sing N N 193 
LYS N   CA   sing N N 194 
LYS N   H    sing N N 195 
LYS N   H2   sing N N 196 
LYS CA  C    sing N N 197 
LYS CA  CB   sing N N 198 
LYS CA  HA   sing N N 199 
LYS C   O    doub N N 200 
LYS C   OXT  sing N N 201 
LYS CB  CG   sing N N 202 
LYS CB  HB2  sing N N 203 
LYS CB  HB3  sing N N 204 
LYS CG  CD   sing N N 205 
LYS CG  HG2  sing N N 206 
LYS CG  HG3  sing N N 207 
LYS CD  CE   sing N N 208 
LYS CD  HD2  sing N N 209 
LYS CD  HD3  sing N N 210 
LYS CE  NZ   sing N N 211 
LYS CE  HE2  sing N N 212 
LYS CE  HE3  sing N N 213 
LYS NZ  HZ1  sing N N 214 
LYS NZ  HZ2  sing N N 215 
LYS NZ  HZ3  sing N N 216 
LYS OXT HXT  sing N N 217 
MET N   CA   sing N N 218 
MET N   H    sing N N 219 
MET N   H2   sing N N 220 
MET CA  C    sing N N 221 
MET CA  CB   sing N N 222 
MET CA  HA   sing N N 223 
MET C   O    doub N N 224 
MET C   OXT  sing N N 225 
MET CB  CG   sing N N 226 
MET CB  HB2  sing N N 227 
MET CB  HB3  sing N N 228 
MET CG  SD   sing N N 229 
MET CG  HG2  sing N N 230 
MET CG  HG3  sing N N 231 
MET SD  CE   sing N N 232 
MET CE  HE1  sing N N 233 
MET CE  HE2  sing N N 234 
MET CE  HE3  sing N N 235 
MET OXT HXT  sing N N 236 
PHE N   CA   sing N N 237 
PHE N   H    sing N N 238 
PHE N   H2   sing N N 239 
PHE CA  C    sing N N 240 
PHE CA  CB   sing N N 241 
PHE CA  HA   sing N N 242 
PHE C   O    doub N N 243 
PHE C   OXT  sing N N 244 
PHE CB  CG   sing N N 245 
PHE CB  HB2  sing N N 246 
PHE CB  HB3  sing N N 247 
PHE CG  CD1  doub Y N 248 
PHE CG  CD2  sing Y N 249 
PHE CD1 CE1  sing Y N 250 
PHE CD1 HD1  sing N N 251 
PHE CD2 CE2  doub Y N 252 
PHE CD2 HD2  sing N N 253 
PHE CE1 CZ   doub Y N 254 
PHE CE1 HE1  sing N N 255 
PHE CE2 CZ   sing Y N 256 
PHE CE2 HE2  sing N N 257 
PHE CZ  HZ   sing N N 258 
PHE OXT HXT  sing N N 259 
PRO N   CA   sing N N 260 
PRO N   CD   sing N N 261 
PRO N   H    sing N N 262 
PRO CA  C    sing N N 263 
PRO CA  CB   sing N N 264 
PRO CA  HA   sing N N 265 
PRO C   O    doub N N 266 
PRO C   OXT  sing N N 267 
PRO CB  CG   sing N N 268 
PRO CB  HB2  sing N N 269 
PRO CB  HB3  sing N N 270 
PRO CG  CD   sing N N 271 
PRO CG  HG2  sing N N 272 
PRO CG  HG3  sing N N 273 
PRO CD  HD2  sing N N 274 
PRO CD  HD3  sing N N 275 
PRO OXT HXT  sing N N 276 
SER N   CA   sing N N 277 
SER N   H    sing N N 278 
SER N   H2   sing N N 279 
SER CA  C    sing N N 280 
SER CA  CB   sing N N 281 
SER CA  HA   sing N N 282 
SER C   O    doub N N 283 
SER C   OXT  sing N N 284 
SER CB  OG   sing N N 285 
SER CB  HB2  sing N N 286 
SER CB  HB3  sing N N 287 
SER OG  HG   sing N N 288 
SER OXT HXT  sing N N 289 
SNG C1  C2   sing N N 290 
SNG C1  O5   sing N N 291 
SNG C1  SE   sing N N 292 
SNG C1  H1   sing N N 293 
SNG C2  C3   sing N N 294 
SNG C2  N2   sing N N 295 
SNG C2  H2   sing N N 296 
SNG C3  C4   sing N N 297 
SNG C3  O3   sing N N 298 
SNG C3  H3   sing N N 299 
SNG C4  C5   sing N N 300 
SNG C4  O4   sing N N 301 
SNG C4  H4   sing N N 302 
SNG C5  C6   sing N N 303 
SNG C5  O5   sing N N 304 
SNG C5  H5   sing N N 305 
SNG C6  O6   sing N N 306 
SNG C6  H61  sing N N 307 
SNG C6  H62  sing N N 308 
SNG C7  C8   sing N N 309 
SNG C7  N2   sing N N 310 
SNG C7  O7   doub N N 311 
SNG C8  H81  sing N N 312 
SNG C8  H82  sing N N 313 
SNG C8  H83  sing N N 314 
SNG CM  SE   sing N N 315 
SNG CM  HMC1 sing N N 316 
SNG CM  HMC2 sing N N 317 
SNG CM  HMC3 sing N N 318 
SNG N2  HN2  sing N N 319 
SNG O3  HO3  sing N N 320 
SNG O4  HO4  sing N N 321 
SNG O6  HO6  sing N N 322 
THR N   CA   sing N N 323 
THR N   H    sing N N 324 
THR N   H2   sing N N 325 
THR CA  C    sing N N 326 
THR CA  CB   sing N N 327 
THR CA  HA   sing N N 328 
THR C   O    doub N N 329 
THR C   OXT  sing N N 330 
THR CB  OG1  sing N N 331 
THR CB  CG2  sing N N 332 
THR CB  HB   sing N N 333 
THR OG1 HG1  sing N N 334 
THR CG2 HG21 sing N N 335 
THR CG2 HG22 sing N N 336 
THR CG2 HG23 sing N N 337 
THR OXT HXT  sing N N 338 
TRP N   CA   sing N N 339 
TRP N   H    sing N N 340 
TRP N   H2   sing N N 341 
TRP CA  C    sing N N 342 
TRP CA  CB   sing N N 343 
TRP CA  HA   sing N N 344 
TRP C   O    doub N N 345 
TRP C   OXT  sing N N 346 
TRP CB  CG   sing N N 347 
TRP CB  HB2  sing N N 348 
TRP CB  HB3  sing N N 349 
TRP CG  CD1  doub Y N 350 
TRP CG  CD2  sing Y N 351 
TRP CD1 NE1  sing Y N 352 
TRP CD1 HD1  sing N N 353 
TRP CD2 CE2  doub Y N 354 
TRP CD2 CE3  sing Y N 355 
TRP NE1 CE2  sing Y N 356 
TRP NE1 HE1  sing N N 357 
TRP CE2 CZ2  sing Y N 358 
TRP CE3 CZ3  doub Y N 359 
TRP CE3 HE3  sing N N 360 
TRP CZ2 CH2  doub Y N 361 
TRP CZ2 HZ2  sing N N 362 
TRP CZ3 CH2  sing Y N 363 
TRP CZ3 HZ3  sing N N 364 
TRP CH2 HH2  sing N N 365 
TRP OXT HXT  sing N N 366 
TYR N   CA   sing N N 367 
TYR N   H    sing N N 368 
TYR N   H2   sing N N 369 
TYR CA  C    sing N N 370 
TYR CA  CB   sing N N 371 
TYR CA  HA   sing N N 372 
TYR C   O    doub N N 373 
TYR C   OXT  sing N N 374 
TYR CB  CG   sing N N 375 
TYR CB  HB2  sing N N 376 
TYR CB  HB3  sing N N 377 
TYR CG  CD1  doub Y N 378 
TYR CG  CD2  sing Y N 379 
TYR CD1 CE1  sing Y N 380 
TYR CD1 HD1  sing N N 381 
TYR CD2 CE2  doub Y N 382 
TYR CD2 HD2  sing N N 383 
TYR CE1 CZ   doub Y N 384 
TYR CE1 HE1  sing N N 385 
TYR CE2 CZ   sing Y N 386 
TYR CE2 HE2  sing N N 387 
TYR CZ  OH   sing N N 388 
TYR OH  HH   sing N N 389 
TYR OXT HXT  sing N N 390 
VAL N   CA   sing N N 391 
VAL N   H    sing N N 392 
VAL N   H2   sing N N 393 
VAL CA  C    sing N N 394 
VAL CA  CB   sing N N 395 
VAL CA  HA   sing N N 396 
VAL C   O    doub N N 397 
VAL C   OXT  sing N N 398 
VAL CB  CG1  sing N N 399 
VAL CB  CG2  sing N N 400 
VAL CB  HB   sing N N 401 
VAL CG1 HG11 sing N N 402 
VAL CG1 HG12 sing N N 403 
VAL CG1 HG13 sing N N 404 
VAL CG2 HG21 sing N N 405 
VAL CG2 HG22 sing N N 406 
VAL CG2 HG23 sing N N 407 
VAL OXT HXT  sing N N 408 
# 
_atom_sites.entry_id                    1O9V 
_atom_sites.fract_transf_matrix[1][1]   -0.01998814 
_atom_sites.fract_transf_matrix[1][2]   -0.01811447 
_atom_sites.fract_transf_matrix[1][3]   0.00129220 
_atom_sites.fract_transf_matrix[2][1]   -0.01336465 
_atom_sites.fract_transf_matrix[2][2]   -0.00698219 
_atom_sites.fract_transf_matrix[2][3]   -0.02240445 
_atom_sites.fract_transf_matrix[3][1]   0.00239941 
_atom_sites.fract_transf_matrix[3][2]   -0.00268990 
_atom_sites.fract_transf_matrix[3][3]   -0.00059300 
_atom_sites.fract_transf_vector[1]      1.111972 
_atom_sites.fract_transf_vector[2]      0.861500 
_atom_sites.fract_transf_vector[3]      0.041064 
# 
loop_
_atom_type.symbol 
C  
N  
O  
S  
SE 
# 
loop_
_atom_site.group_PDB 
_atom_site.id 
_atom_site.type_symbol 
_atom_site.label_atom_id 
_atom_site.label_alt_id 
_atom_site.label_comp_id 
_atom_site.label_asym_id 
_atom_site.label_entity_id 
_atom_site.label_seq_id 
_atom_site.pdbx_PDB_ins_code 
_atom_site.Cartn_x 
_atom_site.Cartn_y 
_atom_site.Cartn_z 
_atom_site.occupancy 
_atom_site.B_iso_or_equiv 
_atom_site.pdbx_formal_charge 
_atom_site.auth_seq_id 
_atom_site.auth_comp_id 
_atom_site.auth_asym_id 
_atom_site.auth_atom_id 
_atom_site.pdbx_PDB_model_num 
ATOM   1    N  N   . ALA A 1 1   ? -10.836 -23.149 -0.001  1.00 20.12 ? 1    ALA A N   1 
ATOM   2    C  CA  . ALA A 1 1   ? -9.388  -23.282 0.320   1.00 20.94 ? 1    ALA A CA  1 
ATOM   3    C  C   . ALA A 1 1   ? -8.664  -21.965 0.062   1.00 19.22 ? 1    ALA A C   1 
ATOM   4    O  O   . ALA A 1 1   ? -9.182  -21.059 -0.595  1.00 17.94 ? 1    ALA A O   1 
ATOM   5    C  CB  . ALA A 1 1   ? -8.767  -24.390 -0.568  1.00 19.18 ? 1    ALA A CB  1 
ATOM   6    N  N   . VAL A 1 2   ? -7.463  -21.860 0.608   1.00 19.41 ? 2    VAL A N   1 
ATOM   7    C  CA  . VAL A 1 2   ? -6.654  -20.683 0.375   1.00 17.70 ? 2    VAL A CA  1 
ATOM   8    C  C   . VAL A 1 2   ? -5.170  -21.052 0.353   1.00 16.97 ? 2    VAL A C   1 
ATOM   9    O  O   . VAL A 1 2   ? -4.750  -21.907 1.105   1.00 18.16 ? 2    VAL A O   1 
ATOM   10   C  CB  . VAL A 1 2   ? -6.967  -19.587 1.435   1.00 15.39 ? 2    VAL A CB  1 
ATOM   11   C  CG1 . VAL A 1 2   ? -6.630  -20.053 2.855   1.00 17.83 ? 2    VAL A CG1 1 
ATOM   12   C  CG2 . VAL A 1 2   ? -6.238  -18.274 1.066   1.00 17.19 ? 2    VAL A CG2 1 
ATOM   13   N  N   . SER A 1 3   ? -4.408  -20.392 -0.512  1.00 18.62 ? 3    SER A N   1 
ATOM   14   C  CA  . SER A 1 3   ? -2.978  -20.602 -0.643  1.00 19.30 ? 3    SER A CA  1 
ATOM   15   C  C   . SER A 1 3   ? -2.312  -19.276 -0.911  1.00 18.71 ? 3    SER A C   1 
ATOM   16   O  O   . SER A 1 3   ? -2.901  -18.405 -1.564  1.00 20.79 ? 3    SER A O   1 
ATOM   17   C  CB  . SER A 1 3   ? -2.674  -21.533 -1.818  1.00 22.21 ? 3    SER A CB  1 
ATOM   18   O  OG  . SER A 1 3   ? -3.009  -22.871 -1.501  1.00 25.57 ? 3    SER A OG  1 
ATOM   19   N  N   . PHE A 1 4   ? -1.103  -19.113 -0.381  1.00 18.67 ? 4    PHE A N   1 
ATOM   20   C  CA  . PHE A 1 4   ? -0.326  -17.912 -0.638  1.00 18.02 ? 4    PHE A CA  1 
ATOM   21   C  C   . PHE A 1 4   ? 0.416   -18.105 -1.947  1.00 17.91 ? 4    PHE A C   1 
ATOM   22   O  O   . PHE A 1 4   ? 1.153   -19.091 -2.118  1.00 19.31 ? 4    PHE A O   1 
ATOM   23   C  CB  . PHE A 1 4   ? 0.691   -17.632 0.473   1.00 18.39 ? 4    PHE A CB  1 
ATOM   24   C  CG  . PHE A 1 4   ? 1.562   -16.417 0.190   1.00 19.98 ? 4    PHE A CG  1 
ATOM   25   C  CD1 . PHE A 1 4   ? 1.006   -15.148 0.149   1.00 17.85 ? 4    PHE A CD1 1 
ATOM   26   C  CD2 . PHE A 1 4   ? 2.934   -16.549 0.054   1.00 19.66 ? 4    PHE A CD2 1 
ATOM   27   C  CE1 . PHE A 1 4   ? 1.808   -14.009 -0.007  1.00 19.49 ? 4    PHE A CE1 1 
ATOM   28   C  CE2 . PHE A 1 4   ? 3.759   -15.398 -0.103  1.00 21.62 ? 4    PHE A CE2 1 
ATOM   29   C  CZ  . PHE A 1 4   ? 3.189   -14.139 -0.129  1.00 20.52 ? 4    PHE A CZ  1 
ATOM   30   N  N   . ILE A 1 5   ? 0.243   -17.164 -2.879  1.00 16.62 ? 5    ILE A N   1 
ATOM   31   C  CA  . ILE A 1 5   ? 0.874   -17.266 -4.175  1.00 18.70 ? 5    ILE A CA  1 
ATOM   32   C  C   . ILE A 1 5   ? 1.703   -16.045 -4.639  1.00 18.77 ? 5    ILE A C   1 
ATOM   33   O  O   . ILE A 1 5   ? 2.253   -16.045 -5.731  1.00 18.28 ? 5    ILE A O   1 
ATOM   34   C  CB  . ILE A 1 5   ? -0.175  -17.592 -5.247  1.00 18.00 ? 5    ILE A CB  1 
ATOM   35   C  CG1 . ILE A 1 5   ? -1.216  -16.446 -5.349  1.00 18.40 ? 5    ILE A CG1 1 
ATOM   36   C  CG2 . ILE A 1 5   ? -0.808  -18.892 -4.905  1.00 17.94 ? 5    ILE A CG2 1 
ATOM   37   C  CD1 . ILE A 1 5   ? -2.249  -16.618 -6.491  1.00 18.67 ? 5    ILE A CD1 1 
ATOM   38   N  N   . GLY A 1 6   ? 1.791   -15.026 -3.787  1.00 19.07 ? 6    GLY A N   1 
ATOM   39   C  CA  . GLY A 1 6   ? 2.536   -13.823 -4.120  1.00 20.06 ? 6    GLY A CA  1 
ATOM   40   C  C   . GLY A 1 6   ? 3.937   -13.814 -3.535  1.00 19.52 ? 6    GLY A C   1 
ATOM   41   O  O   . GLY A 1 6   ? 4.541   -14.879 -3.315  1.00 20.80 ? 6    GLY A O   1 
ATOM   42   N  N   . SER A 1 7   ? 4.439   -12.627 -3.233  1.00 19.82 ? 7    SER A N   1 
ATOM   43   C  CA  . SER A 1 7   ? 5.789   -12.480 -2.685  1.00 21.68 ? 7    SER A CA  1 
ATOM   44   C  C   . SER A 1 7   ? 5.729   -11.767 -1.381  1.00 21.45 ? 7    SER A C   1 
ATOM   45   O  O   . SER A 1 7   ? 4.883   -10.888 -1.202  1.00 21.14 ? 7    SER A O   1 
ATOM   46   C  CB  . SER A 1 7   ? 6.663   -11.684 -3.645  1.00 23.69 ? 7    SER A CB  1 
ATOM   47   O  OG  . SER A 1 7   ? 6.775   -12.388 -4.878  1.00 26.19 ? 7    SER A OG  1 
ATOM   48   N  N   . THR A 1 8   ? 6.650   -12.094 -0.489  1.00 22.48 ? 8    THR A N   1 
ATOM   49   C  CA  . THR A 1 8   ? 6.663   -11.458 0.820   1.00 23.13 ? 8    THR A CA  1 
ATOM   50   C  C   . THR A 1 8   ? 7.138   -10.012 0.824   1.00 23.16 ? 8    THR A C   1 
ATOM   51   O  O   . THR A 1 8   ? 6.670   -9.184  1.627   1.00 22.69 ? 8    THR A O   1 
ATOM   52   C  CB  . THR A 1 8   ? 7.583   -12.223 1.785   1.00 24.15 ? 8    THR A CB  1 
ATOM   53   O  OG1 . THR A 1 8   ? 7.171   -13.594 1.816   1.00 27.57 ? 8    THR A OG1 1 
ATOM   54   C  CG2 . THR A 1 8   ? 7.489   -11.649 3.169   1.00 26.40 ? 8    THR A CG2 1 
ATOM   55   N  N   . GLU A 1 9   ? 8.081   -9.716  -0.053  1.00 21.59 ? 9    GLU A N   1 
ATOM   56   C  CA  . GLU A 1 9   ? 8.676   -8.387  -0.086  1.00 20.78 ? 9    GLU A CA  1 
ATOM   57   C  C   . GLU A 1 9   ? 8.380   -7.743  -1.428  1.00 20.30 ? 9    GLU A C   1 
ATOM   58   O  O   . GLU A 1 9   ? 8.728   -8.292  -2.451  1.00 19.83 ? 9    GLU A O   1 
ATOM   59   C  CB  . GLU A 1 9   ? 10.185  -8.531  0.122   1.00 22.16 ? 9    GLU A CB  1 
ATOM   60   C  CG  . GLU A 1 9   ? 10.567  -9.100  1.484   1.00 24.79 ? 9    GLU A CG  1 
ATOM   61   C  CD  . GLU A 1 9   ? 10.143  -8.194  2.647   1.00 24.67 ? 9    GLU A CD  1 
ATOM   62   O  OE1 . GLU A 1 9   ? 10.182  -6.943  2.515   1.00 23.50 ? 9    GLU A OE1 1 
ATOM   63   O  OE2 . GLU A 1 9   ? 9.767   -8.740  3.698   1.00 28.22 ? 9    GLU A OE2 1 
ATOM   64   N  N   . ASN A 1 10  ? 7.778   -6.550  -1.411  1.00 18.12 ? 10   ASN A N   1 
ATOM   65   C  CA  . ASN A 1 10  ? 7.342   -5.900  -2.632  1.00 19.61 ? 10   ASN A CA  1 
ATOM   66   C  C   . ASN A 1 10  ? 7.807   -4.449  -2.731  1.00 20.31 ? 10   ASN A C   1 
ATOM   67   O  O   . ASN A 1 10  ? 7.736   -3.715  -1.749  1.00 23.66 ? 10   ASN A O   1 
ATOM   68   C  CB  . ASN A 1 10  ? 5.824   -5.984  -2.623  1.00 18.59 ? 10   ASN A CB  1 
ATOM   69   C  CG  . ASN A 1 10  ? 5.347   -7.422  -2.449  1.00 18.01 ? 10   ASN A CG  1 
ATOM   70   O  OD1 . ASN A 1 10  ? 5.338   -8.163  -3.404  1.00 18.71 ? 10   ASN A OD1 1 
ATOM   71   N  ND2 . ASN A 1 10  ? 4.981   -7.820  -1.215  1.00 20.80 ? 10   ASN A ND2 1 
ATOM   72   N  N   . ASP A 1 11  ? 8.279   -4.044  -3.903  1.00 19.47 ? 11   ASP A N   1 
ATOM   73   C  CA  . ASP A 1 11  ? 8.756   -2.672  -4.085  1.00 18.46 ? 11   ASP A CA  1 
ATOM   74   C  C   . ASP A 1 11  ? 7.682   -1.815  -4.746  1.00 19.43 ? 11   ASP A C   1 
ATOM   75   O  O   . ASP A 1 11  ? 7.024   -2.237  -5.723  1.00 17.95 ? 11   ASP A O   1 
ATOM   76   C  CB  . ASP A 1 11  ? 10.031  -2.654  -4.937  1.00 20.30 ? 11   ASP A CB  1 
ATOM   77   C  CG  . ASP A 1 11  ? 11.169  -3.449  -4.299  1.00 22.79 ? 11   ASP A CG  1 
ATOM   78   O  OD1 . ASP A 1 11  ? 11.333  -3.394  -3.080  1.00 23.61 ? 11   ASP A OD1 1 
ATOM   79   O  OD2 . ASP A 1 11  ? 11.911  -4.106  -5.030  1.00 24.50 ? 11   ASP A OD2 1 
ATOM   80   N  N   . VAL A 1 12  ? 7.550   -0.599  -4.229  1.00 18.26 ? 12   VAL A N   1 
ATOM   81   C  CA  . VAL A 1 12  ? 6.586   0.392   -4.678  1.00 16.89 ? 12   VAL A CA  1 
ATOM   82   C  C   . VAL A 1 12  ? 7.212   1.476   -5.580  1.00 18.13 ? 12   VAL A C   1 
ATOM   83   O  O   . VAL A 1 12  ? 8.158   2.195   -5.167  1.00 15.45 ? 12   VAL A O   1 
ATOM   84   C  CB  . VAL A 1 12  ? 5.960   1.061   -3.454  1.00 18.68 ? 12   VAL A CB  1 
ATOM   85   C  CG1 . VAL A 1 12  ? 4.877   2.118   -3.894  1.00 16.83 ? 12   VAL A CG1 1 
ATOM   86   C  CG2 . VAL A 1 12  ? 5.356   -0.046  -2.536  1.00 17.85 ? 12   VAL A CG2 1 
ATOM   87   N  N   . GLY A 1 13  ? 6.662   1.582   -6.796  1.00 17.99 ? 13   GLY A N   1 
ATOM   88   C  CA  . GLY A 1 13  ? 7.121   2.553   -7.769  1.00 18.33 ? 13   GLY A CA  1 
ATOM   89   C  C   . GLY A 1 13  ? 8.305   2.037   -8.571  1.00 20.86 ? 13   GLY A C   1 
ATOM   90   O  O   . GLY A 1 13  ? 8.981   1.116   -8.147  1.00 21.14 ? 13   GLY A O   1 
ATOM   91   N  N   . PRO A 1 14  ? 8.583   2.623   -9.737  1.00 20.42 ? 14   PRO A N   1 
ATOM   92   C  CA  . PRO A 1 14  ? 9.711   2.140   -10.526 1.00 23.14 ? 14   PRO A CA  1 
ATOM   93   C  C   . PRO A 1 14  ? 11.027  2.615   -9.908  1.00 24.15 ? 14   PRO A C   1 
ATOM   94   O  O   . PRO A 1 14  ? 11.126  3.713   -9.386  1.00 28.20 ? 14   PRO A O   1 
ATOM   95   C  CB  . PRO A 1 14  ? 9.418   2.722   -11.912 1.00 21.01 ? 14   PRO A CB  1 
ATOM   96   C  CG  . PRO A 1 14  ? 8.816   4.092   -11.573 1.00 19.44 ? 14   PRO A CG  1 
ATOM   97   C  CD  . PRO A 1 14  ? 7.954   3.817   -10.343 1.00 20.69 ? 14   PRO A CD  1 
ATOM   98   N  N   . SER A 1 15  ? 12.049  1.790   -9.988  1.00 27.12 ? 15   SER A N   1 
ATOM   99   C  CA  . SER A 1 15  ? 13.365  2.134   -9.420  1.00 28.04 ? 15   SER A CA  1 
ATOM   100  C  C   . SER A 1 15  ? 13.961  3.433   -9.977  1.00 25.78 ? 15   SER A C   1 
ATOM   101  O  O   . SER A 1 15  ? 14.084  3.608   -11.172 1.00 27.54 ? 15   SER A O   1 
ATOM   102  C  CB  . SER A 1 15  ? 14.332  0.971   -9.677  1.00 31.11 ? 15   SER A CB  1 
ATOM   103  O  OG  . SER A 1 15  ? 15.487  1.041   -8.855  1.00 36.42 ? 15   SER A OG  1 
ATOM   104  N  N   . LEU A 1 16  ? 14.331  4.340   -9.089  1.00 26.58 ? 16   LEU A N   1 
ATOM   105  C  CA  . LEU A 1 16  ? 14.908  5.601   -9.489  1.00 24.07 ? 16   LEU A CA  1 
ATOM   106  C  C   . LEU A 1 16  ? 13.972  6.405   -10.408 1.00 23.32 ? 16   LEU A C   1 
ATOM   107  O  O   . LEU A 1 16  ? 14.415  7.052   -11.342 1.00 23.34 ? 16   LEU A O   1 
ATOM   108  C  CB  . LEU A 1 16  ? 16.258  5.344   -10.176 1.00 26.95 ? 16   LEU A CB  1 
ATOM   109  N  N   . GLY A 1 17  ? 12.670  6.363   -10.179 1.00 19.63 ? 17   GLY A N   1 
ATOM   110  C  CA  . GLY A 1 17  ? 11.828  7.215   -11.021 1.00 17.93 ? 17   GLY A CA  1 
ATOM   111  C  C   . GLY A 1 17  ? 12.020  8.683   -10.605 1.00 16.39 ? 17   GLY A C   1 
ATOM   112  O  O   . GLY A 1 17  ? 12.423  8.953   -9.467  1.00 19.48 ? 17   GLY A O   1 
ATOM   113  N  N   . SER A 1 18  ? 11.801  9.614   -11.531 1.00 17.22 ? 18   SER A N   1 
ATOM   114  C  CA  . SER A 1 18  ? 11.880  11.069  -11.303 1.00 17.47 ? 18   SER A CA  1 
ATOM   115  C  C   . SER A 1 18  ? 10.508  11.695  -11.557 1.00 18.79 ? 18   SER A C   1 
ATOM   116  O  O   . SER A 1 18  ? 9.824   11.366  -12.535 1.00 19.40 ? 18   SER A O   1 
ATOM   117  C  CB  . SER A 1 18  ? 12.917  11.716  -12.240 1.00 18.49 ? 18   SER A CB  1 
ATOM   118  O  OG  . SER A 1 18  ? 14.226  11.321  -11.902 1.00 22.94 ? 18   SER A OG  1 
ATOM   119  N  N   . TYR A 1 19  ? 10.114  12.611  -10.682 1.00 17.66 ? 19   TYR A N   1 
ATOM   120  C  CA  . TYR A 1 19  ? 8.803   13.260  -10.774 1.00 18.87 ? 19   TYR A CA  1 
ATOM   121  C  C   . TYR A 1 19  ? 8.966   14.759  -10.579 1.00 21.28 ? 19   TYR A C   1 
ATOM   122  O  O   . TYR A 1 19  ? 9.656   15.186  -9.670  1.00 21.38 ? 19   TYR A O   1 
ATOM   123  C  CB  . TYR A 1 19  ? 7.903   12.717  -9.683  1.00 17.64 ? 19   TYR A CB  1 
ATOM   124  C  CG  . TYR A 1 19  ? 7.835   11.220  -9.687  1.00 16.77 ? 19   TYR A CG  1 
ATOM   125  C  CD1 . TYR A 1 19  ? 6.919   10.548  -10.476 1.00 17.60 ? 19   TYR A CD1 1 
ATOM   126  C  CD2 . TYR A 1 19  ? 8.776   10.449  -8.961  1.00 17.92 ? 19   TYR A CD2 1 
ATOM   127  C  CE1 . TYR A 1 19  ? 6.927   9.148   -10.559 1.00 17.84 ? 19   TYR A CE1 1 
ATOM   128  C  CE2 . TYR A 1 19  ? 8.786   9.056   -9.045  1.00 18.19 ? 19   TYR A CE2 1 
ATOM   129  C  CZ  . TYR A 1 19  ? 7.846   8.414   -9.863  1.00 18.69 ? 19   TYR A CZ  1 
ATOM   130  O  OH  . TYR A 1 19  ? 7.894   7.049   -10.024 1.00 19.57 ? 19   TYR A OH  1 
ATOM   131  N  N   . SER A 1 20  ? 8.313   15.527  -11.442 1.00 23.28 ? 20   SER A N   1 
ATOM   132  C  CA  . SER A 1 20  ? 8.361   16.978  -11.396 1.00 25.73 ? 20   SER A CA  1 
ATOM   133  C  C   . SER A 1 20  ? 7.106   17.535  -10.769 1.00 27.83 ? 20   SER A C   1 
ATOM   134  O  O   . SER A 1 20  ? 6.061   16.879  -10.796 1.00 26.02 ? 20   SER A O   1 
ATOM   135  C  CB  . SER A 1 20  ? 8.514   17.527  -12.806 1.00 26.47 ? 20   SER A CB  1 
ATOM   136  O  OG  . SER A 1 20  ? 9.819   17.274  -13.269 1.00 24.49 ? 20   SER A OG  1 
ATOM   137  N  N   . ARG A 1 21  ? 7.233   18.735  -10.192 1.00 29.50 ? 21   ARG A N   1 
ATOM   138  C  CA  . ARG A 1 21  ? 6.096   19.414  -9.574  1.00 33.06 ? 21   ARG A CA  1 
ATOM   139  C  C   . ARG A 1 21  ? 5.244   19.977  -10.691 1.00 34.18 ? 21   ARG A C   1 
ATOM   140  O  O   . ARG A 1 21  ? 4.136   20.413  -10.449 1.00 36.10 ? 21   ARG A O   1 
ATOM   141  C  CB  . ARG A 1 21  ? 6.557   20.568  -8.681  1.00 34.61 ? 21   ARG A CB  1 
ATOM   142  N  N   . ASN A 1 27  ? 3.264   27.751  -0.948  1.00 34.74 ? 27   ASN A N   1 
ATOM   143  C  CA  . ASN A 1 27  ? 3.598   27.527  0.457   1.00 35.46 ? 27   ASN A CA  1 
ATOM   144  C  C   . ASN A 1 27  ? 3.695   26.029  0.752   1.00 35.51 ? 27   ASN A C   1 
ATOM   145  O  O   . ASN A 1 27  ? 2.981   25.219  0.182   1.00 36.41 ? 27   ASN A O   1 
ATOM   146  C  CB  . ASN A 1 27  ? 2.547   28.166  1.375   1.00 35.84 ? 27   ASN A CB  1 
ATOM   147  N  N   . LEU A 1 28  ? 4.593   25.681  1.650   1.00 34.99 ? 28   LEU A N   1 
ATOM   148  C  CA  . LEU A 1 28  ? 4.813   24.295  2.025   1.00 34.50 ? 28   LEU A CA  1 
ATOM   149  C  C   . LEU A 1 28  ? 3.687   23.831  2.918   1.00 35.21 ? 28   LEU A C   1 
ATOM   150  O  O   . LEU A 1 28  ? 3.158   24.626  3.704   1.00 34.96 ? 28   LEU A O   1 
ATOM   151  C  CB  . LEU A 1 28  ? 6.138   24.198  2.749   1.00 32.88 ? 28   LEU A CB  1 
ATOM   152  C  CG  . LEU A 1 28  ? 7.327   24.548  1.859   1.00 33.08 ? 28   LEU A CG  1 
ATOM   153  C  CD1 . LEU A 1 28  ? 8.533   24.875  2.697   1.00 33.08 ? 28   LEU A CD1 1 
ATOM   154  C  CD2 . LEU A 1 28  ? 7.625   23.359  0.935   1.00 32.22 ? 28   LEU A CD2 1 
ATOM   155  N  N   . PRO A 1 29  ? 3.297   22.543  2.816   1.00 35.34 ? 29   PRO A N   1 
ATOM   156  C  CA  . PRO A 1 29  ? 3.848   21.504  1.923   1.00 35.49 ? 29   PRO A CA  1 
ATOM   157  C  C   . PRO A 1 29  ? 3.331   21.576  0.479   1.00 35.05 ? 29   PRO A C   1 
ATOM   158  O  O   . PRO A 1 29  ? 2.317   22.203  0.211   1.00 36.61 ? 29   PRO A O   1 
ATOM   159  C  CB  . PRO A 1 29  ? 3.434   20.185  2.592   1.00 35.36 ? 29   PRO A CB  1 
ATOM   160  C  CG  . PRO A 1 29  ? 2.779   20.578  3.929   1.00 37.31 ? 29   PRO A CG  1 
ATOM   161  C  CD  . PRO A 1 29  ? 2.262   21.977  3.699   1.00 36.71 ? 29   PRO A CD  1 
ATOM   162  N  N   . PHE A 1 30  ? 4.030   20.933  -0.448  1.00 34.11 ? 30   PHE A N   1 
ATOM   163  C  CA  . PHE A 1 30  ? 3.617   20.920  -1.855  1.00 33.78 ? 30   PHE A CA  1 
ATOM   164  C  C   . PHE A 1 30  ? 3.357   19.460  -2.235  1.00 33.63 ? 30   PHE A C   1 
ATOM   165  O  O   . PHE A 1 30  ? 4.232   18.615  -2.041  1.00 31.90 ? 30   PHE A O   1 
ATOM   166  C  CB  . PHE A 1 30  ? 4.741   21.473  -2.744  1.00 33.84 ? 30   PHE A CB  1 
ATOM   167  N  N   . VAL A 1 31  ? 2.172   19.144  -2.751  1.00 32.91 ? 31   VAL A N   1 
ATOM   168  C  CA  . VAL A 1 31  ? 1.904   17.759  -3.136  1.00 32.50 ? 31   VAL A CA  1 
ATOM   169  C  C   . VAL A 1 31  ? 2.126   17.510  -4.619  1.00 31.94 ? 31   VAL A C   1 
ATOM   170  O  O   . VAL A 1 31  ? 1.606   18.249  -5.459  1.00 33.25 ? 31   VAL A O   1 
ATOM   171  C  CB  . VAL A 1 31  ? 0.461   17.325  -2.798  1.00 33.70 ? 31   VAL A CB  1 
ATOM   172  C  CG1 . VAL A 1 31  ? 0.298   15.827  -3.044  1.00 33.28 ? 31   VAL A CG1 1 
ATOM   173  C  CG2 . VAL A 1 31  ? 0.154   17.614  -1.333  1.00 34.07 ? 31   VAL A CG2 1 
ATOM   174  N  N   . TYR A 1 32  ? 2.925   16.487  -4.927  1.00 29.51 ? 32   TYR A N   1 
ATOM   175  C  CA  . TYR A 1 32  ? 3.193   16.080  -6.298  1.00 29.30 ? 32   TYR A CA  1 
ATOM   176  C  C   . TYR A 1 32  ? 2.036   15.126  -6.612  1.00 30.99 ? 32   TYR A C   1 
ATOM   177  O  O   . TYR A 1 32  ? 1.383   15.247  -7.642  1.00 33.55 ? 32   TYR A O   1 
ATOM   178  C  CB  . TYR A 1 32  ? 4.536   15.318  -6.422  1.00 27.18 ? 32   TYR A CB  1 
ATOM   179  C  CG  . TYR A 1 32  ? 5.778   16.208  -6.488  1.00 27.89 ? 32   TYR A CG  1 
ATOM   180  C  CD1 . TYR A 1 32  ? 6.059   17.108  -5.472  1.00 26.96 ? 32   TYR A CD1 1 
ATOM   181  C  CD2 . TYR A 1 32  ? 6.681   16.130  -7.557  1.00 25.20 ? 32   TYR A CD2 1 
ATOM   182  C  CE1 . TYR A 1 32  ? 7.196   17.911  -5.500  1.00 28.23 ? 32   TYR A CE1 1 
ATOM   183  C  CE2 . TYR A 1 32  ? 7.827   16.933  -7.592  1.00 27.69 ? 32   TYR A CE2 1 
ATOM   184  C  CZ  . TYR A 1 32  ? 8.077   17.824  -6.555  1.00 28.79 ? 32   TYR A CZ  1 
ATOM   185  O  OH  . TYR A 1 32  ? 9.201   18.627  -6.558  1.00 30.80 ? 32   TYR A OH  1 
ATOM   186  N  N   . THR A 1 34  ? 1.281   12.364  -8.555  1.00 25.41 ? 34   THR A N   1 
ATOM   187  C  CA  . THR A 1 34  ? 1.933   11.405  -9.446  1.00 24.03 ? 34   THR A CA  1 
ATOM   188  C  C   . THR A 1 34  ? 0.973   10.261  -9.810  1.00 25.50 ? 34   THR A C   1 
ATOM   189  O  O   . THR A 1 34  ? 1.413   9.204   -10.287 1.00 25.59 ? 34   THR A O   1 
ATOM   190  C  CB  . THR A 1 34  ? 3.161   10.789  -8.767  1.00 22.61 ? 34   THR A CB  1 
ATOM   191  O  OG1 . THR A 1 34  ? 2.769   10.335  -7.463  1.00 21.65 ? 34   THR A OG1 1 
ATOM   192  C  CG2 . THR A 1 34  ? 4.287   11.838  -8.618  1.00 21.30 ? 34   THR A CG2 1 
ATOM   193  N  N   . ARG A 1 35  ? -0.320  10.480  -9.567  1.00 27.50 ? 35   ARG A N   1 
ATOM   194  C  CA  . ARG A 1 35  ? -1.372  9.495   -9.862  1.00 28.29 ? 35   ARG A CA  1 
ATOM   195  C  C   . ARG A 1 35  ? -0.982  8.088   -9.379  1.00 27.68 ? 35   ARG A C   1 
ATOM   196  O  O   . ARG A 1 35  ? -0.766  7.913   -8.188  1.00 26.26 ? 35   ARG A O   1 
ATOM   197  C  CB  . ARG A 1 35  ? -1.700  9.510   -11.361 1.00 31.19 ? 35   ARG A CB  1 
ATOM   198  N  N   . ASN A 1 36  ? -0.898  7.086   -10.262 1.00 26.49 ? 36   ASN A N   1 
ATOM   199  C  CA  . ASN A 1 36  ? -0.557  5.740   -9.782  1.00 25.99 ? 36   ASN A CA  1 
ATOM   200  C  C   . ASN A 1 36  ? 0.860   5.287   -10.112 1.00 24.88 ? 36   ASN A C   1 
ATOM   201  O  O   . ASN A 1 36  ? 1.205   4.091   -9.996  1.00 24.22 ? 36   ASN A O   1 
ATOM   202  C  CB  . ASN A 1 36  ? -1.525  4.706   -10.344 1.00 26.94 ? 36   ASN A CB  1 
ATOM   203  C  CG  . ASN A 1 36  ? -2.958  5.044   -10.066 1.00 27.70 ? 36   ASN A CG  1 
ATOM   204  O  OD1 . ASN A 1 36  ? -3.283  5.530   -8.995  1.00 27.31 ? 36   ASN A OD1 1 
ATOM   205  N  ND2 . ASN A 1 36  ? -3.839  4.771   -11.030 1.00 26.81 ? 36   ASN A ND2 1 
ATOM   206  N  N   . LYS A 1 37  ? 1.686   6.230   -10.521 1.00 24.49 ? 37   LYS A N   1 
ATOM   207  C  CA  . LYS A 1 37  ? 3.055   5.889   -10.886 1.00 24.18 ? 37   LYS A CA  1 
ATOM   208  C  C   . LYS A 1 37  ? 3.880   5.260   -9.763  1.00 22.83 ? 37   LYS A C   1 
ATOM   209  O  O   . LYS A 1 37  ? 4.619   4.278   -9.978  1.00 23.31 ? 37   LYS A O   1 
ATOM   210  C  CB  . LYS A 1 37  ? 3.777   7.142   -11.372 1.00 26.78 ? 37   LYS A CB  1 
ATOM   211  C  CG  . LYS A 1 37  ? 3.273   7.738   -12.682 1.00 30.86 ? 37   LYS A CG  1 
ATOM   212  C  CD  . LYS A 1 37  ? 3.863   6.960   -13.844 1.00 32.55 ? 37   LYS A CD  1 
ATOM   213  C  CE  . LYS A 1 37  ? 3.725   7.679   -15.169 1.00 34.07 ? 37   LYS A CE  1 
ATOM   214  N  NZ  . LYS A 1 37  ? 4.479   6.868   -16.194 1.00 34.41 ? 37   LYS A NZ  1 
ATOM   215  N  N   . ILE A 1 38  ? 3.764   5.812   -8.557  1.00 19.51 ? 38   ILE A N   1 
ATOM   216  C  CA  . ILE A 1 38  ? 4.552   5.298   -7.464  1.00 18.26 ? 38   ILE A CA  1 
ATOM   217  C  C   . ILE A 1 38  ? 3.684   4.286   -6.746  1.00 18.36 ? 38   ILE A C   1 
ATOM   218  O  O   . ILE A 1 38  ? 3.006   4.588   -5.756  1.00 17.10 ? 38   ILE A O   1 
ATOM   219  C  CB  . ILE A 1 38  ? 5.038   6.430   -6.548  1.00 18.53 ? 38   ILE A CB  1 
ATOM   220  C  CG1 . ILE A 1 38  ? 5.537   7.631   -7.386  1.00 15.89 ? 38   ILE A CG1 1 
ATOM   221  C  CG2 . ILE A 1 38  ? 6.167   5.874   -5.679  1.00 19.45 ? 38   ILE A CG2 1 
ATOM   222  C  CD1 . ILE A 1 38  ? 6.325   8.665   -6.564  1.00 18.13 ? 38   ILE A CD1 1 
ATOM   223  N  N   . GLY A 1 39  ? 3.652   3.078   -7.300  1.00 17.11 ? 39   GLY A N   1 
ATOM   224  C  CA  . GLY A 1 39  ? 2.819   2.056   -6.699  1.00 17.69 ? 39   GLY A CA  1 
ATOM   225  C  C   . GLY A 1 39  ? 3.257   0.630   -6.937  1.00 17.69 ? 39   GLY A C   1 
ATOM   226  O  O   . GLY A 1 39  ? 4.237   0.357   -7.667  1.00 17.61 ? 39   GLY A O   1 
ATOM   227  N  N   . TYR A 1 40  ? 2.567   -0.262  -6.249  1.00 17.39 ? 40   TYR A N   1 
ATOM   228  C  CA  . TYR A 1 40  ? 2.752   -1.701  -6.416  1.00 17.79 ? 40   TYR A CA  1 
ATOM   229  C  C   . TYR A 1 40  ? 1.344   -2.273  -6.531  1.00 16.63 ? 40   TYR A C   1 
ATOM   230  O  O   . TYR A 1 40  ? 0.447   -1.950  -5.745  1.00 16.65 ? 40   TYR A O   1 
ATOM   231  C  CB  . TYR A 1 40  ? 3.498   -2.339  -5.223  1.00 16.73 ? 40   TYR A CB  1 
ATOM   232  C  CG  . TYR A 1 40  ? 3.581   -3.841  -5.382  1.00 19.19 ? 40   TYR A CG  1 
ATOM   233  C  CD1 . TYR A 1 40  ? 4.575   -4.418  -6.177  1.00 18.60 ? 40   TYR A CD1 1 
ATOM   234  C  CD2 . TYR A 1 40  ? 2.607   -4.673  -4.803  1.00 16.36 ? 40   TYR A CD2 1 
ATOM   235  C  CE1 . TYR A 1 40  ? 4.590   -5.811  -6.407  1.00 19.27 ? 40   TYR A CE1 1 
ATOM   236  C  CE2 . TYR A 1 40  ? 2.607   -6.071  -5.026  1.00 18.65 ? 40   TYR A CE2 1 
ATOM   237  C  CZ  . TYR A 1 40  ? 3.606   -6.623  -5.837  1.00 20.16 ? 40   TYR A CZ  1 
ATOM   238  O  OH  . TYR A 1 40  ? 3.602   -7.974  -6.131  1.00 20.94 ? 40   TYR A OH  1 
ATOM   239  N  N   . GLN A 1 41  ? 1.143   -3.103  -7.546  1.00 17.09 ? 41   GLN A N   1 
ATOM   240  C  CA  . GLN A 1 41  ? -0.150  -3.726  -7.729  1.00 17.34 ? 41   GLN A CA  1 
ATOM   241  C  C   . GLN A 1 41  ? 0.089   -5.183  -8.123  1.00 18.02 ? 41   GLN A C   1 
ATOM   242  O  O   . GLN A 1 41  ? 0.945   -5.487  -8.961  1.00 17.89 ? 41   GLN A O   1 
ATOM   243  C  CB  . GLN A 1 41  ? -0.888  -3.018  -8.879  1.00 19.34 ? 41   GLN A CB  1 
ATOM   244  C  CG  . GLN A 1 41  ? -2.218  -3.654  -9.236  1.00 22.16 ? 41   GLN A CG  1 
ATOM   245  C  CD  . GLN A 1 41  ? -2.871  -2.972  -10.428 1.00 24.31 ? 41   GLN A CD  1 
ATOM   246  O  OE1 . GLN A 1 41  ? -2.351  -3.009  -11.560 1.00 25.42 ? 41   GLN A OE1 1 
ATOM   247  N  NE2 . GLN A 1 41  ? -3.992  -2.318  -10.183 1.00 22.21 ? 41   GLN A NE2 1 
ATOM   248  N  N   . ASN A 1 42  ? -0.695  -6.078  -7.544  1.00 17.88 ? 42   ASN A N   1 
ATOM   249  C  CA  . ASN A 1 42  ? -0.594  -7.492  -7.924  1.00 16.87 ? 42   ASN A CA  1 
ATOM   250  C  C   . ASN A 1 42  ? -1.969  -8.096  -7.679  1.00 17.65 ? 42   ASN A C   1 
ATOM   251  O  O   . ASN A 1 42  ? -2.440  -8.114  -6.545  1.00 17.40 ? 42   ASN A O   1 
ATOM   252  C  CB  . ASN A 1 42  ? 0.434   -8.204  -7.063  1.00 17.93 ? 42   ASN A CB  1 
ATOM   253  C  CG  . ASN A 1 42  ? 0.726   -9.620  -7.561  1.00 21.00 ? 42   ASN A CG  1 
ATOM   254  O  OD1 . ASN A 1 42  ? -0.068  -10.241 -8.308  1.00 20.80 ? 42   ASN A OD1 1 
ATOM   255  N  ND2 . ASN A 1 42  ? 1.861   -10.146 -7.130  1.00 21.33 ? 42   ASN A ND2 1 
ATOM   256  N  N   . ALA A 1 43  ? -2.637  -8.554  -8.739  1.00 17.61 ? 43   ALA A N   1 
ATOM   257  C  CA  . ALA A 1 43  ? -3.969  -9.144  -8.612  1.00 16.38 ? 43   ALA A CA  1 
ATOM   258  C  C   . ALA A 1 43  ? -3.957  -10.512 -7.960  1.00 17.08 ? 43   ALA A C   1 
ATOM   259  O  O   . ALA A 1 43  ? -5.001  -10.984 -7.520  1.00 18.21 ? 43   ALA A O   1 
ATOM   260  C  CB  . ALA A 1 43  ? -4.620  -9.289  -10.019 1.00 18.00 ? 43   ALA A CB  1 
ATOM   261  N  N   . ASN A 1 44  ? -2.768  -11.127 -7.892  1.00 16.22 ? 44   ASN A N   1 
ATOM   262  C  CA  . ASN A 1 44  ? -2.636  -12.500 -7.439  1.00 16.34 ? 44   ASN A CA  1 
ATOM   263  C  C   . ASN A 1 44  ? -1.675  -12.738 -6.300  1.00 16.09 ? 44   ASN A C   1 
ATOM   264  O  O   . ASN A 1 44  ? -0.504  -13.118 -6.489  1.00 16.09 ? 44   ASN A O   1 
ATOM   265  C  CB  . ASN A 1 44  ? -2.241  -13.330 -8.664  1.00 15.44 ? 44   ASN A CB  1 
ATOM   266  C  CG  . ASN A 1 44  ? -2.950  -12.865 -9.934  1.00 17.74 ? 44   ASN A CG  1 
ATOM   267  O  OD1 . ASN A 1 44  ? -2.300  -12.336 -10.871 1.00 20.18 ? 44   ASN A OD1 1 
ATOM   268  N  ND2 . ASN A 1 44  ? -4.262  -13.020 -9.979  1.00 14.84 ? 44   ASN A ND2 1 
ATOM   269  N  N   . VAL A 1 45  ? -2.169  -12.493 -5.096  1.00 15.50 ? 45   VAL A N   1 
ATOM   270  C  CA  . VAL A 1 45  ? -1.344  -12.675 -3.936  1.00 15.21 ? 45   VAL A CA  1 
ATOM   271  C  C   . VAL A 1 45  ? -1.800  -13.916 -3.190  1.00 16.24 ? 45   VAL A C   1 
ATOM   272  O  O   . VAL A 1 45  ? -0.984  -14.624 -2.607  1.00 16.10 ? 45   VAL A O   1 
ATOM   273  C  CB  . VAL A 1 45  ? -1.400  -11.391 -3.073  1.00 16.47 ? 45   VAL A CB  1 
ATOM   274  C  CG1 . VAL A 1 45  ? -0.519  -11.556 -1.813  1.00 16.76 ? 45   VAL A CG1 1 
ATOM   275  C  CG2 . VAL A 1 45  ? -0.904  -10.201 -3.945  1.00 16.52 ? 45   VAL A CG2 1 
ATOM   276  N  N   . TRP A 1 46  ? -3.105  -14.193 -3.212  1.00 16.67 ? 46   TRP A N   1 
ATOM   277  C  CA  . TRP A 1 46  ? -3.614  -15.400 -2.609  1.00 16.86 ? 46   TRP A CA  1 
ATOM   278  C  C   . TRP A 1 46  ? -4.559  -16.041 -3.613  1.00 18.35 ? 46   TRP A C   1 
ATOM   279  O  O   . TRP A 1 46  ? -5.257  -15.356 -4.361  1.00 16.71 ? 46   TRP A O   1 
ATOM   280  C  CB  . TRP A 1 46  ? -4.436  -15.123 -1.315  1.00 16.92 ? 46   TRP A CB  1 
ATOM   281  C  CG  . TRP A 1 46  ? -3.621  -14.681 -0.162  1.00 19.35 ? 46   TRP A CG  1 
ATOM   282  C  CD1 . TRP A 1 46  ? -2.929  -15.475 0.718   1.00 18.47 ? 46   TRP A CD1 1 
ATOM   283  C  CD2 . TRP A 1 46  ? -3.330  -13.342 0.190   1.00 19.09 ? 46   TRP A CD2 1 
ATOM   284  N  NE1 . TRP A 1 46  ? -2.217  -14.696 1.587   1.00 20.55 ? 46   TRP A NE1 1 
ATOM   285  C  CE2 . TRP A 1 46  ? -2.445  -13.377 1.279   1.00 19.45 ? 46   TRP A CE2 1 
ATOM   286  C  CE3 . TRP A 1 46  ? -3.736  -12.093 -0.323  1.00 19.28 ? 46   TRP A CE3 1 
ATOM   287  C  CZ2 . TRP A 1 46  ? -1.948  -12.219 1.877   1.00 19.04 ? 46   TRP A CZ2 1 
ATOM   288  C  CZ3 . TRP A 1 46  ? -3.247  -10.965 0.274   1.00 19.23 ? 46   TRP A CZ3 1 
ATOM   289  C  CH2 . TRP A 1 46  ? -2.364  -11.033 1.357   1.00 19.80 ? 46   TRP A CH2 1 
ATOM   290  N  N   . HIS A 1 47  ? -4.594  -17.367 -3.611  1.00 17.65 ? 47   HIS A N   1 
ATOM   291  C  CA  . HIS A 1 47  ? -5.541  -18.079 -4.442  1.00 17.92 ? 47   HIS A CA  1 
ATOM   292  C  C   . HIS A 1 47  ? -6.638  -18.537 -3.477  1.00 17.57 ? 47   HIS A C   1 
ATOM   293  O  O   . HIS A 1 47  ? -6.353  -19.069 -2.406  1.00 17.55 ? 47   HIS A O   1 
ATOM   294  C  CB  . HIS A 1 47  ? -4.848  -19.267 -5.123  1.00 17.34 ? 47   HIS A CB  1 
ATOM   295  C  CG  . HIS A 1 47  ? -5.723  -19.979 -6.096  1.00 20.16 ? 47   HIS A CG  1 
ATOM   296  N  ND1 . HIS A 1 47  ? -6.524  -21.040 -5.736  1.00 25.71 ? 47   HIS A ND1 1 
ATOM   297  C  CD2 . HIS A 1 47  ? -5.906  -19.799 -7.426  1.00 22.42 ? 47   HIS A CD2 1 
ATOM   298  C  CE1 . HIS A 1 47  ? -7.156  -21.490 -6.808  1.00 24.70 ? 47   HIS A CE1 1 
ATOM   299  N  NE2 . HIS A 1 47  ? -6.798  -20.753 -7.846  1.00 23.83 ? 47   HIS A NE2 1 
ATOM   300  N  N   . ILE A 1 48  ? -7.904  -18.318 -3.837  1.00 16.65 ? 48   ILE A N   1 
ATOM   301  C  CA  . ILE A 1 48  ? -8.999  -18.666 -2.937  1.00 16.09 ? 48   ILE A CA  1 
ATOM   302  C  C   . ILE A 1 48  ? -10.086 -19.444 -3.711  1.00 16.29 ? 48   ILE A C   1 
ATOM   303  O  O   . ILE A 1 48  ? -10.235 -19.266 -4.919  1.00 16.42 ? 48   ILE A O   1 
ATOM   304  C  CB  . ILE A 1 48  ? -9.596  -17.394 -2.303  1.00 17.58 ? 48   ILE A CB  1 
ATOM   305  C  CG1 . ILE A 1 48  ? -10.268 -16.528 -3.369  1.00 17.57 ? 48   ILE A CG1 1 
ATOM   306  C  CG2 . ILE A 1 48  ? -8.466  -16.570 -1.529  1.00 16.18 ? 48   ILE A CG2 1 
ATOM   307  C  CD1 . ILE A 1 48  ? -10.978 -15.227 -2.769  1.00 14.19 ? 48   ILE A CD1 1 
ATOM   308  N  N   . SER A 1 49  ? -10.812 -20.331 -3.040  1.00 17.18 ? 49   SER A N   1 
ATOM   309  C  CA  . SER A 1 49  ? -11.823 -21.068 -3.745  1.00 17.22 ? 49   SER A CA  1 
ATOM   310  C  C   . SER A 1 49  ? -12.920 -21.510 -2.813  1.00 18.03 ? 49   SER A C   1 
ATOM   311  O  O   . SER A 1 49  ? -12.827 -21.381 -1.609  1.00 15.12 ? 49   SER A O   1 
ATOM   312  C  CB  . SER A 1 49  ? -11.197 -22.321 -4.377  1.00 20.30 ? 49   SER A CB  1 
ATOM   313  O  OG  . SER A 1 49  ? -10.550 -23.109 -3.377  1.00 21.02 ? 49   SER A OG  1 
ATOM   314  N  N   . LYS A 1 50  ? -13.977 -22.051 -3.406  1.00 18.56 ? 50   LYS A N   1 
ATOM   315  C  CA  . LYS A 1 50  ? -15.065 -22.630 -2.622  1.00 19.78 ? 50   LYS A CA  1 
ATOM   316  C  C   . LYS A 1 50  ? -15.590 -21.834 -1.419  1.00 20.74 ? 50   LYS A C   1 
ATOM   317  O  O   . LYS A 1 50  ? -15.518 -22.272 -0.255  1.00 20.18 ? 50   LYS A O   1 
ATOM   318  C  CB  . LYS A 1 50  ? -14.631 -24.049 -2.214  1.00 23.01 ? 50   LYS A CB  1 
ATOM   319  C  CG  . LYS A 1 50  ? -14.227 -24.928 -3.402  1.00 21.92 ? 50   LYS A CG  1 
ATOM   320  C  CD  . LYS A 1 50  ? -13.899 -26.337 -2.983  1.00 25.61 ? 50   LYS A CD  1 
ATOM   321  C  CE  . LYS A 1 50  ? -13.288 -27.117 -4.150  1.00 27.26 ? 50   LYS A CE  1 
ATOM   322  N  N   . GLY A 1 51  ? -16.194 -20.686 -1.735  1.00 20.72 ? 51   GLY A N   1 
ATOM   323  C  CA  . GLY A 1 51  ? -16.795 -19.823 -0.725  1.00 19.77 ? 51   GLY A CA  1 
ATOM   324  C  C   . GLY A 1 51  ? -15.885 -19.133 0.294   1.00 18.60 ? 51   GLY A C   1 
ATOM   325  O  O   . GLY A 1 51  ? -16.391 -18.584 1.270   1.00 18.89 ? 51   GLY A O   1 
ATOM   326  N  N   . PHE A 1 52  ? -14.573 -19.140 0.071   1.00 16.03 ? 52   PHE A N   1 
ATOM   327  C  CA  . PHE A 1 52  ? -13.640 -18.476 0.984   1.00 16.19 ? 52   PHE A CA  1 
ATOM   328  C  C   . PHE A 1 52  ? -13.968 -16.980 0.929   1.00 16.36 ? 52   PHE A C   1 
ATOM   329  O  O   . PHE A 1 52  ? -14.176 -16.445 -0.156  1.00 17.48 ? 52   PHE A O   1 
ATOM   330  C  CB  . PHE A 1 52  ? -12.184 -18.694 0.511   1.00 18.00 ? 52   PHE A CB  1 
ATOM   331  C  CG  . PHE A 1 52  ? -11.174 -18.379 1.562   1.00 18.38 ? 52   PHE A CG  1 
ATOM   332  C  CD1 . PHE A 1 52  ? -10.793 -19.341 2.502   1.00 16.43 ? 52   PHE A CD1 1 
ATOM   333  C  CD2 . PHE A 1 52  ? -10.624 -17.092 1.643   1.00 17.75 ? 52   PHE A CD2 1 
ATOM   334  C  CE1 . PHE A 1 52  ? -9.864  -19.015 3.517   1.00 17.27 ? 52   PHE A CE1 1 
ATOM   335  C  CE2 . PHE A 1 52  ? -9.703  -16.750 2.648   1.00 18.41 ? 52   PHE A CE2 1 
ATOM   336  C  CZ  . PHE A 1 52  ? -9.315  -17.709 3.585   1.00 17.35 ? 52   PHE A CZ  1 
ATOM   337  N  N   . CYS A 1 53  ? -14.083 -16.347 2.098   1.00 16.56 ? 53   CYS A N   1 
ATOM   338  C  CA  . CYS A 1 53  ? -14.408 -14.906 2.181   1.00 17.06 ? 53   CYS A CA  1 
ATOM   339  C  C   . CYS A 1 53  ? -13.213 -14.149 2.704   1.00 16.57 ? 53   CYS A C   1 
ATOM   340  O  O   . CYS A 1 53  ? -12.671 -14.494 3.768   1.00 17.23 ? 53   CYS A O   1 
ATOM   341  C  CB  . CYS A 1 53  ? -15.556 -14.677 3.150   1.00 19.65 ? 53   CYS A CB  1 
ATOM   342  S  SG  . CYS A 1 53  ? -17.161 -15.306 2.577   1.00 22.38 ? 53   CYS A SG  1 
ATOM   343  N  N   . VAL A 1 54  ? -12.817 -13.091 2.004   1.00 15.67 ? 54   VAL A N   1 
ATOM   344  C  CA  . VAL A 1 54  ? -11.622 -12.388 2.454   1.00 16.25 ? 54   VAL A CA  1 
ATOM   345  C  C   . VAL A 1 54  ? -11.521 -10.932 2.067   1.00 15.89 ? 54   VAL A C   1 
ATOM   346  O  O   . VAL A 1 54  ? -11.932 -10.540 0.984   1.00 14.46 ? 54   VAL A O   1 
ATOM   347  C  CB  . VAL A 1 54  ? -10.339 -13.128 1.948   1.00 18.23 ? 54   VAL A CB  1 
ATOM   348  C  CG1 . VAL A 1 54  ? -10.180 -12.971 0.436   1.00 17.08 ? 54   VAL A CG1 1 
ATOM   349  C  CG2 . VAL A 1 54  ? -9.111  -12.594 2.614   1.00 17.53 ? 54   VAL A CG2 1 
ATOM   350  N  N   . GLY A 1 55  ? -11.017 -10.149 3.022   1.00 16.57 ? 55   GLY A N   1 
ATOM   351  C  CA  . GLY A 1 55  ? -10.746 -8.723  2.837   1.00 18.33 ? 55   GLY A CA  1 
ATOM   352  C  C   . GLY A 1 55  ? -9.285  -8.415  3.160   1.00 17.11 ? 55   GLY A C   1 
ATOM   353  O  O   . GLY A 1 55  ? -8.464  -9.337  3.315   1.00 18.42 ? 55   GLY A O   1 
ATOM   354  N  N   . LEU A 1 56  ? -8.940  -7.135  3.297   1.00 18.25 ? 56   LEU A N   1 
ATOM   355  C  CA  . LEU A 1 56  ? -7.545  -6.743  3.589   1.00 16.81 ? 56   LEU A CA  1 
ATOM   356  C  C   . LEU A 1 56  ? -7.406  -5.695  4.683   1.00 17.48 ? 56   LEU A C   1 
ATOM   357  O  O   . LEU A 1 56  ? -8.203  -4.763  4.736   1.00 16.49 ? 56   LEU A O   1 
ATOM   358  C  CB  . LEU A 1 56  ? -6.885  -6.070  2.363   1.00 16.15 ? 56   LEU A CB  1 
ATOM   359  C  CG  . LEU A 1 56  ? -6.843  -6.884  1.075   1.00 13.34 ? 56   LEU A CG  1 
ATOM   360  C  CD1 . LEU A 1 56  ? -6.383  -6.003  -0.099  1.00 15.98 ? 56   LEU A CD1 1 
ATOM   361  C  CD2 . LEU A 1 56  ? -5.896  -8.057  1.245   1.00 15.55 ? 56   LEU A CD2 1 
ATOM   362  N  N   . ASP A 1 57  ? -6.380  -5.843  5.519   1.00 18.40 ? 57   ASP A N   1 
ATOM   363  C  CA  . ASP A 1 57  ? -6.032  -4.803  6.491   1.00 17.85 ? 57   ASP A CA  1 
ATOM   364  C  C   . ASP A 1 57  ? -4.677  -4.261  6.066   1.00 20.08 ? 57   ASP A C   1 
ATOM   365  O  O   . ASP A 1 57  ? -3.857  -5.010  5.502   1.00 17.36 ? 57   ASP A O   1 
ATOM   366  C  CB  . ASP A 1 57  ? -5.835  -5.335  7.903   1.00 20.10 ? 57   ASP A CB  1 
ATOM   367  C  CG  . ASP A 1 57  ? -7.095  -5.853  8.512   1.00 21.23 ? 57   ASP A CG  1 
ATOM   368  O  OD1 . ASP A 1 57  ? -8.161  -5.272  8.219   1.00 21.28 ? 57   ASP A OD1 1 
ATOM   369  O  OD2 . ASP A 1 57  ? -7.001  -6.849  9.287   1.00 23.35 ? 57   ASP A OD2 1 
ATOM   370  N  N   . GLY A 1 58  ? -4.419  -2.982  6.368   1.00 19.08 ? 58   GLY A N   1 
ATOM   371  C  CA  . GLY A 1 58  ? -3.117  -2.409  6.049   1.00 19.96 ? 58   GLY A CA  1 
ATOM   372  C  C   . GLY A 1 58  ? -2.526  -1.651  7.232   1.00 20.14 ? 58   GLY A C   1 
ATOM   373  O  O   . GLY A 1 58  ? -3.262  -1.170  8.109   1.00 19.22 ? 58   GLY A O   1 
ATOM   374  N  N   . LYS A 1 59  ? -1.201  -1.524  7.249   1.00 19.49 ? 59   LYS A N   1 
ATOM   375  C  CA  . LYS A 1 59  ? -0.503  -0.815  8.322   1.00 20.47 ? 59   LYS A CA  1 
ATOM   376  C  C   . LYS A 1 59  ? 0.719   -0.099  7.802   1.00 19.85 ? 59   LYS A C   1 
ATOM   377  O  O   . LYS A 1 59  ? 1.504   -0.689  7.066   1.00 19.58 ? 59   LYS A O   1 
ATOM   378  C  CB  . LYS A 1 59  ? -0.053  -1.795  9.426   1.00 22.49 ? 59   LYS A CB  1 
ATOM   379  C  CG  . LYS A 1 59  ? 0.548   -1.156  10.675  1.00 19.92 ? 59   LYS A CG  1 
ATOM   380  C  CD  . LYS A 1 59  ? 0.668   -2.188  11.808  1.00 22.10 ? 59   LYS A CD  1 
ATOM   381  C  CE  . LYS A 1 59  ? 1.780   -3.216  11.629  1.00 21.88 ? 59   LYS A CE  1 
ATOM   382  N  NZ  . LYS A 1 59  ? 3.156   -2.666  11.898  1.00 24.75 ? 59   LYS A NZ  1 
ATOM   383  N  N   . VAL A 1 60  ? 0.862   1.174   8.173   1.00 17.98 ? 60   VAL A N   1 
ATOM   384  C  CA  . VAL A 1 60  ? 2.017   1.946   7.792   1.00 17.00 ? 60   VAL A CA  1 
ATOM   385  C  C   . VAL A 1 60  ? 2.873   2.151   9.071   1.00 18.05 ? 60   VAL A C   1 
ATOM   386  O  O   . VAL A 1 60  ? 2.353   2.527   10.122  1.00 19.09 ? 60   VAL A O   1 
ATOM   387  C  CB  . VAL A 1 60  ? 1.607   3.314   7.211   1.00 18.42 ? 60   VAL A CB  1 
ATOM   388  C  CG1 . VAL A 1 60  ? 2.846   4.107   6.799   1.00 19.25 ? 60   VAL A CG1 1 
ATOM   389  C  CG2 . VAL A 1 60  ? 0.761   3.103   6.001   1.00 17.04 ? 60   VAL A CG2 1 
ATOM   390  N  N   . ASP A 1 61  ? 4.176   1.888   8.944   1.00 18.69 ? 61   ASP A N   1 
ATOM   391  C  CA  . ASP A 1 61  ? 5.143   1.989   10.041  1.00 19.60 ? 61   ASP A CA  1 
ATOM   392  C  C   . ASP A 1 61  ? 5.922   3.285   10.115  1.00 20.17 ? 61   ASP A C   1 
ATOM   393  O  O   . ASP A 1 61  ? 6.605   3.587   11.115  1.00 20.84 ? 61   ASP A O   1 
ATOM   394  C  CB  . ASP A 1 61  ? 6.109   0.814   9.944   1.00 22.08 ? 61   ASP A CB  1 
ATOM   395  C  CG  . ASP A 1 61  ? 5.378   -0.523  9.967   1.00 23.73 ? 61   ASP A CG  1 
ATOM   396  O  OD1 . ASP A 1 61  ? 4.290   -0.586  10.611  1.00 25.54 ? 61   ASP A OD1 1 
ATOM   397  O  OD2 . ASP A 1 61  ? 5.895   -1.499  9.374   1.00 22.57 ? 61   ASP A OD2 1 
ATOM   398  N  N   . LEU A 1 62  ? 5.824   4.062   9.045   1.00 18.60 ? 62   LEU A N   1 
ATOM   399  C  CA  . LEU A 1 62  ? 6.505   5.350   8.960   1.00 18.39 ? 62   LEU A CA  1 
ATOM   400  C  C   . LEU A 1 62  ? 5.852   6.323   9.905   1.00 16.71 ? 62   LEU A C   1 
ATOM   401  O  O   . LEU A 1 62  ? 4.657   6.261   10.107  1.00 17.74 ? 62   LEU A O   1 
ATOM   402  C  CB  . LEU A 1 62  ? 6.377   5.931   7.549   1.00 16.74 ? 62   LEU A CB  1 
ATOM   403  C  CG  . LEU A 1 62  ? 7.076   5.186   6.411   1.00 19.18 ? 62   LEU A CG  1 
ATOM   404  C  CD1 . LEU A 1 62  ? 6.567   5.703   5.071   1.00 22.32 ? 62   LEU A CD1 1 
ATOM   405  C  CD2 . LEU A 1 62  ? 8.637   5.397   6.562   1.00 20.31 ? 62   LEU A CD2 1 
ATOM   406  N  N   . PRO A 1 63  ? 6.634   7.236   10.494  1.00 19.21 ? 63   PRO A N   1 
ATOM   407  C  CA  . PRO A 1 63  ? 6.084   8.230   11.413  1.00 19.36 ? 63   PRO A CA  1 
ATOM   408  C  C   . PRO A 1 63  ? 5.118   9.191   10.727  1.00 19.99 ? 63   PRO A C   1 
ATOM   409  O  O   . PRO A 1 63  ? 5.271   9.552   9.536   1.00 19.34 ? 63   PRO A O   1 
ATOM   410  C  CB  . PRO A 1 63  ? 7.335   8.938   11.962  1.00 21.02 ? 63   PRO A CB  1 
ATOM   411  C  CG  . PRO A 1 63  ? 8.291   8.878   10.800  1.00 22.24 ? 63   PRO A CG  1 
ATOM   412  C  CD  . PRO A 1 63  ? 8.043   7.511   10.163  1.00 20.03 ? 63   PRO A CD  1 
ATOM   413  N  N   . VAL A 1 64  ? 4.076   9.580   11.452  1.00 19.31 ? 64   VAL A N   1 
ATOM   414  C  CA  . VAL A 1 64  ? 3.128   10.546  10.911  1.00 19.54 ? 64   VAL A CA  1 
ATOM   415  C  C   . VAL A 1 64  ? 3.693   11.942  11.249  1.00 20.26 ? 64   VAL A C   1 
ATOM   416  O  O   . VAL A 1 64  ? 4.019   12.258  12.416  1.00 19.19 ? 64   VAL A O   1 
ATOM   417  C  CB  . VAL A 1 64  ? 1.712   10.357  11.521  1.00 21.60 ? 64   VAL A CB  1 
ATOM   418  C  CG1 . VAL A 1 64  ? 0.782   11.455  11.007  1.00 21.14 ? 64   VAL A CG1 1 
ATOM   419  C  CG2 . VAL A 1 64  ? 1.139   8.978   11.146  1.00 23.21 ? 64   VAL A CG2 1 
ATOM   420  N  N   . VAL A 1 65  ? 3.837   12.785  10.233  1.00 20.99 ? 65   VAL A N   1 
ATOM   421  C  CA  . VAL A 1 65  ? 4.386   14.097  10.459  1.00 21.70 ? 65   VAL A CA  1 
ATOM   422  C  C   . VAL A 1 65  ? 3.434   15.250  10.201  1.00 22.54 ? 65   VAL A C   1 
ATOM   423  O  O   . VAL A 1 65  ? 3.819   16.431  10.274  1.00 22.61 ? 65   VAL A O   1 
ATOM   424  C  CB  . VAL A 1 65  ? 5.653   14.247  9.648   1.00 20.76 ? 65   VAL A CB  1 
ATOM   425  C  CG1 . VAL A 1 65  ? 6.630   13.166  10.085  1.00 22.49 ? 65   VAL A CG1 1 
ATOM   426  C  CG2 . VAL A 1 65  ? 5.352   14.143  8.140   1.00 20.17 ? 65   VAL A CG2 1 
ATOM   427  N  N   . GLY A 1 66  ? 2.180   14.906  9.925   1.00 23.55 ? 66   GLY A N   1 
ATOM   428  C  CA  . GLY A 1 66  ? 1.166   15.915  9.659   1.00 23.38 ? 66   GLY A CA  1 
ATOM   429  C  C   . GLY A 1 66  ? -0.002  15.253  8.974   1.00 25.97 ? 66   GLY A C   1 
ATOM   430  O  O   . GLY A 1 66  ? -0.038  14.037  8.955   1.00 24.13 ? 66   GLY A O   1 
ATOM   431  N  N   . SER A 1 67  ? -0.955  16.032  8.440   1.00 27.40 ? 67   SER A N   1 
ATOM   432  C  CA  . SER A 1 67  ? -2.102  15.463  7.728   1.00 30.23 ? 67   SER A CA  1 
ATOM   433  C  C   . SER A 1 67  ? -2.644  16.473  6.721   1.00 31.05 ? 67   SER A C   1 
ATOM   434  O  O   . SER A 1 67  ? -2.256  17.635  6.733   1.00 31.01 ? 67   SER A O   1 
ATOM   435  C  CB  . SER A 1 67  ? -3.211  15.023  8.707   1.00 32.89 ? 67   SER A CB  1 
ATOM   436  O  OG  . SER A 1 67  ? -4.151  16.052  8.983   1.00 35.40 ? 67   SER A OG  1 
ATOM   437  N  N   . LEU A 1 68  ? -3.476  15.991  5.800   1.00 30.32 ? 68   LEU A N   1 
ATOM   438  C  CA  . LEU A 1 68  ? -4.113  16.820  4.776   1.00 29.61 ? 68   LEU A CA  1 
ATOM   439  C  C   . LEU A 1 68  ? -5.425  16.077  4.496   1.00 29.45 ? 68   LEU A C   1 
ATOM   440  O  O   . LEU A 1 68  ? -5.445  14.834  4.335   1.00 26.38 ? 68   LEU A O   1 
ATOM   441  C  CB  . LEU A 1 68  ? -3.254  16.919  3.496   1.00 30.14 ? 68   LEU A CB  1 
ATOM   442  N  N   . ASP A 1 69  ? -6.518  16.827  4.581   1.00 27.13 ? 69   ASP A N   1 
ATOM   443  C  CA  . ASP A 1 69  ? -7.838  16.303  4.312   1.00 29.51 ? 69   ASP A CA  1 
ATOM   444  C  C   . ASP A 1 69  ? -8.265  14.957  4.925   1.00 29.60 ? 69   ASP A C   1 
ATOM   445  O  O   . ASP A 1 69  ? -8.973  14.161  4.285   1.00 27.61 ? 69   ASP A O   1 
ATOM   446  C  CB  . ASP A 1 69  ? -8.013  16.292  2.804   1.00 32.10 ? 69   ASP A CB  1 
ATOM   447  C  CG  . ASP A 1 69  ? -7.916  17.699  2.219   1.00 33.86 ? 69   ASP A CG  1 
ATOM   448  O  OD1 . ASP A 1 69  ? -8.795  18.532  2.515   1.00 36.48 ? 69   ASP A OD1 1 
ATOM   449  O  OD2 . ASP A 1 69  ? -6.962  17.983  1.482   1.00 36.41 ? 69   ASP A OD2 1 
ATOM   450  N  N   . GLY A 1 70  ? -7.837  14.725  6.170   1.00 30.08 ? 70   GLY A N   1 
ATOM   451  C  CA  . GLY A 1 70  ? -8.216  13.525  6.891   1.00 28.94 ? 70   GLY A CA  1 
ATOM   452  C  C   . GLY A 1 70  ? -7.245  12.381  6.799   1.00 28.97 ? 70   GLY A C   1 
ATOM   453  O  O   . GLY A 1 70  ? -7.423  11.368  7.490   1.00 27.51 ? 70   GLY A O   1 
ATOM   454  N  N   . GLN A 1 71  ? -6.223  12.549  5.950   1.00 26.77 ? 71   GLN A N   1 
ATOM   455  C  CA  . GLN A 1 71  ? -5.211  11.522  5.707   1.00 26.79 ? 71   GLN A CA  1 
ATOM   456  C  C   . GLN A 1 71  ? -3.796  11.948  6.222   1.00 24.25 ? 71   GLN A C   1 
ATOM   457  O  O   . GLN A 1 71  ? -3.376  13.098  6.067   1.00 24.35 ? 71   GLN A O   1 
ATOM   458  C  CB  . GLN A 1 71  ? -5.258  11.219  4.190   1.00 26.99 ? 71   GLN A CB  1 
ATOM   459  C  CG  . GLN A 1 71  ? -3.986  11.193  3.405   1.00 27.14 ? 71   GLN A CG  1 
ATOM   460  C  CD  . GLN A 1 71  ? -4.231  10.690  1.982   1.00 25.15 ? 71   GLN A CD  1 
ATOM   461  O  OE1 . GLN A 1 71  ? -3.662  9.689   1.557   1.00 25.60 ? 71   GLN A OE1 1 
ATOM   462  N  NE2 . GLN A 1 71  ? -5.081  11.383  1.248   1.00 23.54 ? 71   GLN A NE2 1 
ATOM   463  N  N   . SER A 1 72  ? -3.087  11.009  6.839   1.00 23.68 ? 72   SER A N   1 
ATOM   464  C  CA  . SER A 1 72  ? -1.760  11.328  7.368   1.00 22.76 ? 72   SER A CA  1 
ATOM   465  C  C   . SER A 1 72  ? -0.690  11.654  6.306   1.00 21.23 ? 72   SER A C   1 
ATOM   466  O  O   . SER A 1 72  ? -0.733  11.164  5.199   1.00 20.93 ? 72   SER A O   1 
ATOM   467  C  CB  . SER A 1 72  ? -1.247  10.159  8.203   1.00 25.48 ? 72   SER A CB  1 
ATOM   468  O  OG  . SER A 1 72  ? -2.074  9.926   9.323   1.00 27.29 ? 72   SER A OG  1 
ATOM   469  N  N   . ILE A 1 73  ? 0.255   12.515  6.640   1.00 20.73 ? 73   ILE A N   1 
ATOM   470  C  CA  . ILE A 1 73  ? 1.403   12.727  5.755   1.00 18.44 ? 73   ILE A CA  1 
ATOM   471  C  C   . ILE A 1 73  ? 2.407   11.877  6.514   1.00 17.52 ? 73   ILE A C   1 
ATOM   472  O  O   . ILE A 1 73  ? 2.587   12.097  7.733   1.00 19.35 ? 73   ILE A O   1 
ATOM   473  C  CB  . ILE A 1 73  ? 1.938   14.168  5.793   1.00 18.53 ? 73   ILE A CB  1 
ATOM   474  C  CG1 . ILE A 1 73  ? 0.932   15.094  5.124   1.00 18.87 ? 73   ILE A CG1 1 
ATOM   475  C  CG2 . ILE A 1 73  ? 3.323   14.270  5.070   1.00 18.78 ? 73   ILE A CG2 1 
ATOM   476  C  CD1 . ILE A 1 73  ? 1.114   16.533  5.500   1.00 20.29 ? 73   ILE A CD1 1 
ATOM   477  N  N   . TYR A 1 74  ? 3.031   10.892  5.850   1.00 14.82 ? 74   TYR A N   1 
ATOM   478  C  CA  . TYR A 1 74  ? 4.026   10.059  6.535   1.00 16.53 ? 74   TYR A CA  1 
ATOM   479  C  C   . TYR A 1 74  ? 5.423   10.605  6.202   1.00 16.91 ? 74   TYR A C   1 
ATOM   480  O  O   . TYR A 1 74  ? 5.701   10.962  5.064   1.00 17.82 ? 74   TYR A O   1 
ATOM   481  C  CB  . TYR A 1 74  ? 3.895   8.619   6.068   1.00 16.18 ? 74   TYR A CB  1 
ATOM   482  C  CG  . TYR A 1 74  ? 2.629   7.958   6.598   1.00 16.21 ? 74   TYR A CG  1 
ATOM   483  C  CD1 . TYR A 1 74  ? 2.589   7.380   7.871   1.00 14.48 ? 74   TYR A CD1 1 
ATOM   484  C  CD2 . TYR A 1 74  ? 1.458   7.929   5.819   1.00 16.50 ? 74   TYR A CD2 1 
ATOM   485  C  CE1 . TYR A 1 74  ? 1.406   6.773   8.348   1.00 14.95 ? 74   TYR A CE1 1 
ATOM   486  C  CE2 . TYR A 1 74  ? 0.299   7.353   6.284   1.00 17.98 ? 74   TYR A CE2 1 
ATOM   487  C  CZ  . TYR A 1 74  ? 0.279   6.767   7.553   1.00 17.21 ? 74   TYR A CZ  1 
ATOM   488  O  OH  . TYR A 1 74  ? -0.874  6.167   7.976   1.00 17.23 ? 74   TYR A OH  1 
ATOM   489  N  N   . GLY A 1 75  ? 6.302   10.684  7.194   1.00 17.71 ? 75   GLY A N   1 
ATOM   490  C  CA  . GLY A 1 75  ? 7.613   11.229  6.911   1.00 16.01 ? 75   GLY A CA  1 
ATOM   491  C  C   . GLY A 1 75  ? 8.656   10.250  6.358   1.00 18.76 ? 75   GLY A C   1 
ATOM   492  O  O   . GLY A 1 75  ? 8.730   9.094   6.764   1.00 17.61 ? 75   GLY A O   1 
ATOM   493  N  N   . LEU A 1 76  ? 9.458   10.711  5.401   1.00 18.52 ? 76   LEU A N   1 
ATOM   494  C  CA  . LEU A 1 76  ? 10.556  9.866   4.861   1.00 19.67 ? 76   LEU A CA  1 
ATOM   495  C  C   . LEU A 1 76  ? 11.875  10.490  5.294   1.00 21.25 ? 76   LEU A C   1 
ATOM   496  O  O   . LEU A 1 76  ? 12.776  9.815   5.790   1.00 22.53 ? 76   LEU A O   1 
ATOM   497  C  CB  . LEU A 1 76  ? 10.515  9.833   3.385   1.00 21.46 ? 76   LEU A CB  1 
ATOM   498  C  CG  . LEU A 1 76  ? 9.467   8.915   2.773   1.00 22.02 ? 76   LEU A CG  1 
ATOM   499  C  CD1 . LEU A 1 76  ? 9.527   9.111   1.267   1.00 22.65 ? 76   LEU A CD1 1 
ATOM   500  C  CD2 . LEU A 1 76  ? 9.777   7.421   3.138   1.00 23.89 ? 76   LEU A CD2 1 
ATOM   501  N  N   . THR A 1 77  ? 11.977  11.788  5.096   1.00 22.72 ? 77   THR A N   1 
ATOM   502  C  CA  . THR A 1 77  ? 13.162  12.559  5.461   1.00 24.84 ? 77   THR A CA  1 
ATOM   503  C  C   . THR A 1 77  ? 12.676  13.935  5.859   1.00 25.21 ? 77   THR A C   1 
ATOM   504  O  O   . THR A 1 77  ? 11.492  14.224  5.799   1.00 25.56 ? 77   THR A O   1 
ATOM   505  C  CB  . THR A 1 77  ? 14.142  12.716  4.265   1.00 24.07 ? 77   THR A CB  1 
ATOM   506  O  OG1 . THR A 1 77  ? 13.578  13.612  3.307   1.00 23.96 ? 77   THR A OG1 1 
ATOM   507  C  CG2 . THR A 1 77  ? 14.391  11.365  3.571   1.00 23.45 ? 77   THR A CG2 1 
ATOM   508  N  N   . GLU A 1 78  ? 13.596  14.808  6.244   1.00 26.88 ? 78   GLU A N   1 
ATOM   509  C  CA  . GLU A 1 78  ? 13.212  16.160  6.657   1.00 26.49 ? 78   GLU A CA  1 
ATOM   510  C  C   . GLU A 1 78  ? 12.490  16.935  5.553   1.00 26.33 ? 78   GLU A C   1 
ATOM   511  O  O   . GLU A 1 78  ? 11.633  17.796  5.805   1.00 26.15 ? 78   GLU A O   1 
ATOM   512  C  CB  . GLU A 1 78  ? 14.476  16.930  7.071   1.00 29.38 ? 78   GLU A CB  1 
ATOM   513  N  N   . GLU A 1 79  ? 12.865  16.636  4.322   1.00 25.34 ? 79   GLU A N   1 
ATOM   514  C  CA  . GLU A 1 79  ? 12.322  17.319  3.165   1.00 24.29 ? 79   GLU A CA  1 
ATOM   515  C  C   . GLU A 1 79  ? 11.183  16.639  2.455   1.00 21.96 ? 79   GLU A C   1 
ATOM   516  O  O   . GLU A 1 79  ? 10.388  17.309  1.812   1.00 21.92 ? 79   GLU A O   1 
ATOM   517  C  CB  . GLU A 1 79  ? 13.465  17.556  2.170   1.00 24.08 ? 79   GLU A CB  1 
ATOM   518  C  CG  . GLU A 1 79  ? 14.558  18.390  2.759   1.00 30.04 ? 79   GLU A CG  1 
ATOM   519  C  CD  . GLU A 1 79  ? 15.807  18.399  1.918   1.00 34.96 ? 79   GLU A CD  1 
ATOM   520  O  OE1 . GLU A 1 79  ? 15.966  17.498  1.060   1.00 37.18 ? 79   GLU A OE1 1 
ATOM   521  O  OE2 . GLU A 1 79  ? 16.639  19.306  2.132   1.00 38.24 ? 79   GLU A OE2 1 
ATOM   522  N  N   . VAL A 1 80  ? 11.090  15.315  2.567   1.00 20.55 ? 80   VAL A N   1 
ATOM   523  C  CA  . VAL A 1 80  ? 10.054  14.599  1.824   1.00 20.17 ? 80   VAL A CA  1 
ATOM   524  C  C   . VAL A 1 80  ? 9.155   13.730  2.664   1.00 19.66 ? 80   VAL A C   1 
ATOM   525  O  O   . VAL A 1 80  ? 9.649   13.034  3.571   1.00 19.74 ? 80   VAL A O   1 
ATOM   526  C  CB  . VAL A 1 80  ? 10.690  13.691  0.723   1.00 19.31 ? 80   VAL A CB  1 
ATOM   527  C  CG1 . VAL A 1 80  ? 9.610   12.917  -0.029  1.00 19.25 ? 80   VAL A CG1 1 
ATOM   528  C  CG2 . VAL A 1 80  ? 11.533  14.511  -0.214  1.00 20.91 ? 80   VAL A CG2 1 
ATOM   529  N  N   . GLY A 1 81  ? 7.853   13.829  2.361   1.00 19.24 ? 81   GLY A N   1 
ATOM   530  C  CA  . GLY A 1 81  ? 6.818   13.038  3.018   1.00 17.99 ? 81   GLY A CA  1 
ATOM   531  C  C   . GLY A 1 81  ? 5.959   12.291  1.988   1.00 18.04 ? 81   GLY A C   1 
ATOM   532  O  O   . GLY A 1 81  ? 6.142   12.454  0.789   1.00 18.33 ? 81   GLY A O   1 
ATOM   533  N  N   . LEU A 1 82  ? 4.974   11.515  2.457   1.00 17.38 ? 82   LEU A N   1 
ATOM   534  C  CA  . LEU A 1 82  ? 4.132   10.740  1.580   1.00 16.49 ? 82   LEU A CA  1 
ATOM   535  C  C   . LEU A 1 82  ? 2.664   10.673  1.986   1.00 16.76 ? 82   LEU A C   1 
ATOM   536  O  O   . LEU A 1 82  ? 2.376   10.558  3.153   1.00 17.40 ? 82   LEU A O   1 
ATOM   537  C  CB  . LEU A 1 82  ? 4.554   9.247   1.572   1.00 16.34 ? 82   LEU A CB  1 
ATOM   538  C  CG  . LEU A 1 82  ? 5.889   8.771   0.972   1.00 16.70 ? 82   LEU A CG  1 
ATOM   539  C  CD1 . LEU A 1 82  ? 5.965   7.226   0.996   1.00 17.68 ? 82   LEU A CD1 1 
ATOM   540  C  CD2 . LEU A 1 82  ? 6.016   9.251   -0.433  1.00 18.24 ? 82   LEU A CD2 1 
ATOM   541  N  N   . LEU A 1 83  ? 1.763   10.674  1.000   1.00 15.58 ? 83   LEU A N   1 
ATOM   542  C  CA  . LEU A 1 83  ? 0.352   10.401  1.293   1.00 15.74 ? 83   LEU A CA  1 
ATOM   543  C  C   . LEU A 1 83  ? 0.301   8.951   0.787   1.00 15.89 ? 83   LEU A C   1 
ATOM   544  O  O   . LEU A 1 83  ? 0.875   8.642   -0.251  1.00 16.29 ? 83   LEU A O   1 
ATOM   545  C  CB  . LEU A 1 83  ? -0.584  11.215  0.432   1.00 15.33 ? 83   LEU A CB  1 
ATOM   546  C  CG  . LEU A 1 83  ? -0.458  12.698  0.741   1.00 18.30 ? 83   LEU A CG  1 
ATOM   547  C  CD1 . LEU A 1 83  ? -1.352  13.391  -0.260  1.00 17.49 ? 83   LEU A CD1 1 
ATOM   548  C  CD2 . LEU A 1 83  ? -0.849  13.006  2.137   1.00 18.88 ? 83   LEU A CD2 1 
ATOM   549  N  N   . ILE A 1 84  ? -0.396  8.080   1.494   1.00 16.09 ? 84   ILE A N   1 
ATOM   550  C  CA  . ILE A 1 84  ? -0.397  6.667   1.145   1.00 14.55 ? 84   ILE A CA  1 
ATOM   551  C  C   . ILE A 1 84  ? -1.786  6.053   1.078   1.00 15.83 ? 84   ILE A C   1 
ATOM   552  O  O   . ILE A 1 84  ? -2.685  6.421   1.856   1.00 15.09 ? 84   ILE A O   1 
ATOM   553  C  CB  . ILE A 1 84  ? 0.467   5.886   2.228   1.00 15.13 ? 84   ILE A CB  1 
ATOM   554  C  CG1 . ILE A 1 84  ? 1.902   6.482   2.256   1.00 14.07 ? 84   ILE A CG1 1 
ATOM   555  C  CG2 . ILE A 1 84  ? 0.479   4.357   1.961   1.00 14.41 ? 84   ILE A CG2 1 
ATOM   556  C  CD1 . ILE A 1 84  ? 2.930   5.851   3.308   1.00 16.30 ? 84   ILE A CD1 1 
ATOM   557  N  N   . TRP A 1 85  ? -1.952  5.119   0.147   1.00 14.58 ? 85   TRP A N   1 
ATOM   558  C  CA  . TRP A 1 85  ? -3.204  4.393   0.007   1.00 14.92 ? 85   TRP A CA  1 
ATOM   559  C  C   . TRP A 1 85  ? -2.901  2.904   -0.082  1.00 14.97 ? 85   TRP A C   1 
ATOM   560  O  O   . TRP A 1 85  ? -1.908  2.481   -0.686  1.00 15.52 ? 85   TRP A O   1 
ATOM   561  C  CB  . TRP A 1 85  ? -3.986  4.802   -1.268  1.00 14.40 ? 85   TRP A CB  1 
ATOM   562  C  CG  . TRP A 1 85  ? -4.526  6.173   -1.313  1.00 15.52 ? 85   TRP A CG  1 
ATOM   563  C  CD1 . TRP A 1 85  ? -5.818  6.557   -1.077  1.00 18.01 ? 85   TRP A CD1 1 
ATOM   564  C  CD2 . TRP A 1 85  ? -3.796  7.375   -1.613  1.00 18.18 ? 85   TRP A CD2 1 
ATOM   565  N  NE1 . TRP A 1 85  ? -5.936  7.935   -1.209  1.00 16.26 ? 85   TRP A NE1 1 
ATOM   566  C  CE2 . TRP A 1 85  ? -4.712  8.454   -1.538  1.00 16.97 ? 85   TRP A CE2 1 
ATOM   567  C  CE3 . TRP A 1 85  ? -2.460  7.642   -1.938  1.00 17.55 ? 85   TRP A CE3 1 
ATOM   568  C  CZ2 . TRP A 1 85  ? -4.333  9.756   -1.773  1.00 18.79 ? 85   TRP A CZ2 1 
ATOM   569  C  CZ3 . TRP A 1 85  ? -2.078  8.955   -2.180  1.00 21.01 ? 85   TRP A CZ3 1 
ATOM   570  C  CH2 . TRP A 1 85  ? -3.017  10.003  -2.090  1.00 20.12 ? 85   TRP A CH2 1 
ATOM   571  N  N   . MET A 1 86  ? -3.742  2.093   0.548   1.00 15.74 ? 86   MET A N   1 
ATOM   572  C  CA  . MET A 1 86  ? -3.570  0.652   0.438   1.00 15.92 ? 86   MET A CA  1 
ATOM   573  C  C   . MET A 1 86  ? -4.954  0.094   0.188   1.00 15.25 ? 86   MET A C   1 
ATOM   574  O  O   . MET A 1 86  ? -5.969  0.682   0.607   1.00 15.62 ? 86   MET A O   1 
ATOM   575  C  CB  . MET A 1 86  ? -2.994  0.061   1.730   1.00 16.02 ? 86   MET A CB  1 
ATOM   576  C  CG  . MET A 1 86  ? -1.598  0.495   2.045   1.00 16.05 ? 86   MET A CG  1 
ATOM   577  S  SD  . MET A 1 86  ? -1.140  -0.155  3.668   1.00 18.83 ? 86   MET A SD  1 
ATOM   578  C  CE  . MET A 1 86  ? 0.624   -0.259  3.425   1.00 18.03 ? 86   MET A CE  1 
ATOM   579  N  N   . GLY A 1 87  ? -5.039  -1.019  -0.525  1.00 14.47 ? 87   GLY A N   1 
ATOM   580  C  CA  . GLY A 1 87  ? -6.347  -1.549  -0.794  1.00 15.64 ? 87   GLY A CA  1 
ATOM   581  C  C   . GLY A 1 87  ? -6.355  -2.744  -1.700  1.00 16.53 ? 87   GLY A C   1 
ATOM   582  O  O   . GLY A 1 87  ? -5.322  -3.427  -1.836  1.00 14.70 ? 87   GLY A O   1 
ATOM   583  N  N   . ASP A 1 88  ? -7.547  -3.026  -2.245  1.00 14.46 ? 88   ASP A N   1 
ATOM   584  C  CA  . ASP A 1 88  ? -7.744  -4.119  -3.198  1.00 15.87 ? 88   ASP A CA  1 
ATOM   585  C  C   . ASP A 1 88  ? -6.940  -3.812  -4.477  1.00 15.00 ? 88   ASP A C   1 
ATOM   586  O  O   . ASP A 1 88  ? -6.327  -2.723  -4.634  1.00 15.53 ? 88   ASP A O   1 
ATOM   587  C  CB  . ASP A 1 88  ? -9.246  -4.297  -3.509  1.00 14.72 ? 88   ASP A CB  1 
ATOM   588  C  CG  . ASP A 1 88  ? -9.564  -5.609  -4.238  1.00 15.64 ? 88   ASP A CG  1 
ATOM   589  O  OD1 . ASP A 1 88  ? -8.814  -6.623  -4.083  1.00 18.22 ? 88   ASP A OD1 1 
ATOM   590  O  OD2 . ASP A 1 88  ? -10.596 -5.613  -4.950  1.00 17.26 ? 88   ASP A OD2 1 
ATOM   591  N  N   . THR A 1 89  ? -6.904  -4.782  -5.383  1.00 15.80 ? 89   THR A N   1 
ATOM   592  C  CA  . THR A 1 89  ? -6.080  -4.652  -6.598  1.00 17.71 ? 89   THR A CA  1 
ATOM   593  C  C   . THR A 1 89  ? -6.145  -3.345  -7.393  1.00 16.79 ? 89   THR A C   1 
ATOM   594  O  O   . THR A 1 89  ? -5.130  -2.694  -7.620  1.00 16.76 ? 89   THR A O   1 
ATOM   595  C  CB  . THR A 1 89  ? -6.379  -5.839  -7.549  1.00 17.82 ? 89   THR A CB  1 
ATOM   596  O  OG1 . THR A 1 89  ? -6.236  -7.059  -6.814  1.00 17.86 ? 89   THR A OG1 1 
ATOM   597  C  CG2 . THR A 1 89  ? -5.429  -5.849  -8.718  1.00 16.63 ? 89   THR A CG2 1 
ATOM   598  N  N   . LYS A 1 90  ? -7.341  -2.950  -7.802  1.00 16.25 ? 90   LYS A N   1 
ATOM   599  C  CA  . LYS A 1 90  ? -7.512  -1.741  -8.592  1.00 17.87 ? 90   LYS A CA  1 
ATOM   600  C  C   . LYS A 1 90  ? -7.160  -0.463  -7.830  1.00 17.14 ? 90   LYS A C   1 
ATOM   601  O  O   . LYS A 1 90  ? -7.663  -0.204  -6.738  1.00 16.47 ? 90   LYS A O   1 
ATOM   602  C  CB  . LYS A 1 90  ? -8.939  -1.697  -9.151  1.00 21.34 ? 90   LYS A CB  1 
ATOM   603  C  CG  . LYS A 1 90  ? -9.065  -2.754  -10.250 1.00 25.89 ? 90   LYS A CG  1 
ATOM   604  C  CD  . LYS A 1 90  ? -10.439 -2.866  -10.831 1.00 28.95 ? 90   LYS A CD  1 
ATOM   605  C  CE  . LYS A 1 90  ? -10.481 -4.101  -11.730 1.00 32.44 ? 90   LYS A CE  1 
ATOM   606  N  NZ  . LYS A 1 90  ? -11.788 -4.279  -12.390 1.00 34.68 ? 90   LYS A NZ  1 
ATOM   607  N  N   . TYR A 1 91  ? -6.295  0.349   -8.420  1.00 17.98 ? 91   TYR A N   1 
ATOM   608  C  CA  . TYR A 1 91  ? -5.890  1.547   -7.715  1.00 19.45 ? 91   TYR A CA  1 
ATOM   609  C  C   . TYR A 1 91  ? -7.036  2.450   -7.222  1.00 18.01 ? 91   TYR A C   1 
ATOM   610  O  O   . TYR A 1 91  ? -6.931  3.040   -6.166  1.00 17.26 ? 91   TYR A O   1 
ATOM   611  C  CB  . TYR A 1 91  ? -4.928  2.342   -8.581  1.00 18.74 ? 91   TYR A CB  1 
ATOM   612  C  CG  . TYR A 1 91  ? -3.519  1.767   -8.592  1.00 18.95 ? 91   TYR A CG  1 
ATOM   613  C  CD1 . TYR A 1 91  ? -2.946  1.301   -9.774  1.00 20.02 ? 91   TYR A CD1 1 
ATOM   614  C  CD2 . TYR A 1 91  ? -2.767  1.704   -7.418  1.00 18.87 ? 91   TYR A CD2 1 
ATOM   615  C  CE1 . TYR A 1 91  ? -1.630  0.789   -9.790  1.00 19.67 ? 91   TYR A CE1 1 
ATOM   616  C  CE2 . TYR A 1 91  ? -1.469  1.193   -7.417  1.00 19.56 ? 91   TYR A CE2 1 
ATOM   617  C  CZ  . TYR A 1 91  ? -0.909  0.745   -8.608  1.00 20.47 ? 91   TYR A CZ  1 
ATOM   618  O  OH  . TYR A 1 91  ? 0.381   0.272   -8.604  1.00 21.27 ? 91   TYR A OH  1 
ATOM   619  N  N   . SER A 1 92  ? -8.120  2.557   -7.973  1.00 18.99 ? 92   SER A N   1 
ATOM   620  C  CA  . SER A 1 92  ? -9.202  3.459   -7.522  1.00 19.73 ? 92   SER A CA  1 
ATOM   621  C  C   . SER A 1 92  ? -9.882  2.994   -6.263  1.00 17.60 ? 92   SER A C   1 
ATOM   622  O  O   . SER A 1 92  ? -10.625 3.769   -5.665  1.00 15.96 ? 92   SER A O   1 
ATOM   623  C  CB  . SER A 1 92  ? -10.267 3.684   -8.612  1.00 20.78 ? 92   SER A CB  1 
ATOM   624  O  OG  . SER A 1 92  ? -10.855 2.461   -8.967  1.00 23.00 ? 92   SER A OG  1 
ATOM   625  N  N   . ARG A 1 93  ? -9.656  1.748   -5.862  1.00 16.50 ? 93   ARG A N   1 
ATOM   626  C  CA  . ARG A 1 93  ? -10.282 1.257   -4.649  1.00 19.53 ? 93   ARG A CA  1 
ATOM   627  C  C   . ARG A 1 93  ? -9.424  1.464   -3.405  1.00 18.02 ? 93   ARG A C   1 
ATOM   628  O  O   . ARG A 1 93  ? -9.765  1.007   -2.317  1.00 18.29 ? 93   ARG A O   1 
ATOM   629  C  CB  . ARG A 1 93  ? -10.633 -0.211  -4.800  1.00 24.66 ? 93   ARG A CB  1 
ATOM   630  C  CG  . ARG A 1 93  ? -11.906 -0.252  -5.644  1.00 30.10 ? 93   ARG A CG  1 
ATOM   631  C  CD  . ARG A 1 93  ? -12.225 -1.578  -6.157  1.00 34.93 ? 93   ARG A CD  1 
ATOM   632  N  NE  . ARG A 1 93  ? -12.973 -1.432  -7.401  1.00 39.03 ? 93   ARG A NE  1 
ATOM   633  C  CZ  . ARG A 1 93  ? -13.329 -2.453  -8.151  1.00 39.39 ? 93   ARG A CZ  1 
ATOM   634  N  NH1 . ARG A 1 93  ? -13.012 -3.678  -7.773  1.00 40.61 ? 93   ARG A NH1 1 
ATOM   635  N  NH2 . ARG A 1 93  ? -13.963 -2.241  -9.296  1.00 43.23 ? 93   ARG A NH2 1 
ATOM   636  N  N   . GLY A 1 94  ? -8.307  2.147   -3.580  1.00 17.53 ? 94   GLY A N   1 
ATOM   637  C  CA  . GLY A 1 94  ? -7.428  2.378   -2.437  1.00 16.76 ? 94   GLY A CA  1 
ATOM   638  C  C   . GLY A 1 94  ? -8.055  3.148   -1.283  1.00 17.15 ? 94   GLY A C   1 
ATOM   639  O  O   . GLY A 1 94  ? -8.931  4.023   -1.451  1.00 16.17 ? 94   GLY A O   1 
ATOM   640  N  N   . THR A 1 95  ? -7.581  2.821   -0.086  1.00 16.14 ? 95   THR A N   1 
ATOM   641  C  CA  . THR A 1 95  ? -8.048  3.431   1.155   1.00 15.04 ? 95   THR A CA  1 
ATOM   642  C  C   . THR A 1 95  ? -6.935  4.311   1.681   1.00 15.06 ? 95   THR A C   1 
ATOM   643  O  O   . THR A 1 95  ? -5.814  3.843   1.889   1.00 15.73 ? 95   THR A O   1 
ATOM   644  C  CB  . THR A 1 95  ? -8.371  2.334   2.169   1.00 17.30 ? 95   THR A CB  1 
ATOM   645  O  OG1 . THR A 1 95  ? -9.434  1.538   1.659   1.00 18.24 ? 95   THR A OG1 1 
ATOM   646  C  CG2 . THR A 1 95  ? -8.775  2.920   3.507   1.00 16.97 ? 95   THR A CG2 1 
ATOM   647  N  N   . ALA A 1 96  ? -7.236  5.591   1.869   1.00 14.93 ? 96   ALA A N   1 
ATOM   648  C  CA  . ALA A 1 96  ? -6.249  6.522   2.404   1.00 16.47 ? 96   ALA A CA  1 
ATOM   649  C  C   . ALA A 1 96  ? -5.834  6.094   3.819   1.00 17.41 ? 96   ALA A C   1 
ATOM   650  O  O   . ALA A 1 96  ? -6.681  5.880   4.695   1.00 16.34 ? 96   ALA A O   1 
ATOM   651  C  CB  . ALA A 1 96  ? -6.845  7.941   2.416   1.00 17.25 ? 96   ALA A CB  1 
ATOM   652  N  N   . MET A 1 97  ? -4.528  6.030   4.054   1.00 15.09 ? 97   MET A N   1 
ATOM   653  C  CA  . MET A 1 97  ? -4.018  5.607   5.331   1.00 17.86 ? 97   MET A CA  1 
ATOM   654  C  C   . MET A 1 97  ? -3.825  6.705   6.333   1.00 18.88 ? 97   MET A C   1 
ATOM   655  O  O   . MET A 1 97  ? -3.367  7.808   6.001   1.00 17.00 ? 97   MET A O   1 
ATOM   656  C  CB  . MET A 1 97  ? -2.688  4.895   5.154   1.00 18.80 ? 97   MET A CB  1 
ATOM   657  C  CG  . MET A 1 97  ? -2.820  3.639   4.308   1.00 19.15 ? 97   MET A CG  1 
ATOM   658  S  SD  . MET A 1 97  ? -3.998  2.381   4.974   1.00 21.84 ? 97   MET A SD  1 
ATOM   659  C  CE  . MET A 1 97  ? -3.088  1.824   6.372   1.00 20.40 ? 97   MET A CE  1 
ATOM   660  N  N   . SER A 1 98  ? -4.164  6.369   7.570   1.00 18.67 ? 98   SER A N   1 
ATOM   661  C  CA  . SER A 1 98  ? -3.948  7.265   8.692   1.00 20.95 ? 98   SER A CA  1 
ATOM   662  C  C   . SER A 1 98  ? -3.425  6.454   9.864   1.00 21.86 ? 98   SER A C   1 
ATOM   663  O  O   . SER A 1 98  ? -3.835  5.309   10.105  1.00 24.00 ? 98   SER A O   1 
ATOM   664  C  CB  . SER A 1 98  ? -5.238  7.978   9.063   1.00 22.94 ? 98   SER A CB  1 
ATOM   665  O  OG  . SER A 1 98  ? -5.436  9.046   8.142   1.00 27.71 ? 98   SER A OG  1 
ATOM   666  N  N   . GLY A 1 99  ? -2.505  7.030   10.596  1.00 22.78 ? 99   GLY A N   1 
ATOM   667  C  CA  . GLY A 1 99  ? -1.990  6.332   11.756  1.00 20.80 ? 99   GLY A CA  1 
ATOM   668  C  C   . GLY A 1 99  ? -1.031  5.192   11.498  1.00 19.42 ? 99   GLY A C   1 
ATOM   669  O  O   . GLY A 1 99  ? -0.612  4.932   10.376  1.00 17.81 ? 99   GLY A O   1 
ATOM   670  N  N   . ASN A 1 100 ? -0.708  4.505   12.584  1.00 18.81 ? 100  ASN A N   1 
ATOM   671  C  CA  . ASN A 1 100 ? 0.249   3.402   12.551  1.00 19.44 ? 100  ASN A CA  1 
ATOM   672  C  C   . ASN A 1 100 ? -0.325  2.049   12.922  1.00 18.99 ? 100  ASN A C   1 
ATOM   673  O  O   . ASN A 1 100 ? 0.439   1.102   13.168  1.00 20.56 ? 100  ASN A O   1 
ATOM   674  C  CB  . ASN A 1 100 ? 1.397   3.754   13.490  1.00 19.88 ? 100  ASN A CB  1 
ATOM   675  C  CG  . ASN A 1 100 ? 2.144   5.009   13.034  1.00 21.69 ? 100  ASN A CG  1 
ATOM   676  O  OD1 . ASN A 1 100 ? 2.303   5.985   13.795  1.00 21.26 ? 100  ASN A OD1 1 
ATOM   677  N  ND2 . ASN A 1 100 ? 2.596   4.990   11.772  1.00 18.32 ? 100  ASN A ND2 1 
ATOM   678  N  N   . SER A 1 101 ? -1.643  1.954   12.991  1.00 19.89 ? 101  SER A N   1 
ATOM   679  C  CA  . SER A 1 101 ? -2.330  0.712   13.360  1.00 20.31 ? 101  SER A CA  1 
ATOM   680  C  C   . SER A 1 101 ? -2.860  -0.020  12.144  1.00 21.05 ? 101  SER A C   1 
ATOM   681  O  O   . SER A 1 101 ? -2.956  0.542   11.056  1.00 19.35 ? 101  SER A O   1 
ATOM   682  C  CB  . SER A 1 101 ? -3.536  1.021   14.249  1.00 24.19 ? 101  SER A CB  1 
ATOM   683  O  OG  . SER A 1 101 ? -3.184  1.740   15.421  1.00 25.67 ? 101  SER A OG  1 
ATOM   684  N  N   . TRP A 1 102 ? -3.261  -1.263  12.347  1.00 21.50 ? 102  TRP A N   1 
ATOM   685  C  CA  . TRP A 1 102 ? -3.844  -2.051  11.258  1.00 21.52 ? 102  TRP A CA  1 
ATOM   686  C  C   . TRP A 1 102 ? -5.181  -1.377  10.957  1.00 22.47 ? 102  TRP A C   1 
ATOM   687  O  O   . TRP A 1 102 ? -5.951  -1.054  11.893  1.00 23.74 ? 102  TRP A O   1 
ATOM   688  C  CB  . TRP A 1 102 ? -4.076  -3.507  11.714  1.00 20.97 ? 102  TRP A CB  1 
ATOM   689  C  CG  . TRP A 1 102 ? -2.855  -4.304  11.731  1.00 20.90 ? 102  TRP A CG  1 
ATOM   690  C  CD1 . TRP A 1 102 ? -2.150  -4.742  12.848  1.00 20.62 ? 102  TRP A CD1 1 
ATOM   691  C  CD2 . TRP A 1 102 ? -2.136  -4.769  10.601  1.00 21.54 ? 102  TRP A CD2 1 
ATOM   692  N  NE1 . TRP A 1 102 ? -1.060  -5.446  12.463  1.00 21.16 ? 102  TRP A NE1 1 
ATOM   693  C  CE2 . TRP A 1 102 ? -1.017  -5.484  11.086  1.00 21.40 ? 102  TRP A CE2 1 
ATOM   694  C  CE3 . TRP A 1 102 ? -2.318  -4.648  9.206   1.00 20.82 ? 102  TRP A CE3 1 
ATOM   695  C  CZ2 . TRP A 1 102 ? -0.090  -6.087  10.230  1.00 21.27 ? 102  TRP A CZ2 1 
ATOM   696  C  CZ3 . TRP A 1 102 ? -1.386  -5.244  8.365   1.00 21.55 ? 102  TRP A CZ3 1 
ATOM   697  C  CH2 . TRP A 1 102 ? -0.285  -5.952  8.887   1.00 21.43 ? 102  TRP A CH2 1 
ATOM   698  N  N   . GLU A 1 103 ? -5.470  -1.125  9.682   1.00 20.17 ? 103  GLU A N   1 
ATOM   699  C  CA  . GLU A 1 103 ? -6.741  -0.480  9.344   1.00 21.33 ? 103  GLU A CA  1 
ATOM   700  C  C   . GLU A 1 103 ? -7.418  -1.306  8.264   1.00 21.08 ? 103  GLU A C   1 
ATOM   701  O  O   . GLU A 1 103 ? -6.745  -1.947  7.472   1.00 19.21 ? 103  GLU A O   1 
ATOM   702  C  CB  . GLU A 1 103 ? -6.484  0.941   8.839   1.00 24.47 ? 103  GLU A CB  1 
ATOM   703  C  CG  . GLU A 1 103 ? -5.911  1.865   9.910   1.00 29.78 ? 103  GLU A CG  1 
ATOM   704  C  CD  . GLU A 1 103 ? -6.813  1.910   11.129  1.00 33.34 ? 103  GLU A CD  1 
ATOM   705  O  OE1 . GLU A 1 103 ? -8.052  1.851   10.938  1.00 36.27 ? 103  GLU A OE1 1 
ATOM   706  O  OE2 . GLU A 1 103 ? -6.303  2.001   12.278  1.00 36.32 ? 103  GLU A OE2 1 
ATOM   707  N  N   . ASN A 1 104 ? -8.745  -1.314  8.240   1.00 20.09 ? 104  ASN A N   1 
ATOM   708  C  CA  . ASN A 1 104 ? -9.467  -2.066  7.218   1.00 19.37 ? 104  ASN A CA  1 
ATOM   709  C  C   . ASN A 1 104 ? -9.307  -1.313  5.915   1.00 19.38 ? 104  ASN A C   1 
ATOM   710  O  O   . ASN A 1 104 ? -9.734  -0.128  5.816   1.00 20.28 ? 104  ASN A O   1 
ATOM   711  C  CB  . ASN A 1 104 ? -10.933 -2.188  7.650   1.00 20.60 ? 104  ASN A CB  1 
ATOM   712  C  CG  . ASN A 1 104 ? -11.830 -2.839  6.598   1.00 22.53 ? 104  ASN A CG  1 
ATOM   713  O  OD1 . ASN A 1 104 ? -11.389 -3.342  5.558   1.00 22.78 ? 104  ASN A OD1 1 
ATOM   714  N  ND2 . ASN A 1 104 ? -13.143 -2.826  6.886   1.00 28.03 ? 104  ASN A ND2 1 
ATOM   715  N  N   . VAL A 1 105 ? -8.674  -1.932  4.921   1.00 17.53 ? 105  VAL A N   1 
ATOM   716  C  CA  . VAL A 1 105 ? -8.474  -1.230  3.616   1.00 16.52 ? 105  VAL A CA  1 
ATOM   717  C  C   . VAL A 1 105 ? -9.247  -1.807  2.403   1.00 16.88 ? 105  VAL A C   1 
ATOM   718  O  O   . VAL A 1 105 ? -9.196  -1.274  1.275   1.00 17.83 ? 105  VAL A O   1 
ATOM   719  C  CB  . VAL A 1 105 ? -6.936  -1.073  3.306   1.00 16.58 ? 105  VAL A CB  1 
ATOM   720  C  CG1 . VAL A 1 105 ? -6.299  -0.291  4.462   1.00 17.13 ? 105  VAL A CG1 1 
ATOM   721  C  CG2 . VAL A 1 105 ? -6.231  -2.451  3.130   1.00 18.04 ? 105  VAL A CG2 1 
ATOM   722  N  N   . PHE A 1 106 ? -9.917  -2.934  2.637   1.00 17.06 ? 106  PHE A N   1 
ATOM   723  C  CA  . PHE A 1 106 ? -10.773 -3.576  1.644   1.00 16.60 ? 106  PHE A CA  1 
ATOM   724  C  C   . PHE A 1 106 ? -11.761 -4.390  2.443   1.00 18.50 ? 106  PHE A C   1 
ATOM   725  O  O   . PHE A 1 106 ? -11.383 -5.363  3.104   1.00 18.05 ? 106  PHE A O   1 
ATOM   726  C  CB  . PHE A 1 106 ? -9.971  -4.471  0.689   1.00 16.84 ? 106  PHE A CB  1 
ATOM   727  C  CG  . PHE A 1 106 ? -10.842 -5.311  -0.252  1.00 19.34 ? 106  PHE A CG  1 
ATOM   728  C  CD1 . PHE A 1 106 ? -11.938 -4.754  -0.915  1.00 18.83 ? 106  PHE A CD1 1 
ATOM   729  C  CD2 . PHE A 1 106 ? -10.499 -6.628  -0.531  1.00 18.29 ? 106  PHE A CD2 1 
ATOM   730  C  CE1 . PHE A 1 106 ? -12.677 -5.482  -1.838  1.00 20.59 ? 106  PHE A CE1 1 
ATOM   731  C  CE2 . PHE A 1 106 ? -11.224 -7.387  -1.458  1.00 20.85 ? 106  PHE A CE2 1 
ATOM   732  C  CZ  . PHE A 1 106 ? -12.327 -6.807  -2.117  1.00 20.63 ? 106  PHE A CZ  1 
ATOM   733  N  N   . SER A 1 107 ? -13.019 -3.967  2.403   1.00 19.43 ? 107  SER A N   1 
ATOM   734  C  CA  . SER A 1 107 ? -14.089 -4.616  3.155   1.00 21.43 ? 107  SER A CA  1 
ATOM   735  C  C   . SER A 1 107 ? -14.206 -6.112  2.851   1.00 21.69 ? 107  SER A C   1 
ATOM   736  O  O   . SER A 1 107 ? -14.606 -6.870  3.741   1.00 22.86 ? 107  SER A O   1 
ATOM   737  C  CB  . SER A 1 107 ? -15.437 -3.909  2.901   1.00 24.18 ? 107  SER A CB  1 
ATOM   738  O  OG  . SER A 1 107 ? -15.753 -3.946  1.515   1.00 28.62 ? 107  SER A OG  1 
ATOM   739  N  N   . GLY A 1 108 ? -13.906 -6.527  1.615   1.00 18.45 ? 108  GLY A N   1 
ATOM   740  C  CA  . GLY A 1 108 ? -13.911 -7.947  1.301   1.00 18.94 ? 108  GLY A CA  1 
ATOM   741  C  C   . GLY A 1 108 ? -14.914 -8.509  0.318   1.00 18.66 ? 108  GLY A C   1 
ATOM   742  O  O   . GLY A 1 108 ? -15.863 -7.848  -0.076  1.00 17.00 ? 108  GLY A O   1 
ATOM   743  N  N   . TRP A 1 109 ? -14.640 -9.739  -0.117  1.00 17.63 ? 109  TRP A N   1 
ATOM   744  C  CA  . TRP A 1 109 ? -15.555 -10.444 -0.997  1.00 18.94 ? 109  TRP A CA  1 
ATOM   745  C  C   . TRP A 1 109 ? -15.467 -11.934 -0.719  1.00 18.74 ? 109  TRP A C   1 
ATOM   746  O  O   . TRP A 1 109 ? -14.550 -12.390 -0.026  1.00 17.99 ? 109  TRP A O   1 
ATOM   747  C  CB  . TRP A 1 109 ? -15.267 -10.185 -2.466  1.00 16.46 ? 109  TRP A CB  1 
ATOM   748  C  CG  . TRP A 1 109 ? -14.085 -10.909 -3.049  1.00 20.84 ? 109  TRP A CG  1 
ATOM   749  C  CD1 . TRP A 1 109 ? -12.773 -10.773 -2.687  1.00 20.88 ? 109  TRP A CD1 1 
ATOM   750  C  CD2 . TRP A 1 109 ? -14.101 -11.786 -4.177  1.00 19.56 ? 109  TRP A CD2 1 
ATOM   751  N  NE1 . TRP A 1 109 ? -11.970 -11.508 -3.536  1.00 20.35 ? 109  TRP A NE1 1 
ATOM   752  C  CE2 . TRP A 1 109 ? -12.760 -12.133 -4.461  1.00 19.65 ? 109  TRP A CE2 1 
ATOM   753  C  CE3 . TRP A 1 109 ? -15.114 -12.303 -4.982  1.00 19.22 ? 109  TRP A CE3 1 
ATOM   754  C  CZ2 . TRP A 1 109 ? -12.411 -12.968 -5.522  1.00 18.84 ? 109  TRP A CZ2 1 
ATOM   755  C  CZ3 . TRP A 1 109 ? -14.765 -13.130 -6.038  1.00 19.85 ? 109  TRP A CZ3 1 
ATOM   756  C  CH2 . TRP A 1 109 ? -13.415 -13.456 -6.294  1.00 21.50 ? 109  TRP A CH2 1 
ATOM   757  N  N   . CYS A 1 110 ? -16.442 -12.666 -1.243  1.00 18.87 ? 110  CYS A N   1 
ATOM   758  C  CA  . CYS A 1 110 ? -16.443 -14.102 -1.089  1.00 19.68 ? 110  CYS A CA  1 
ATOM   759  C  C   . CYS A 1 110 ? -16.454 -14.688 -2.510  1.00 20.32 ? 110  CYS A C   1 
ATOM   760  O  O   . CYS A 1 110 ? -17.235 -14.247 -3.372  1.00 18.87 ? 110  CYS A O   1 
ATOM   761  C  CB  . CYS A 1 110 ? -17.680 -14.540 -0.332  1.00 22.58 ? 110  CYS A CB  1 
ATOM   762  S  SG  . CYS A 1 110 ? -17.879 -13.866 1.339   1.00 24.79 ? 110  CYS A SG  1 
ATOM   763  N  N   . VAL A 1 111 ? -15.601 -15.674 -2.768  1.00 18.86 ? 111  VAL A N   1 
ATOM   764  C  CA  . VAL A 1 111 ? -15.547 -16.324 -4.073  1.00 17.90 ? 111  VAL A CA  1 
ATOM   765  C  C   . VAL A 1 111 ? -16.692 -17.344 -4.038  1.00 19.10 ? 111  VAL A C   1 
ATOM   766  O  O   . VAL A 1 111 ? -17.112 -17.750 -2.949  1.00 19.14 ? 111  VAL A O   1 
ATOM   767  C  CB  . VAL A 1 111 ? -14.153 -16.990 -4.316  1.00 17.71 ? 111  VAL A CB  1 
ATOM   768  C  CG1 . VAL A 1 111 ? -13.893 -18.149 -3.337  1.00 16.18 ? 111  VAL A CG1 1 
ATOM   769  C  CG2 . VAL A 1 111 ? -14.062 -17.475 -5.796  1.00 16.52 ? 111  VAL A CG2 1 
ATOM   770  N  N   . GLY A 1 112 ? -17.238 -17.694 -5.202  1.00 17.73 ? 112  GLY A N   1 
ATOM   771  C  CA  . GLY A 1 112 ? -18.344 -18.654 -5.193  1.00 19.11 ? 112  GLY A CA  1 
ATOM   772  C  C   . GLY A 1 112 ? -18.109 -20.020 -4.566  1.00 19.33 ? 112  GLY A C   1 
ATOM   773  O  O   . GLY A 1 112 ? -16.970 -20.512 -4.461  1.00 19.09 ? 112  GLY A O   1 
ATOM   774  N  N   . ALA A 1 113 ? -19.205 -20.669 -4.161  1.00 18.77 ? 113  ALA A N   1 
ATOM   775  C  CA  . ALA A 1 113 ? -19.110 -21.959 -3.485  1.00 21.22 ? 113  ALA A CA  1 
ATOM   776  C  C   . ALA A 1 113 ? -18.413 -22.991 -4.335  1.00 21.73 ? 113  ALA A C   1 
ATOM   777  O  O   . ALA A 1 113 ? -17.805 -23.937 -3.808  1.00 21.86 ? 113  ALA A O   1 
ATOM   778  C  CB  . ALA A 1 113 ? -20.521 -22.470 -3.110  1.00 21.24 ? 113  ALA A CB  1 
ATOM   779  N  N   . ASN A 1 114 ? -18.492 -22.831 -5.658  1.00 22.40 ? 114  ASN A N   1 
ATOM   780  C  CA  . ASN A 1 114 ? -17.905 -23.829 -6.508  1.00 25.03 ? 114  ASN A CA  1 
ATOM   781  C  C   . ASN A 1 114 ? -16.978 -23.302 -7.559  1.00 24.91 ? 114  ASN A C   1 
ATOM   782  O  O   . ASN A 1 114 ? -16.871 -23.851 -8.650  1.00 24.14 ? 114  ASN A O   1 
ATOM   783  C  CB  . ASN A 1 114 ? -19.005 -24.681 -7.113  1.00 30.65 ? 114  ASN A CB  1 
ATOM   784  C  CG  . ASN A 1 114 ? -19.472 -25.758 -6.150  1.00 33.34 ? 114  ASN A CG  1 
ATOM   785  O  OD1 . ASN A 1 114 ? -18.683 -26.635 -5.759  1.00 36.43 ? 114  ASN A OD1 1 
ATOM   786  N  ND2 . ASN A 1 114 ? -20.734 -25.690 -5.738  1.00 35.32 ? 114  ASN A ND2 1 
ATOM   787  N  N   . THR A 1 115 ? -16.300 -22.219 -7.226  1.00 23.45 ? 115  THR A N   1 
ATOM   788  C  CA  . THR A 1 115 ? -15.348 -21.721 -8.190  1.00 24.04 ? 115  THR A CA  1 
ATOM   789  C  C   . THR A 1 115 ? -14.082 -21.256 -7.496  1.00 23.06 ? 115  THR A C   1 
ATOM   790  O  O   . THR A 1 115 ? -13.956 -21.353 -6.271  1.00 19.88 ? 115  THR A O   1 
ATOM   791  C  CB  . THR A 1 115 ? -15.958 -20.637 -9.066  1.00 26.09 ? 115  THR A CB  1 
ATOM   792  O  OG1 . THR A 1 115 ? -15.134 -20.471 -10.228 1.00 31.06 ? 115  THR A OG1 1 
ATOM   793  C  CG2 . THR A 1 115 ? -16.086 -19.335 -8.312  1.00 23.62 ? 115  THR A CG2 1 
ATOM   794  N  N   . ALA A 1 116 ? -13.165 -20.722 -8.287  1.00 20.98 ? 116  ALA A N   1 
ATOM   795  C  CA  . ALA A 1 116 ? -11.875 -20.297 -7.757  1.00 19.54 ? 116  ALA A CA  1 
ATOM   796  C  C   . ALA A 1 116 ? -11.475 -18.970 -8.402  1.00 19.82 ? 116  ALA A C   1 
ATOM   797  O  O   . ALA A 1 116 ? -11.879 -18.651 -9.525  1.00 21.26 ? 116  ALA A O   1 
ATOM   798  C  CB  . ALA A 1 116 ? -10.849 -21.382 -8.087  1.00 20.24 ? 116  ALA A CB  1 
ATOM   799  N  N   . SER A 1 117 ? -10.678 -18.202 -7.685  1.00 18.70 ? 117  SER A N   1 
ATOM   800  C  CA  . SER A 1 117 ? -10.187 -16.936 -8.191  1.00 19.16 ? 117  SER A CA  1 
ATOM   801  C  C   . SER A 1 117 ? -8.964  -16.563 -7.362  1.00 18.33 ? 117  SER A C   1 
ATOM   802  O  O   . SER A 1 117 ? -8.339  -17.430 -6.764  1.00 19.85 ? 117  SER A O   1 
ATOM   803  C  CB  . SER A 1 117 ? -11.294 -15.866 -8.120  1.00 18.07 ? 117  SER A CB  1 
ATOM   804  O  OG  . SER A 1 117 ? -10.873 -14.671 -8.806  1.00 21.09 ? 117  SER A OG  1 
ATOM   805  N  N   . THR A 1 118 ? -8.568  -15.300 -7.361  1.00 19.49 ? 118  THR A N   1 
ATOM   806  C  CA  . THR A 1 118 ? -7.417  -14.893 -6.575  1.00 19.17 ? 118  THR A CA  1 
ATOM   807  C  C   . THR A 1 118 ? -7.753  -13.619 -5.808  1.00 18.56 ? 118  THR A C   1 
ATOM   808  O  O   . THR A 1 118 ? -8.752  -12.950 -6.083  1.00 17.45 ? 118  THR A O   1 
ATOM   809  C  CB  . THR A 1 118 ? -6.190  -14.557 -7.464  1.00 19.18 ? 118  THR A CB  1 
ATOM   810  O  OG1 . THR A 1 118 ? -6.603  -13.616 -8.460  1.00 19.41 ? 118  THR A OG1 1 
ATOM   811  C  CG2 . THR A 1 118 ? -5.623  -15.796 -8.142  1.00 17.97 ? 118  THR A CG2 1 
ATOM   812  N  N   . GLN A 1 119 ? -6.939  -13.298 -4.811  1.00 16.16 ? 119  GLN A N   1 
ATOM   813  C  CA  . GLN A 1 119 ? -7.162  -12.064 -4.061  1.00 15.97 ? 119  GLN A CA  1 
ATOM   814  C  C   . GLN A 1 119 ? -5.880  -11.286 -4.251  1.00 17.07 ? 119  GLN A C   1 
ATOM   815  O  O   . GLN A 1 119 ? -4.770  -11.843 -4.090  1.00 18.81 ? 119  GLN A O   1 
ATOM   816  C  CB  . GLN A 1 119 ? -7.423  -12.360 -2.575  1.00 17.17 ? 119  GLN A CB  1 
ATOM   817  C  CG  . GLN A 1 119 ? -7.403  -11.116 -1.664  1.00 15.35 ? 119  GLN A CG  1 
ATOM   818  C  CD  . GLN A 1 119 ? -8.447  -10.074 -2.119  1.00 19.47 ? 119  GLN A CD  1 
ATOM   819  O  OE1 . GLN A 1 119 ? -9.597  -10.433 -2.406  1.00 18.89 ? 119  GLN A OE1 1 
ATOM   820  N  NE2 . GLN A 1 119 ? -8.042  -8.796  -2.179  1.00 15.47 ? 119  GLN A NE2 1 
ATOM   821  N  N   . GLY A 1 120 ? -6.026  -10.012 -4.609  1.00 16.60 ? 120  GLY A N   1 
ATOM   822  C  CA  . GLY A 1 120 ? -4.885  -9.152  -4.858  1.00 17.03 ? 120  GLY A CA  1 
ATOM   823  C  C   . GLY A 1 120 ? -4.797  -7.952  -3.922  1.00 15.76 ? 120  GLY A C   1 
ATOM   824  O  O   . GLY A 1 120 ? -5.488  -7.884  -2.902  1.00 15.67 ? 120  GLY A O   1 
ATOM   825  N  N   . LEU A 1 121 ? -3.933  -7.007  -4.265  1.00 15.27 ? 121  LEU A N   1 
ATOM   826  C  CA  . LEU A 1 121 ? -3.789  -5.788  -3.491  1.00 15.03 ? 121  LEU A CA  1 
ATOM   827  C  C   . LEU A 1 121 ? -3.032  -4.715  -4.265  1.00 16.31 ? 121  LEU A C   1 
ATOM   828  O  O   . LEU A 1 121 ? -2.456  -4.978  -5.334  1.00 15.55 ? 121  LEU A O   1 
ATOM   829  C  CB  . LEU A 1 121 ? -3.053  -6.062  -2.161  1.00 14.38 ? 121  LEU A CB  1 
ATOM   830  C  CG  . LEU A 1 121 ? -1.720  -6.802  -2.302  1.00 17.04 ? 121  LEU A CG  1 
ATOM   831  C  CD1 . LEU A 1 121 ? -0.607  -5.821  -2.792  1.00 17.98 ? 121  LEU A CD1 1 
ATOM   832  C  CD2 . LEU A 1 121 ? -1.353  -7.435  -0.907  1.00 18.29 ? 121  LEU A CD2 1 
ATOM   833  N  N   . SER A 1 122 ? -3.044  -3.501  -3.717  1.00 16.78 ? 122  SER A N   1 
ATOM   834  C  CA  . SER A 1 122 ? -2.284  -2.413  -4.324  1.00 17.23 ? 122  SER A CA  1 
ATOM   835  C  C   . SER A 1 122 ? -1.876  -1.456  -3.236  1.00 15.99 ? 122  SER A C   1 
ATOM   836  O  O   . SER A 1 122 ? -2.573  -1.330  -2.211  1.00 17.05 ? 122  SER A O   1 
ATOM   837  C  CB  . SER A 1 122 ? -3.109  -1.660  -5.376  1.00 16.97 ? 122  SER A CB  1 
ATOM   838  O  OG  . SER A 1 122 ? -4.227  -1.070  -4.777  1.00 17.89 ? 122  SER A OG  1 
ATOM   839  N  N   . VAL A 1 123 ? -0.754  -0.780  -3.460  1.00 15.35 ? 123  VAL A N   1 
ATOM   840  C  CA  . VAL A 1 123 ? -0.244  0.244   -2.533  1.00 16.33 ? 123  VAL A CA  1 
ATOM   841  C  C   . VAL A 1 123 ? 0.157   1.392   -3.439  1.00 16.43 ? 123  VAL A C   1 
ATOM   842  O  O   . VAL A 1 123 ? 0.765   1.185   -4.499  1.00 16.17 ? 123  VAL A O   1 
ATOM   843  C  CB  . VAL A 1 123 ? 1.003   -0.205  -1.737  1.00 16.63 ? 123  VAL A CB  1 
ATOM   844  C  CG1 . VAL A 1 123 ? 1.469   0.915   -0.885  1.00 16.87 ? 123  VAL A CG1 1 
ATOM   845  C  CG2 . VAL A 1 123 ? 0.694   -1.441  -0.850  1.00 17.84 ? 123  VAL A CG2 1 
ATOM   846  N  N   . ARG A 1 124 ? -0.212  2.611   -3.063  1.00 17.32 ? 124  ARG A N   1 
ATOM   847  C  CA  . ARG A 1 124 ? 0.077   3.776   -3.891  1.00 16.88 ? 124  ARG A CA  1 
ATOM   848  C  C   . ARG A 1 124 ? 0.516   4.928   -3.003  1.00 19.50 ? 124  ARG A C   1 
ATOM   849  O  O   . ARG A 1 124 ? -0.015  5.109   -1.918  1.00 18.81 ? 124  ARG A O   1 
ATOM   850  C  CB  . ARG A 1 124 ? -1.194  4.196   -4.625  1.00 21.37 ? 124  ARG A CB  1 
ATOM   851  C  CG  . ARG A 1 124 ? -1.076  5.463   -5.425  1.00 23.16 ? 124  ARG A CG  1 
ATOM   852  C  CD  . ARG A 1 124 ? -2.347  5.617   -6.303  1.00 26.74 ? 124  ARG A CD  1 
ATOM   853  N  NE  . ARG A 1 124 ? -3.532  6.049   -5.549  1.00 25.01 ? 124  ARG A NE  1 
ATOM   854  C  CZ  . ARG A 1 124 ? -3.829  7.326   -5.297  1.00 27.94 ? 124  ARG A CZ  1 
ATOM   855  N  NH1 . ARG A 1 124 ? -3.042  8.292   -5.733  1.00 26.85 ? 124  ARG A NH1 1 
ATOM   856  N  NH2 . ARG A 1 124 ? -4.909  7.639   -4.603  1.00 27.46 ? 124  ARG A NH2 1 
ATOM   857  N  N   . VAL A 1 125 ? 1.468   5.718   -3.459  1.00 18.58 ? 125  VAL A N   1 
ATOM   858  C  CA  . VAL A 1 125 ? 1.854   6.835   -2.638  1.00 18.34 ? 125  VAL A CA  1 
ATOM   859  C  C   . VAL A 1 125 ? 2.064   8.044   -3.510  1.00 18.51 ? 125  VAL A C   1 
ATOM   860  O  O   . VAL A 1 125 ? 2.376   7.894   -4.666  1.00 18.26 ? 125  VAL A O   1 
ATOM   861  C  CB  . VAL A 1 125 ? 3.165   6.579   -1.834  1.00 18.04 ? 125  VAL A CB  1 
ATOM   862  C  CG1 . VAL A 1 125 ? 3.058   5.231   -1.053  1.00 17.46 ? 125  VAL A CG1 1 
ATOM   863  C  CG2 . VAL A 1 125 ? 4.412   6.603   -2.784  1.00 17.11 ? 125  VAL A CG2 1 
ATOM   864  N  N   . THR A 1 126 ? 1.856   9.249   -2.972  1.00 18.12 ? 126  THR A N   1 
ATOM   865  C  CA  . THR A 1 126 ? 2.156   10.439  -3.747  1.00 18.92 ? 126  THR A CA  1 
ATOM   866  C  C   . THR A 1 126 ? 3.113   11.246  -2.861  1.00 18.73 ? 126  THR A C   1 
ATOM   867  O  O   . THR A 1 126 ? 2.932   11.355  -1.633  1.00 19.66 ? 126  THR A O   1 
ATOM   868  C  CB  . THR A 1 126 ? 0.879   11.219  -4.199  1.00 21.53 ? 126  THR A CB  1 
ATOM   869  O  OG1 . THR A 1 126 ? 0.161   11.704  -3.075  1.00 23.00 ? 126  THR A OG1 1 
ATOM   870  C  CG2 . THR A 1 126 ? -0.057  10.314  -4.953  1.00 22.70 ? 126  THR A CG2 1 
ATOM   871  N  N   . PRO A 1 127 ? 4.172   11.788  -3.446  1.00 19.21 ? 127  PRO A N   1 
ATOM   872  C  CA  . PRO A 1 127 ? 5.128   12.566  -2.642  1.00 18.68 ? 127  PRO A CA  1 
ATOM   873  C  C   . PRO A 1 127 ? 4.654   13.958  -2.199  1.00 19.62 ? 127  PRO A C   1 
ATOM   874  O  O   . PRO A 1 127 ? 3.930   14.630  -2.928  1.00 19.93 ? 127  PRO A O   1 
ATOM   875  C  CB  . PRO A 1 127 ? 6.342   12.730  -3.574  1.00 19.72 ? 127  PRO A CB  1 
ATOM   876  C  CG  . PRO A 1 127 ? 6.024   11.930  -4.840  1.00 21.38 ? 127  PRO A CG  1 
ATOM   877  C  CD  . PRO A 1 127 ? 4.531   11.757  -4.884  1.00 17.64 ? 127  PRO A CD  1 
ATOM   878  N  N   . VAL A 1 128 ? 5.126   14.395  -1.025  1.00 20.58 ? 128  VAL A N   1 
ATOM   879  C  CA  . VAL A 1 128 ? 4.846   15.736  -0.480  1.00 21.79 ? 128  VAL A CA  1 
ATOM   880  C  C   . VAL A 1 128 ? 6.193   16.357  -0.114  1.00 22.73 ? 128  VAL A C   1 
ATOM   881  O  O   . VAL A 1 128 ? 7.041   15.686  0.486   1.00 22.04 ? 128  VAL A O   1 
ATOM   882  C  CB  . VAL A 1 128 ? 4.028   15.664  0.817   1.00 23.11 ? 128  VAL A CB  1 
ATOM   883  C  CG1 . VAL A 1 128 ? 3.587   17.063  1.239   1.00 24.12 ? 128  VAL A CG1 1 
ATOM   884  C  CG2 . VAL A 1 128 ? 2.821   14.758  0.607   1.00 23.83 ? 128  VAL A CG2 1 
ATOM   885  N  N   . ILE A 1 129 ? 6.439   17.585  -0.565  1.00 21.67 ? 129  ILE A N   1 
ATOM   886  C  CA  . ILE A 1 129 ? 7.667   18.291  -0.198  1.00 23.42 ? 129  ILE A CA  1 
ATOM   887  C  C   . ILE A 1 129 ? 7.346   19.015  1.106   1.00 22.77 ? 129  ILE A C   1 
ATOM   888  O  O   . ILE A 1 129 ? 6.376   19.749  1.175   1.00 23.91 ? 129  ILE A O   1 
ATOM   889  C  CB  . ILE A 1 129 ? 8.066   19.310  -1.276  1.00 24.89 ? 129  ILE A CB  1 
ATOM   890  C  CG1 . ILE A 1 129 ? 8.398   18.554  -2.549  1.00 26.54 ? 129  ILE A CG1 1 
ATOM   891  C  CG2 . ILE A 1 129 ? 9.303   20.098  -0.841  1.00 23.59 ? 129  ILE A CG2 1 
ATOM   892  C  CD1 . ILE A 1 129 ? 9.525   17.635  -2.332  1.00 29.62 ? 129  ILE A CD1 1 
ATOM   893  N  N   . LEU A 1 130 ? 8.162   18.799  2.133   1.00 24.62 ? 130  LEU A N   1 
ATOM   894  C  CA  . LEU A 1 130 ? 7.930   19.396  3.444   1.00 24.78 ? 130  LEU A CA  1 
ATOM   895  C  C   . LEU A 1 130 ? 8.817   20.603  3.688   1.00 26.01 ? 130  LEU A C   1 
ATOM   896  O  O   . LEU A 1 130 ? 8.409   21.577  4.317   1.00 25.77 ? 130  LEU A O   1 
ATOM   897  C  CB  . LEU A 1 130 ? 8.175   18.329  4.512   1.00 23.38 ? 130  LEU A CB  1 
ATOM   898  C  CG  . LEU A 1 130 ? 7.426   17.001  4.357   1.00 23.79 ? 130  LEU A CG  1 
ATOM   899  C  CD1 . LEU A 1 130 ? 7.923   16.048  5.457   1.00 24.59 ? 130  LEU A CD1 1 
ATOM   900  C  CD2 . LEU A 1 130 ? 5.893   17.230  4.452   1.00 24.34 ? 130  LEU A CD2 1 
ATOM   901  N  N   . LYS A 1 131 ? 10.046  20.522  3.197   1.00 26.14 ? 131  LYS A N   1 
ATOM   902  C  CA  . LYS A 1 131 ? 11.016  21.601  3.349   1.00 28.91 ? 131  LYS A CA  1 
ATOM   903  C  C   . LYS A 1 131 ? 11.770  21.689  2.056   1.00 30.64 ? 131  LYS A C   1 
ATOM   904  O  O   . LYS A 1 131 ? 12.251  20.673  1.549   1.00 31.44 ? 131  LYS A O   1 
ATOM   905  C  CB  . LYS A 1 131 ? 12.001  21.305  4.477   1.00 27.34 ? 131  LYS A CB  1 
ATOM   906  C  CG  . LYS A 1 131 ? 11.388  21.165  5.874   1.00 27.57 ? 131  LYS A CG  1 
ATOM   907  N  N   . ARG A 1 132 ? 11.876  22.894  1.515   1.00 32.13 ? 132  ARG A N   1 
ATOM   908  C  CA  . ARG A 1 132 ? 12.592  23.123  0.257   1.00 34.46 ? 132  ARG A CA  1 
ATOM   909  C  C   . ARG A 1 132 ? 14.095  23.332  0.496   1.00 36.69 ? 132  ARG A C   1 
ATOM   910  O  O   . ARG A 1 132 ? 14.481  23.908  1.518   1.00 37.15 ? 132  ARG A O   1 
ATOM   911  C  CB  . ARG A 1 132 ? 12.004  24.345  -0.451  1.00 34.50 ? 132  ARG A CB  1 
ATOM   912  N  N   . ASN A 1 133 ? 14.934  22.858  -0.433  1.00 36.44 ? 133  ASN A N   1 
ATOM   913  C  CA  . ASN A 1 133 ? 16.388  23.026  -0.305  1.00 38.41 ? 133  ASN A CA  1 
ATOM   914  C  C   . ASN A 1 133 ? 16.967  23.862  -1.442  1.00 38.03 ? 133  ASN A C   1 
ATOM   915  O  O   . ASN A 1 133 ? 16.229  24.309  -2.325  1.00 39.75 ? 133  ASN A O   1 
ATOM   916  C  CB  . ASN A 1 133 ? 17.105  21.666  -0.260  1.00 37.77 ? 133  ASN A CB  1 
ATOM   917  C  CG  . ASN A 1 133 ? 16.876  20.844  -1.512  1.00 39.05 ? 133  ASN A CG  1 
ATOM   918  O  OD1 . ASN A 1 133 ? 16.842  21.379  -2.625  1.00 37.24 ? 133  ASN A OD1 1 
ATOM   919  N  ND2 . ASN A 1 133 ? 16.723  19.531  -1.343  1.00 39.01 ? 133  ASN A ND2 1 
ATOM   920  N  N   . ALA A 1 136 ? 18.434  21.411  -6.201  1.00 39.17 ? 136  ALA A N   1 
ATOM   921  C  CA  . ALA A 1 136 ? 17.033  21.612  -6.596  1.00 38.61 ? 136  ALA A CA  1 
ATOM   922  C  C   . ALA A 1 136 ? 16.287  20.286  -6.754  1.00 38.33 ? 136  ALA A C   1 
ATOM   923  O  O   . ALA A 1 136 ? 15.224  20.214  -7.378  1.00 38.58 ? 136  ALA A O   1 
ATOM   924  C  CB  . ALA A 1 136 ? 16.970  22.373  -7.894  1.00 38.70 ? 136  ALA A CB  1 
ATOM   925  N  N   . ARG A 1 137 ? 16.846  19.238  -6.172  1.00 36.88 ? 137  ARG A N   1 
ATOM   926  C  CA  . ARG A 1 137 ? 16.244  17.924  -6.277  1.00 34.71 ? 137  ARG A CA  1 
ATOM   927  C  C   . ARG A 1 137 ? 16.129  17.278  -4.908  1.00 32.51 ? 137  ARG A C   1 
ATOM   928  O  O   . ARG A 1 137 ? 16.896  17.593  -3.997  1.00 31.76 ? 137  ARG A O   1 
ATOM   929  C  CB  . ARG A 1 137 ? 17.109  17.040  -7.156  1.00 36.60 ? 137  ARG A CB  1 
ATOM   930  C  CG  . ARG A 1 137 ? 17.172  17.430  -8.607  1.00 40.81 ? 137  ARG A CG  1 
ATOM   931  C  CD  . ARG A 1 137 ? 17.867  16.322  -9.347  1.00 42.57 ? 137  ARG A CD  1 
ATOM   932  N  NE  . ARG A 1 137 ? 18.826  15.662  -8.463  1.00 45.39 ? 137  ARG A NE  1 
ATOM   933  C  CZ  . ARG A 1 137 ? 19.603  14.649  -8.830  1.00 47.34 ? 137  ARG A CZ  1 
ATOM   934  N  NH1 . ARG A 1 137 ? 19.533  14.189  -10.070 1.00 48.05 ? 137  ARG A NH1 1 
ATOM   935  N  NH2 . ARG A 1 137 ? 20.436  14.086  -7.958  1.00 47.88 ? 137  ARG A NH2 1 
ATOM   936  N  N   . TYR A 1 138 ? 15.177  16.377  -4.756  1.00 28.33 ? 138  TYR A N   1 
ATOM   937  C  CA  . TYR A 1 138 ? 15.039  15.693  -3.474  1.00 28.67 ? 138  TYR A CA  1 
ATOM   938  C  C   . TYR A 1 138 ? 15.092  14.224  -3.773  1.00 28.06 ? 138  TYR A C   1 
ATOM   939  O  O   . TYR A 1 138 ? 14.281  13.710  -4.560  1.00 29.18 ? 138  TYR A O   1 
ATOM   940  C  CB  . TYR A 1 138 ? 13.700  16.010  -2.822  1.00 27.58 ? 138  TYR A CB  1 
ATOM   941  C  CG  . TYR A 1 138 ? 13.448  17.478  -2.752  1.00 30.77 ? 138  TYR A CG  1 
ATOM   942  C  CD1 . TYR A 1 138 ? 13.779  18.203  -1.615  1.00 30.83 ? 138  TYR A CD1 1 
ATOM   943  C  CD2 . TYR A 1 138 ? 12.915  18.158  -3.846  1.00 31.66 ? 138  TYR A CD2 1 
ATOM   944  C  CE1 . TYR A 1 138 ? 13.587  19.581  -1.566  1.00 33.07 ? 138  TYR A CE1 1 
ATOM   945  C  CE2 . TYR A 1 138 ? 12.716  19.545  -3.807  1.00 33.12 ? 138  TYR A CE2 1 
ATOM   946  C  CZ  . TYR A 1 138 ? 13.056  20.245  -2.660  1.00 33.56 ? 138  TYR A CZ  1 
ATOM   947  O  OH  . TYR A 1 138 ? 12.870  21.615  -2.606  1.00 34.73 ? 138  TYR A OH  1 
ATOM   948  N  N   . SER A 1 139 ? 16.042  13.543  -3.176  1.00 27.60 ? 139  SER A N   1 
ATOM   949  C  CA  . SER A 1 139 ? 16.101  12.113  -3.415  1.00 29.38 ? 139  SER A CA  1 
ATOM   950  C  C   . SER A 1 139 ? 15.854  11.329  -2.138  1.00 27.93 ? 139  SER A C   1 
ATOM   951  O  O   . SER A 1 139 ? 16.280  11.739  -1.036  1.00 29.62 ? 139  SER A O   1 
ATOM   952  C  CB  . SER A 1 139 ? 17.424  11.746  -4.072  1.00 29.84 ? 139  SER A CB  1 
ATOM   953  O  OG  . SER A 1 139 ? 17.475  12.250  -5.414  1.00 31.43 ? 139  SER A OG  1 
ATOM   954  N  N   . VAL A 1 140 ? 15.128  10.219  -2.279  1.00 23.88 ? 140  VAL A N   1 
ATOM   955  C  CA  . VAL A 1 140 ? 14.850  9.360   -1.148  1.00 22.98 ? 140  VAL A CA  1 
ATOM   956  C  C   . VAL A 1 140 ? 15.406  7.992   -1.466  1.00 22.26 ? 140  VAL A C   1 
ATOM   957  O  O   . VAL A 1 140 ? 15.423  7.593   -2.632  1.00 21.28 ? 140  VAL A O   1 
ATOM   958  C  CB  . VAL A 1 140 ? 13.341  9.319   -0.855  1.00 23.66 ? 140  VAL A CB  1 
ATOM   959  C  CG1 . VAL A 1 140 ? 13.032  8.293   0.187   1.00 27.26 ? 140  VAL A CG1 1 
ATOM   960  C  CG2 . VAL A 1 140 ? 12.883  10.729  -0.384  1.00 22.77 ? 140  VAL A CG2 1 
ATOM   961  N  N   . GLN A 1 141 ? 15.901  7.302   -0.436  1.00 20.47 ? 141  GLN A N   1 
ATOM   962  C  CA  . GLN A 1 141 ? 16.454  5.964   -0.584  1.00 23.11 ? 141  GLN A CA  1 
ATOM   963  C  C   . GLN A 1 141 ? 15.415  4.884   -0.295  1.00 21.59 ? 141  GLN A C   1 
ATOM   964  O  O   . GLN A 1 141 ? 14.322  5.188   0.159   1.00 20.97 ? 141  GLN A O   1 
ATOM   965  C  CB  . GLN A 1 141 ? 17.676  5.859   0.328   1.00 22.18 ? 141  GLN A CB  1 
ATOM   966  C  CG  . GLN A 1 141 ? 18.714  6.906   -0.099  1.00 28.90 ? 141  GLN A CG  1 
ATOM   967  C  CD  . GLN A 1 141 ? 18.999  6.839   -1.593  1.00 30.62 ? 141  GLN A CD  1 
ATOM   968  O  OE1 . GLN A 1 141 ? 19.216  7.864   -2.257  1.00 34.57 ? 141  GLN A OE1 1 
ATOM   969  N  NE2 . GLN A 1 141 ? 19.016  5.630   -2.132  1.00 33.85 ? 141  GLN A NE2 1 
ATOM   970  N  N   . LYS A 1 142 ? 15.757  3.618   -0.524  1.00 20.82 ? 142  LYS A N   1 
ATOM   971  C  CA  . LYS A 1 142 ? 14.807  2.514   -0.339  1.00 21.35 ? 142  LYS A CA  1 
ATOM   972  C  C   . LYS A 1 142 ? 14.348  2.490   1.111   1.00 19.15 ? 142  LYS A C   1 
ATOM   973  O  O   . LYS A 1 142 ? 15.161  2.469   2.014   1.00 18.86 ? 142  LYS A O   1 
ATOM   974  C  CB  . LYS A 1 142 ? 15.455  1.196   -0.751  1.00 19.53 ? 142  LYS A CB  1 
ATOM   975  C  CG  . LYS A 1 142 ? 14.509  0.013   -0.805  1.00 23.78 ? 142  LYS A CG  1 
ATOM   976  C  CD  . LYS A 1 142 ? 14.873  -0.893  -2.055  1.00 26.47 ? 142  LYS A CD  1 
ATOM   977  C  CE  . LYS A 1 142 ? 14.117  -2.196  -2.082  1.00 29.51 ? 142  LYS A CE  1 
ATOM   978  N  NZ  . LYS A 1 142 ? 12.723  -1.925  -1.708  1.00 34.34 ? 142  LYS A NZ  1 
ATOM   979  N  N   . THR A 1 143 ? 13.038  2.526   1.325   1.00 18.89 ? 143  THR A N   1 
ATOM   980  C  CA  . THR A 1 143 ? 12.490  2.632   2.668   1.00 19.26 ? 143  THR A CA  1 
ATOM   981  C  C   . THR A 1 143 ? 11.321  1.719   2.942   1.00 18.18 ? 143  THR A C   1 
ATOM   982  O  O   . THR A 1 143 ? 10.411  1.665   2.158   1.00 16.56 ? 143  THR A O   1 
ATOM   983  C  CB  . THR A 1 143 ? 12.019  4.110   2.897   1.00 21.64 ? 143  THR A CB  1 
ATOM   984  O  OG1 . THR A 1 143 ? 13.126  4.974   2.684   1.00 21.76 ? 143  THR A OG1 1 
ATOM   985  C  CG2 . THR A 1 143 ? 11.418  4.362   4.307   1.00 21.11 ? 143  THR A CG2 1 
ATOM   986  N  N   . SER A 1 144 ? 11.342  1.018   4.072   1.00 18.45 ? 144  SER A N   1 
ATOM   987  C  CA  . SER A 1 144 ? 10.215  0.154   4.451   1.00 21.29 ? 144  SER A CA  1 
ATOM   988  C  C   . SER A 1 144 ? 8.994   1.066   4.699   1.00 20.41 ? 144  SER A C   1 
ATOM   989  O  O   . SER A 1 144 ? 9.113   2.096   5.354   1.00 19.21 ? 144  SER A O   1 
ATOM   990  C  CB  . SER A 1 144 ? 10.563  -0.646  5.728   1.00 24.20 ? 144  SER A CB  1 
ATOM   991  O  OG  . SER A 1 144 ? 9.402   -1.288  6.260   1.00 27.55 ? 144  SER A OG  1 
ATOM   992  N  N   . ILE A 1 145 ? 7.830   0.693   4.169   1.00 18.16 ? 145  ILE A N   1 
ATOM   993  C  CA  . ILE A 1 145 ? 6.583   1.477   4.301   1.00 18.23 ? 145  ILE A CA  1 
ATOM   994  C  C   . ILE A 1 145 ? 5.617   0.849   5.302   1.00 18.84 ? 145  ILE A C   1 
ATOM   995  O  O   . ILE A 1 145 ? 5.112   1.533   6.207   1.00 18.17 ? 145  ILE A O   1 
ATOM   996  C  CB  . ILE A 1 145 ? 5.807   1.545   2.940   1.00 17.65 ? 145  ILE A CB  1 
ATOM   997  C  CG1 . ILE A 1 145 ? 6.573   2.391   1.950   1.00 19.18 ? 145  ILE A CG1 1 
ATOM   998  C  CG2 . ILE A 1 145 ? 4.346   2.049   3.129   1.00 17.38 ? 145  ILE A CG2 1 
ATOM   999  C  CD1 . ILE A 1 145 ? 6.118   2.171   0.443   1.00 20.11 ? 145  ILE A CD1 1 
ATOM   1000 N  N   . GLY A 1 146 ? 5.367   -0.444  5.130   1.00 19.39 ? 146  GLY A N   1 
ATOM   1001 C  CA  . GLY A 1 146 ? 4.415   -1.116  5.970   1.00 20.89 ? 146  GLY A CA  1 
ATOM   1002 C  C   . GLY A 1 146 ? 4.064   -2.475  5.394   1.00 19.99 ? 146  GLY A C   1 
ATOM   1003 O  O   . GLY A 1 146 ? 4.893   -3.083  4.698   1.00 20.22 ? 146  GLY A O   1 
ATOM   1004 N  N   . SER A 1 147 ? 2.843   -2.912  5.664   1.00 19.21 ? 147  SER A N   1 
ATOM   1005 C  CA  . SER A 1 147 ? 2.391   -4.245  5.258   1.00 18.18 ? 147  SER A CA  1 
ATOM   1006 C  C   . SER A 1 147 ? 0.894   -4.290  5.030   1.00 18.35 ? 147  SER A C   1 
ATOM   1007 O  O   . SER A 1 147 ? 0.155   -3.372  5.398   1.00 18.05 ? 147  SER A O   1 
ATOM   1008 C  CB  . SER A 1 147 ? 2.679   -5.235  6.392   1.00 20.26 ? 147  SER A CB  1 
ATOM   1009 O  OG  . SER A 1 147 ? 4.008   -5.177  6.770   1.00 21.47 ? 147  SER A OG  1 
ATOM   1010 N  N   . ILE A 1 148 ? 0.454   -5.367  4.396   1.00 14.72 ? 148  ILE A N   1 
ATOM   1011 C  CA  . ILE A 1 148 ? -0.975  -5.631  4.190   1.00 18.03 ? 148  ILE A CA  1 
ATOM   1012 C  C   . ILE A 1 148 ? -1.150  -7.102  4.630   1.00 18.22 ? 148  ILE A C   1 
ATOM   1013 O  O   . ILE A 1 148 ? -0.246  -7.929  4.395   1.00 19.10 ? 148  ILE A O   1 
ATOM   1014 C  CB  . ILE A 1 148 ? -1.369  -5.444  2.694   1.00 19.13 ? 148  ILE A CB  1 
ATOM   1015 C  CG1 . ILE A 1 148 ? -1.417  -3.944  2.409   1.00 17.66 ? 148  ILE A CG1 1 
ATOM   1016 C  CG2 . ILE A 1 148 ? -2.734  -6.149  2.360   1.00 19.95 ? 148  ILE A CG2 1 
ATOM   1017 C  CD1 . ILE A 1 148 ? -1.948  -3.537  0.983   1.00 17.25 ? 148  ILE A CD1 1 
ATOM   1018 N  N   . ARG A 1 149 ? -2.251  -7.412  5.313   1.00 16.95 ? 149  ARG A N   1 
ATOM   1019 C  CA  . ARG A 1 149 ? -2.539  -8.776  5.742   1.00 18.15 ? 149  ARG A CA  1 
ATOM   1020 C  C   . ARG A 1 149 ? -3.928  -9.137  5.269   1.00 18.87 ? 149  ARG A C   1 
ATOM   1021 O  O   . ARG A 1 149 ? -4.852  -8.308  5.198   1.00 18.18 ? 149  ARG A O   1 
ATOM   1022 C  CB  . ARG A 1 149 ? -2.492  -8.963  7.274   1.00 20.08 ? 149  ARG A CB  1 
ATOM   1023 C  CG  . ARG A 1 149 ? -3.423  -8.126  8.068   1.00 21.18 ? 149  ARG A CG  1 
ATOM   1024 C  CD  . ARG A 1 149 ? -3.360  -8.490  9.544   1.00 23.11 ? 149  ARG A CD  1 
ATOM   1025 N  NE  . ARG A 1 149 ? -4.365  -7.751  10.292  1.00 24.60 ? 149  ARG A NE  1 
ATOM   1026 C  CZ  . ARG A 1 149 ? -4.282  -7.464  11.579  1.00 21.96 ? 149  ARG A CZ  1 
ATOM   1027 N  NH1 . ARG A 1 149 ? -3.234  -7.847  12.304  1.00 22.75 ? 149  ARG A NH1 1 
ATOM   1028 N  NH2 . ARG A 1 149 ? -5.257  -6.784  12.138  1.00 26.66 ? 149  ARG A NH2 1 
ATOM   1029 N  N   . MET A 1 150 ? -4.095  -10.393 4.929   1.00 20.52 ? 150  MET A N   1 
ATOM   1030 C  CA  . MET A 1 150 ? -5.379  -10.785 4.480   1.00 20.75 ? 150  MET A CA  1 
ATOM   1031 C  C   . MET A 1 150 ? -6.253  -10.898 5.735   1.00 20.52 ? 150  MET A C   1 
ATOM   1032 O  O   . MET A 1 150 ? -5.749  -11.188 6.814   1.00 20.93 ? 150  MET A O   1 
ATOM   1033 C  CB  . MET A 1 150 ? -5.292  -12.127 3.776   1.00 24.97 ? 150  MET A CB  1 
ATOM   1034 C  CG  . MET A 1 150 ? -6.264  -13.093 4.369   1.00 30.59 ? 150  MET A CG  1 
ATOM   1035 S  SD  . MET A 1 150 ? -5.469  -14.608 4.694   1.00 35.93 ? 150  MET A SD  1 
ATOM   1036 C  CE  . MET A 1 150 ? -5.447  -15.020 3.164   1.00 23.57 ? 150  MET A CE  1 
ATOM   1037 N  N   . ARG A 1 151 ? -7.560  -10.674 5.564   1.00 17.58 ? 151  ARG A N   1 
ATOM   1038 C  CA  . ARG A 1 151 ? -8.504  -10.769 6.662   1.00 18.42 ? 151  ARG A CA  1 
ATOM   1039 C  C   . ARG A 1 151 ? -9.656  -11.701 6.294   1.00 18.05 ? 151  ARG A C   1 
ATOM   1040 O  O   . ARG A 1 151 ? -10.609 -11.268 5.677   1.00 20.28 ? 151  ARG A O   1 
ATOM   1041 C  CB  . ARG A 1 151 ? -9.080  -9.375  7.030   1.00 17.58 ? 151  ARG A CB  1 
ATOM   1042 C  CG  . ARG A 1 151 ? -10.024 -9.395  8.264   1.00 18.91 ? 151  ARG A CG  1 
ATOM   1043 C  CD  . ARG A 1 151 ? -10.655 -8.014  8.556   1.00 17.71 ? 151  ARG A CD  1 
ATOM   1044 N  NE  . ARG A 1 151 ? -11.607 -7.652  7.514   1.00 21.08 ? 151  ARG A NE  1 
ATOM   1045 C  CZ  . ARG A 1 151 ? -11.381 -6.759  6.553   1.00 18.43 ? 151  ARG A CZ  1 
ATOM   1046 N  NH1 . ARG A 1 151 ? -12.316 -6.524  5.652   1.00 19.98 ? 151  ARG A NH1 1 
ATOM   1047 N  NH2 . ARG A 1 151 ? -10.254 -6.070  6.520   1.00 20.42 ? 151  ARG A NH2 1 
ATOM   1048 N  N   . PRO A 1 152 ? -9.556  -13.007 6.620   1.00 18.95 ? 152  PRO A N   1 
ATOM   1049 C  CA  . PRO A 1 152 ? -10.644 -13.952 6.308   1.00 17.81 ? 152  PRO A CA  1 
ATOM   1050 C  C   . PRO A 1 152 ? -11.853 -13.558 7.170   1.00 18.11 ? 152  PRO A C   1 
ATOM   1051 O  O   . PRO A 1 152 ? -11.699 -12.911 8.230   1.00 19.57 ? 152  PRO A O   1 
ATOM   1052 C  CB  . PRO A 1 152 ? -10.097 -15.312 6.791   1.00 18.56 ? 152  PRO A CB  1 
ATOM   1053 C  CG  . PRO A 1 152 ? -8.611  -15.163 6.706   1.00 21.63 ? 152  PRO A CG  1 
ATOM   1054 C  CD  . PRO A 1 152 ? -8.370  -13.702 7.140   1.00 19.42 ? 152  PRO A CD  1 
ATOM   1055 N  N   . TYR A 1 153 ? -13.047 -13.885 6.718   1.00 18.97 ? 153  TYR A N   1 
ATOM   1056 C  CA  . TYR A 1 153 ? -14.243 -13.626 7.508   1.00 19.10 ? 153  TYR A CA  1 
ATOM   1057 C  C   . TYR A 1 153 ? -15.336 -14.638 7.154   1.00 19.68 ? 153  TYR A C   1 
ATOM   1058 O  O   . TYR A 1 153 ? -15.148 -15.495 6.300   1.00 18.21 ? 153  TYR A O   1 
ATOM   1059 C  CB  . TYR A 1 153 ? -14.753 -12.174 7.326   1.00 18.41 ? 153  TYR A CB  1 
ATOM   1060 C  CG  . TYR A 1 153 ? -15.241 -11.795 5.940   1.00 17.95 ? 153  TYR A CG  1 
ATOM   1061 C  CD1 . TYR A 1 153 ? -16.598 -11.789 5.642   1.00 19.12 ? 153  TYR A CD1 1 
ATOM   1062 C  CD2 . TYR A 1 153 ? -14.347 -11.369 4.949   1.00 19.79 ? 153  TYR A CD2 1 
ATOM   1063 C  CE1 . TYR A 1 153 ? -17.066 -11.365 4.375   1.00 21.70 ? 153  TYR A CE1 1 
ATOM   1064 C  CE2 . TYR A 1 153 ? -14.793 -10.932 3.712   1.00 19.18 ? 153  TYR A CE2 1 
ATOM   1065 C  CZ  . TYR A 1 153 ? -16.147 -10.935 3.431   1.00 21.80 ? 153  TYR A CZ  1 
ATOM   1066 O  OH  . TYR A 1 153 ? -16.574 -10.520 2.198   1.00 21.79 ? 153  TYR A OH  1 
ATOM   1067 N  N   . ASN A 1 154 ? -16.471 -14.547 7.845   1.00 19.51 ? 154  ASN A N   1 
ATOM   1068 C  CA  . ASN A 1 154 ? -17.580 -15.460 7.598   1.00 20.72 ? 154  ASN A CA  1 
ATOM   1069 C  C   . ASN A 1 154 ? -17.218 -16.898 7.956   1.00 19.50 ? 154  ASN A C   1 
ATOM   1070 O  O   . ASN A 1 154 ? -17.814 -17.850 7.418   1.00 18.90 ? 154  ASN A O   1 
ATOM   1071 C  CB  . ASN A 1 154 ? -18.033 -15.412 6.132   1.00 21.98 ? 154  ASN A CB  1 
ATOM   1072 C  CG  . ASN A 1 154 ? -19.349 -16.154 5.905   1.00 26.39 ? 154  ASN A CG  1 
ATOM   1073 O  OD1 . ASN A 1 154 ? -20.323 -15.936 6.628   1.00 28.17 ? 154  ASN A OD1 1 
ATOM   1074 N  ND2 . ASN A 1 154 ? -19.390 -17.021 4.897   1.00 26.84 ? 154  ASN A ND2 1 
ATOM   1075 N  N   . GLY A 1 155 ? -16.275 -17.047 8.875   1.00 17.28 ? 155  GLY A N   1 
ATOM   1076 C  CA  . GLY A 1 155 ? -15.849 -18.368 9.292   1.00 18.05 ? 155  GLY A CA  1 
ATOM   1077 C  C   . GLY A 1 155 ? -14.681 -18.903 8.468   1.00 17.60 ? 155  GLY A C   1 
ATOM   1078 O  O   . GLY A 1 155 ? -14.171 -20.011 8.732   1.00 17.66 ? 155  GLY A O   1 
ATOM   1079 N  N   . SER A 1 156 ? -14.244 -18.140 7.476   1.00 18.88 ? 156  SER A N   1 
ATOM   1080 C  CA  . SER A 1 156 ? -13.113 -18.610 6.660   1.00 18.79 ? 156  SER A CA  1 
ATOM   1081 C  C   . SER A 1 156 ? -11.859 -18.604 7.538   1.00 19.82 ? 156  SER A C   1 
ATOM   1082 O  O   . SER A 1 156 ? -11.761 -17.815 8.477   1.00 18.60 ? 156  SER A O   1 
ATOM   1083 C  CB  . SER A 1 156 ? -12.944 -17.705 5.425   1.00 19.80 ? 156  SER A CB  1 
ATOM   1084 O  OG  . SER A 1 156 ? -13.940 -18.030 4.468   1.00 18.81 ? 156  SER A OG  1 
ATOM   1085 N  N   . SER A 1 157 ? -10.872 -19.437 7.207   1.00 18.66 ? 157  SER A N   1 
ATOM   1086 C  CA  . SER A 1 157 ? -9.679  -19.558 8.017   1.00 19.74 ? 157  SER A CA  1 
ATOM   1087 C  C   . SER A 1 157 ? -8.366  -19.218 7.321   1.00 22.04 ? 157  SER A C   1 
ATOM   1088 O  O   . SER A 1 157 ? -8.138  -19.647 6.194   1.00 22.62 ? 157  SER A O   1 
ATOM   1089 C  CB  . SER A 1 157 ? -9.603  -20.999 8.545   1.00 19.36 ? 157  SER A CB  1 
ATOM   1090 O  OG  . SER A 1 157 ? -8.472  -21.209 9.381   1.00 21.94 ? 157  SER A OG  1 
ATOM   1091 N  N   . ALA A 1 158 ? -7.510  -18.472 8.019   1.00 22.96 ? 158  ALA A N   1 
ATOM   1092 C  CA  . ALA A 1 158 ? -6.181  -18.121 7.509   1.00 25.69 ? 158  ALA A CA  1 
ATOM   1093 C  C   . ALA A 1 158 ? -5.317  -19.390 7.630   1.00 28.94 ? 158  ALA A C   1 
ATOM   1094 O  O   . ALA A 1 158 ? -4.426  -19.645 6.805   1.00 29.45 ? 158  ALA A O   1 
ATOM   1095 C  CB  . ALA A 1 158 ? -5.575  -16.979 8.329   1.00 27.22 ? 158  ALA A CB  1 
ATOM   1096 N  N   . GLY A 1 159 ? -5.594  -20.198 8.646   1.00 29.92 ? 159  GLY A N   1 
ATOM   1097 C  CA  . GLY A 1 159 ? -4.859  -21.444 8.797   1.00 30.88 ? 159  GLY A CA  1 
ATOM   1098 C  C   . GLY A 1 159 ? -3.362  -21.282 8.890   1.00 30.53 ? 159  GLY A C   1 
ATOM   1099 O  O   . GLY A 1 159 ? -2.882  -20.519 9.706   1.00 33.78 ? 159  GLY A O   1 
ATOM   1100 N  N   . SER A 1 160 ? -2.617  -21.991 8.053   1.00 31.78 ? 160  SER A N   1 
ATOM   1101 C  CA  . SER A 1 160 ? -1.163  -21.917 8.084   1.00 31.31 ? 160  SER A CA  1 
ATOM   1102 C  C   . SER A 1 160 ? -0.642  -21.011 6.982   1.00 30.31 ? 160  SER A C   1 
ATOM   1103 O  O   . SER A 1 160 ? 0.570   -20.730 6.894   1.00 30.04 ? 160  SER A O   1 
ATOM   1104 C  CB  . SER A 1 160 ? -0.578  -23.327 7.907   1.00 33.73 ? 160  SER A CB  1 
ATOM   1105 O  OG  . SER A 1 160 ? -1.203  -23.968 6.799   1.00 35.90 ? 160  SER A OG  1 
ATOM   1106 N  N   . VAL A 1 161 ? -1.554  -20.543 6.138   1.00 27.11 ? 161  VAL A N   1 
ATOM   1107 C  CA  . VAL A 1 161 ? -1.127  -19.729 5.017   1.00 24.84 ? 161  VAL A CA  1 
ATOM   1108 C  C   . VAL A 1 161 ? -0.481  -18.425 5.448   1.00 22.60 ? 161  VAL A C   1 
ATOM   1109 O  O   . VAL A 1 161 ? -0.906  -17.809 6.421   1.00 20.54 ? 161  VAL A O   1 
ATOM   1110 C  CB  . VAL A 1 161 ? -2.325  -19.427 4.081   1.00 25.62 ? 161  VAL A CB  1 
ATOM   1111 C  CG1 . VAL A 1 161 ? -1.850  -18.586 2.923   1.00 28.84 ? 161  VAL A CG1 1 
ATOM   1112 C  CG2 . VAL A 1 161 ? -2.960  -20.741 3.577   1.00 27.90 ? 161  VAL A CG2 1 
ATOM   1113 N  N   . GLN A 1 162 ? 0.556   -18.003 4.724   1.00 21.32 ? 162  GLN A N   1 
ATOM   1114 C  CA  . GLN A 1 162 ? 1.206   -16.727 5.034   1.00 20.52 ? 162  GLN A CA  1 
ATOM   1115 C  C   . GLN A 1 162 ? 0.147   -15.633 4.923   1.00 20.64 ? 162  GLN A C   1 
ATOM   1116 O  O   . GLN A 1 162 ? -0.503  -15.524 3.896   1.00 19.97 ? 162  GLN A O   1 
ATOM   1117 C  CB  . GLN A 1 162 ? 2.322   -16.454 4.029   1.00 23.08 ? 162  GLN A CB  1 
ATOM   1118 C  CG  . GLN A 1 162 ? 3.036   -15.181 4.310   1.00 25.14 ? 162  GLN A CG  1 
ATOM   1119 C  CD  . GLN A 1 162 ? 4.245   -15.042 3.460   1.00 27.03 ? 162  GLN A CD  1 
ATOM   1120 O  OE1 . GLN A 1 162 ? 5.047   -15.974 3.333   1.00 27.67 ? 162  GLN A OE1 1 
ATOM   1121 N  NE2 . GLN A 1 162 ? 4.401   -13.884 2.873   1.00 26.06 ? 162  GLN A NE2 1 
ATOM   1122 N  N   . THR A 1 163 ? -0.003  -14.805 5.948   1.00 18.82 ? 163  THR A N   1 
ATOM   1123 C  CA  . THR A 1 163 ? -1.079  -13.812 5.904   1.00 17.67 ? 163  THR A CA  1 
ATOM   1124 C  C   . THR A 1 163 ? -0.614  -12.422 5.541   1.00 18.88 ? 163  THR A C   1 
ATOM   1125 O  O   . THR A 1 163 ? -1.423  -11.603 5.098   1.00 19.23 ? 163  THR A O   1 
ATOM   1126 C  CB  . THR A 1 163 ? -1.769  -13.599 7.281   1.00 20.00 ? 163  THR A CB  1 
ATOM   1127 O  OG1 . THR A 1 163 ? -0.773  -13.238 8.226   1.00 22.01 ? 163  THR A OG1 1 
ATOM   1128 C  CG2 . THR A 1 163 ? -2.505  -14.834 7.794   1.00 20.27 ? 163  THR A CG2 1 
ATOM   1129 N  N   . THR A 1 164 ? 0.666   -12.158 5.719   1.00 18.10 ? 164  THR A N   1 
ATOM   1130 C  CA  . THR A 1 164 ? 1.151   -10.799 5.557   1.00 19.52 ? 164  THR A CA  1 
ATOM   1131 C  C   . THR A 1 164 ? 2.252   -10.648 4.536   1.00 19.24 ? 164  THR A C   1 
ATOM   1132 O  O   . THR A 1 164 ? 3.120   -11.511 4.430   1.00 19.26 ? 164  THR A O   1 
ATOM   1133 C  CB  . THR A 1 164 ? 1.664   -10.330 6.931   1.00 19.26 ? 164  THR A CB  1 
ATOM   1134 O  OG1 . THR A 1 164 ? 0.641   -10.537 7.910   1.00 20.36 ? 164  THR A OG1 1 
ATOM   1135 C  CG2 . THR A 1 164 ? 2.122   -8.871  6.923   1.00 21.07 ? 164  THR A CG2 1 
ATOM   1136 N  N   . VAL A 1 165 ? 2.198   -9.552  3.781   1.00 18.69 ? 165  VAL A N   1 
ATOM   1137 C  CA  . VAL A 1 165 ? 3.271   -9.214  2.837   1.00 16.80 ? 165  VAL A CA  1 
ATOM   1138 C  C   . VAL A 1 165 ? 3.688   -7.773  3.163   1.00 18.05 ? 165  VAL A C   1 
ATOM   1139 O  O   . VAL A 1 165 ? 2.885   -6.984  3.695   1.00 16.76 ? 165  VAL A O   1 
ATOM   1140 C  CB  . VAL A 1 165 ? 2.840   -9.350  1.362   1.00 16.85 ? 165  VAL A CB  1 
ATOM   1141 C  CG1 . VAL A 1 165 ? 2.313   -10.795 1.131   1.00 17.11 ? 165  VAL A CG1 1 
ATOM   1142 C  CG2 . VAL A 1 165 ? 1.809   -8.333  0.997   1.00 15.45 ? 165  VAL A CG2 1 
ATOM   1143 N  N   . ASN A 1 166 ? 4.936   -7.450  2.846   1.00 16.87 ? 166  ASN A N   1 
ATOM   1144 C  CA  . ASN A 1 166 ? 5.523   -6.132  3.141   1.00 17.93 ? 166  ASN A CA  1 
ATOM   1145 C  C   . ASN A 1 166 ? 5.802   -5.285  1.921   1.00 18.06 ? 166  ASN A C   1 
ATOM   1146 O  O   . ASN A 1 166 ? 5.928   -5.802  0.791   1.00 15.31 ? 166  ASN A O   1 
ATOM   1147 C  CB  . ASN A 1 166 ? 6.817   -6.356  3.925   1.00 17.84 ? 166  ASN A CB  1 
ATOM   1148 C  CG  . ASN A 1 166 ? 6.626   -7.315  5.050   1.00 18.06 ? 166  ASN A CG  1 
ATOM   1149 O  OD1 . ASN A 1 166 ? 5.725   -7.137  5.873   1.00 20.10 ? 166  ASN A OD1 1 
ATOM   1150 N  ND2 . ASN A 1 166 ? 7.448   -8.391  5.086   1.00 21.57 ? 166  ASN A ND2 1 
ATOM   1151 N  N   . PHE A 1 167 ? 5.948   -3.977  2.159   1.00 17.27 ? 167  PHE A N   1 
ATOM   1152 C  CA  . PHE A 1 167 ? 6.211   -3.054  1.080   1.00 18.31 ? 167  PHE A CA  1 
ATOM   1153 C  C   . PHE A 1 167 ? 7.324   -2.106  1.424   1.00 19.90 ? 167  PHE A C   1 
ATOM   1154 O  O   . PHE A 1 167 ? 7.399   -1.602  2.556   1.00 18.60 ? 167  PHE A O   1 
ATOM   1155 C  CB  . PHE A 1 167 ? 4.962   -2.236  0.788   1.00 18.63 ? 167  PHE A CB  1 
ATOM   1156 C  CG  . PHE A 1 167 ? 3.798   -3.078  0.424   1.00 16.24 ? 167  PHE A CG  1 
ATOM   1157 C  CD1 . PHE A 1 167 ? 3.657   -3.533  -0.882  1.00 17.23 ? 167  PHE A CD1 1 
ATOM   1158 C  CD2 . PHE A 1 167 ? 2.928   -3.543  1.408   1.00 17.61 ? 167  PHE A CD2 1 
ATOM   1159 C  CE1 . PHE A 1 167 ? 2.669   -4.445  -1.219  1.00 17.00 ? 167  PHE A CE1 1 
ATOM   1160 C  CE2 . PHE A 1 167 ? 1.922   -4.464  1.101   1.00 19.01 ? 167  PHE A CE2 1 
ATOM   1161 C  CZ  . PHE A 1 167 ? 1.783   -4.924  -0.216  1.00 18.29 ? 167  PHE A CZ  1 
ATOM   1162 N  N   . SER A 1 168 ? 8.167   -1.858  0.418   1.00 18.30 ? 168  SER A N   1 
ATOM   1163 C  CA  . SER A 1 168 ? 9.280   -0.942  0.532   1.00 19.60 ? 168  SER A CA  1 
ATOM   1164 C  C   . SER A 1 168 ? 9.199   0.036   -0.632  1.00 20.39 ? 168  SER A C   1 
ATOM   1165 O  O   . SER A 1 168 ? 8.884   -0.328  -1.783  1.00 21.15 ? 168  SER A O   1 
ATOM   1166 C  CB  . SER A 1 168 ? 10.613  -1.682  0.463   1.00 22.12 ? 168  SER A CB  1 
ATOM   1167 O  OG  . SER A 1 168 ? 10.785  -2.464  1.632   1.00 25.61 ? 168  SER A OG  1 
ATOM   1168 N  N   . LEU A 1 169 ? 9.471   1.283   -0.323  1.00 18.15 ? 169  LEU A N   1 
ATOM   1169 C  CA  . LEU A 1 169 ? 9.447   2.320   -1.329  1.00 18.17 ? 169  LEU A CA  1 
ATOM   1170 C  C   . LEU A 1 169 ? 10.765  2.267   -2.090  1.00 17.02 ? 169  LEU A C   1 
ATOM   1171 O  O   . LEU A 1 169 ? 11.840  2.280   -1.480  1.00 18.77 ? 169  LEU A O   1 
ATOM   1172 C  CB  . LEU A 1 169 ? 9.309   3.691   -0.625  1.00 19.73 ? 169  LEU A CB  1 
ATOM   1173 C  CG  . LEU A 1 169 ? 9.330   4.939   -1.497  1.00 20.42 ? 169  LEU A CG  1 
ATOM   1174 C  CD1 . LEU A 1 169 ? 8.047   5.029   -2.293  1.00 21.05 ? 169  LEU A CD1 1 
ATOM   1175 C  CD2 . LEU A 1 169 ? 9.480   6.180   -0.649  1.00 22.02 ? 169  LEU A CD2 1 
ATOM   1176 N  N   . ASN A 1 170 ? 10.708  2.137   -3.414  1.00 16.64 ? 170  ASN A N   1 
ATOM   1177 C  CA  . ASN A 1 170 ? 11.926  2.180   -4.230  1.00 17.96 ? 170  ASN A CA  1 
ATOM   1178 C  C   . ASN A 1 170 ? 12.431  3.612   -4.231  1.00 16.78 ? 170  ASN A C   1 
ATOM   1179 O  O   . ASN A 1 170 ? 11.636  4.563   -4.154  1.00 17.64 ? 170  ASN A O   1 
ATOM   1180 C  CB  . ASN A 1 170 ? 11.660  1.801   -5.686  1.00 16.21 ? 170  ASN A CB  1 
ATOM   1181 C  CG  . ASN A 1 170 ? 11.951  0.312   -5.998  1.00 19.63 ? 170  ASN A CG  1 
ATOM   1182 O  OD1 . ASN A 1 170 ? 12.604  -0.388  -5.241  1.00 18.69 ? 170  ASN A OD1 1 
ATOM   1183 N  ND2 . ASN A 1 170 ? 11.445  -0.156  -7.124  1.00 20.11 ? 170  ASN A ND2 1 
ATOM   1184 N  N   . PRO A 1 171 ? 13.754  3.806   -4.345  1.00 16.72 ? 171  PRO A N   1 
ATOM   1185 C  CA  . PRO A 1 171 ? 14.333  5.154   -4.370  1.00 17.40 ? 171  PRO A CA  1 
ATOM   1186 C  C   . PRO A 1 171 ? 13.723  6.027   -5.472  1.00 17.71 ? 171  PRO A C   1 
ATOM   1187 O  O   . PRO A 1 171 ? 13.419  5.560   -6.580  1.00 18.26 ? 171  PRO A O   1 
ATOM   1188 C  CB  . PRO A 1 171 ? 15.823  4.914   -4.675  1.00 19.11 ? 171  PRO A CB  1 
ATOM   1189 C  CG  . PRO A 1 171 ? 16.101  3.510   -4.237  1.00 20.07 ? 171  PRO A CG  1 
ATOM   1190 C  CD  . PRO A 1 171 ? 14.782  2.743   -4.356  1.00 19.10 ? 171  PRO A CD  1 
ATOM   1191 N  N   . PHE A 1 172 ? 13.508  7.301   -5.185  1.00 18.68 ? 172  PHE A N   1 
ATOM   1192 C  CA  . PHE A 1 172 ? 12.990  8.180   -6.224  1.00 18.92 ? 172  PHE A CA  1 
ATOM   1193 C  C   . PHE A 1 172 ? 13.573  9.562   -6.124  1.00 19.64 ? 172  PHE A C   1 
ATOM   1194 O  O   . PHE A 1 172 ? 14.220  9.883   -5.147  1.00 19.17 ? 172  PHE A O   1 
ATOM   1195 C  CB  . PHE A 1 172 ? 11.424  8.214   -6.292  1.00 19.74 ? 172  PHE A CB  1 
ATOM   1196 C  CG  . PHE A 1 172 ? 10.697  8.775   -5.071  1.00 21.22 ? 172  PHE A CG  1 
ATOM   1197 C  CD1 . PHE A 1 172 ? 10.834  10.099  -4.693  1.00 20.67 ? 172  PHE A CD1 1 
ATOM   1198 C  CD2 . PHE A 1 172 ? 9.801   7.972   -4.358  1.00 22.05 ? 172  PHE A CD2 1 
ATOM   1199 C  CE1 . PHE A 1 172 ? 10.085  10.633  -3.598  1.00 22.76 ? 172  PHE A CE1 1 
ATOM   1200 C  CE2 . PHE A 1 172 ? 9.048   8.486   -3.267  1.00 23.52 ? 172  PHE A CE2 1 
ATOM   1201 C  CZ  . PHE A 1 172 ? 9.196   9.815   -2.891  1.00 22.19 ? 172  PHE A CZ  1 
ATOM   1202 N  N   . THR A 1 173 ? 13.424  10.357  -7.173  1.00 17.86 ? 173  THR A N   1 
ATOM   1203 C  CA  . THR A 1 173 ? 13.945  11.717  -7.136  1.00 18.74 ? 173  THR A CA  1 
ATOM   1204 C  C   . THR A 1 173 ? 12.823  12.700  -7.472  1.00 18.98 ? 173  THR A C   1 
ATOM   1205 O  O   . THR A 1 173 ? 12.055  12.467  -8.399  1.00 18.40 ? 173  THR A O   1 
ATOM   1206 C  CB  . THR A 1 173 ? 15.085  11.891  -8.149  1.00 21.06 ? 173  THR A CB  1 
ATOM   1207 O  OG1 . THR A 1 173 ? 16.195  11.077  -7.754  1.00 22.41 ? 173  THR A OG1 1 
ATOM   1208 C  CG2 . THR A 1 173 ? 15.527  13.344  -8.201  1.00 22.62 ? 173  THR A CG2 1 
ATOM   1209 N  N   . LEU A 1 174 ? 12.737  13.794  -6.719  1.00 20.12 ? 174  LEU A N   1 
ATOM   1210 C  CA  . LEU A 1 174 ? 11.733  14.815  -6.967  1.00 20.39 ? 174  LEU A CA  1 
ATOM   1211 C  C   . LEU A 1 174 ? 12.475  16.012  -7.574  1.00 20.96 ? 174  LEU A C   1 
ATOM   1212 O  O   . LEU A 1 174 ? 13.534  16.381  -7.075  1.00 19.87 ? 174  LEU A O   1 
ATOM   1213 C  CB  . LEU A 1 174 ? 11.046  15.237  -5.650  1.00 20.82 ? 174  LEU A CB  1 
ATOM   1214 C  CG  . LEU A 1 174 ? 10.327  14.078  -4.918  1.00 18.99 ? 174  LEU A CG  1 
ATOM   1215 C  CD1 . LEU A 1 174 ? 9.591   14.647  -3.728  1.00 21.72 ? 174  LEU A CD1 1 
ATOM   1216 C  CD2 . LEU A 1 174 ? 9.321   13.400  -5.851  1.00 19.11 ? 174  LEU A CD2 1 
ATOM   1217 N  N   . ASN A 1 175 ? 11.916  16.582  -8.640  1.00 22.41 ? 175  ASN A N   1 
ATOM   1218 C  CA  . ASN A 1 175 ? 12.514  17.754  -9.311  1.00 25.35 ? 175  ASN A CA  1 
ATOM   1219 C  C   . ASN A 1 175 ? 11.716  18.992  -8.885  1.00 28.47 ? 175  ASN A C   1 
ATOM   1220 O  O   . ASN A 1 175 ? 10.494  18.945  -8.868  1.00 29.97 ? 175  ASN A O   1 
ATOM   1221 C  CG  . ASN A 1 175 ? 12.873  16.349  -11.414 1.00 25.94 ? 175  ASN A CG  1 
ATOM   1222 O  OD1 . ASN A 1 175 ? 12.180  15.710  -12.235 1.00 28.36 ? 175  ASN A OD1 1 
ATOM   1223 N  ND2 . ASN A 1 175 ? 14.066  15.959  -11.034 1.00 22.28 ? 175  ASN A ND2 1 
ATOM   1224 N  N   . ASP A 1 176 ? 12.392  20.096  -8.569  1.00 32.19 ? 176  ASP A N   1 
ATOM   1225 C  CA  . ASP A 1 176 ? 11.688  21.346  -8.211  1.00 33.94 ? 176  ASP A CA  1 
ATOM   1226 C  C   . ASP A 1 176 ? 10.454  21.558  -9.080  1.00 34.85 ? 176  ASP A C   1 
ATOM   1227 O  O   . ASP A 1 176 ? 10.583  22.268  -10.127 1.00 35.74 ? 176  ASP A O   1 
ATOM   1228 C  CB  . ASP A 1 176 ? 12.611  22.552  -8.406  1.00 34.90 ? 176  ASP A CB  1 
HETATM 1229 C  C1  . SNG B 2 .   ? -10.508 -10.976 -8.446  1.00 18.29 ? 1177 SNG A C1  1 
HETATM 1230 C  C2  . SNG B 2 .   ? -9.144  -10.377 -8.816  1.00 16.86 ? 1177 SNG A C2  1 
HETATM 1231 C  C3  . SNG B 2 .   ? -8.375  -9.992  -7.531  1.00 15.43 ? 1177 SNG A C3  1 
HETATM 1232 C  C4  . SNG B 2 .   ? -9.219  -9.094  -6.614  1.00 16.13 ? 1177 SNG A C4  1 
HETATM 1233 C  C5  . SNG B 2 .   ? -10.573 -9.775  -6.349  1.00 15.67 ? 1177 SNG A C5  1 
HETATM 1234 C  C6  . SNG B 2 .   ? -11.492 -8.886  -5.476  1.00 15.79 ? 1177 SNG A C6  1 
HETATM 1235 C  C7  . SNG B 2 .   ? -7.922  -11.222 -10.802 1.00 18.58 ? 1177 SNG A C7  1 
HETATM 1236 C  C8  . SNG B 2 .   ? -8.361  -9.950  -11.472 1.00 13.72 ? 1177 SNG A C8  1 
HETATM 1237 C  CM  . SNG B 2 .   ? -11.563 -9.741  -10.737 1.00 22.90 ? 1177 SNG A CM  1 
HETATM 1238 N  N2  . SNG B 2 .   ? -8.333  -11.372 -9.555  1.00 17.87 ? 1177 SNG A N2  1 
HETATM 1239 O  O3  . SNG B 2 .   ? -7.152  -9.305  -7.896  1.00 18.92 ? 1177 SNG A O3  1 
HETATM 1240 O  O4  . SNG B 2 .   ? -8.523  -8.921  -5.384  1.00 14.54 ? 1177 SNG A O4  1 
HETATM 1241 O  O5  . SNG B 2 .   ? -11.207 -9.986  -7.620  1.00 16.64 ? 1177 SNG A O5  1 
HETATM 1242 O  O6  . SNG B 2 .   ? -11.770 -7.697  -6.169  1.00 18.22 ? 1177 SNG A O6  1 
HETATM 1243 O  O7  . SNG B 2 .   ? -7.140  -12.032 -11.387 1.00 23.88 ? 1177 SNG A O7  1 
HETATM 1244 SE SE  . SNG B 2 .   ? -11.515 -11.370 -9.959  1.00 24.16 ? 1177 SNG A SE  1 
HETATM 1245 O  O   . HOH C 3 .   ? -11.947 -25.686 0.352   1.00 22.04 ? 2001 HOH A O   1 
HETATM 1246 O  O   . HOH C 3 .   ? -13.099 -24.551 2.352   1.00 41.70 ? 2002 HOH A O   1 
HETATM 1247 O  O   . HOH C 3 .   ? -5.353  -23.604 -1.658  1.00 27.48 ? 2003 HOH A O   1 
HETATM 1248 O  O   . HOH C 3 .   ? 0.112   -21.264 1.083   1.00 22.17 ? 2004 HOH A O   1 
HETATM 1249 O  O   . HOH C 3 .   ? 4.951   -17.815 -5.612  1.00 34.22 ? 2005 HOH A O   1 
HETATM 1250 O  O   . HOH C 3 .   ? 4.920   -11.391 -6.446  1.00 31.02 ? 2006 HOH A O   1 
HETATM 1251 O  O   . HOH C 3 .   ? 7.901   -14.584 -0.696  1.00 30.45 ? 2007 HOH A O   1 
HETATM 1252 O  O   . HOH C 3 .   ? 9.747   -11.790 -1.154  1.00 26.73 ? 2008 HOH A O   1 
HETATM 1253 O  O   . HOH C 3 .   ? 9.324   -4.966  1.215   1.00 23.24 ? 2009 HOH A O   1 
HETATM 1254 O  O   . HOH C 3 .   ? 10.945  -7.963  -3.611  1.00 38.86 ? 2010 HOH A O   1 
HETATM 1255 O  O   . HOH C 3 .   ? 7.208   -8.382  -5.373  1.00 20.13 ? 2011 HOH A O   1 
HETATM 1256 O  O   . HOH C 3 .   ? 3.132   -9.992  -3.784  1.00 24.41 ? 2012 HOH A O   1 
HETATM 1257 O  O   . HOH C 3 .   ? 11.225  -5.090  -1.052  1.00 30.57 ? 2013 HOH A O   1 
HETATM 1258 O  O   . HOH C 3 .   ? 8.410   -6.069  -5.908  1.00 23.21 ? 2014 HOH A O   1 
HETATM 1259 O  O   . HOH C 3 .   ? 15.951  9.105   -12.145 1.00 27.41 ? 2015 HOH A O   1 
HETATM 1260 O  O   . HOH C 3 .   ? 9.304   5.725   -8.270  1.00 22.75 ? 2016 HOH A O   1 
HETATM 1261 O  O   . HOH C 3 .   ? 9.856   18.335  -15.987 1.00 28.86 ? 2017 HOH A O   1 
HETATM 1262 O  O   . HOH C 3 .   ? 2.520   22.713  -9.998  1.00 34.23 ? 2018 HOH A O   1 
HETATM 1263 O  O   . HOH C 3 .   ? -9.471  -24.832 6.706   1.00 29.87 ? 2019 HOH A O   1 
HETATM 1264 O  O   . HOH C 3 .   ? 11.345  5.830   10.171  1.00 28.86 ? 2020 HOH A O   1 
HETATM 1265 O  O   . HOH C 3 .   ? 5.607   -8.919  -7.343  1.00 33.89 ? 2021 HOH A O   1 
HETATM 1266 O  O   . HOH C 3 .   ? 1.912   -4.323  -11.995 1.00 37.22 ? 2022 HOH A O   1 
HETATM 1267 O  O   . HOH C 3 .   ? -0.443  -5.342  -12.053 1.00 29.30 ? 2023 HOH A O   1 
HETATM 1268 O  O   . HOH C 3 .   ? 2.539   -7.222  -10.067 1.00 31.78 ? 2024 HOH A O   1 
HETATM 1269 O  O   . HOH C 3 .   ? 3.166   -3.130  -9.616  1.00 26.83 ? 2025 HOH A O   1 
HETATM 1270 O  O   . HOH C 3 .   ? -14.002 -2.198  -3.556  1.00 33.79 ? 2026 HOH A O   1 
HETATM 1271 O  O   . HOH C 3 .   ? -1.567  -8.018  -11.195 1.00 27.14 ? 2027 HOH A O   1 
HETATM 1272 O  O   . HOH C 3 .   ? 1.440   -13.091 -8.500  1.00 23.93 ? 2028 HOH A O   1 
HETATM 1273 O  O   . HOH C 3 .   ? -12.886 -1.434  -2.023  1.00 32.97 ? 2029 HOH A O   1 
HETATM 1274 O  O   . HOH C 3 .   ? -7.518  -21.998 -3.335  1.00 26.58 ? 2030 HOH A O   1 
HETATM 1275 O  O   . HOH C 3 .   ? -15.274 -15.119 -9.168  1.00 35.06 ? 2031 HOH A O   1 
HETATM 1276 O  O   . HOH C 3 .   ? -10.486 -25.928 -3.629  1.00 32.77 ? 2032 HOH A O   1 
HETATM 1277 O  O   . HOH C 3 .   ? -9.110  -24.605 -6.034  1.00 38.94 ? 2033 HOH A O   1 
HETATM 1278 O  O   . HOH C 3 .   ? -13.210 -22.010 1.555   1.00 20.85 ? 2034 HOH A O   1 
HETATM 1279 O  O   . HOH C 3 .   ? -9.678  -4.282  10.117  1.00 33.74 ? 2035 HOH A O   1 
HETATM 1280 O  O   . HOH C 3 .   ? 2.779   -2.485  14.922  1.00 34.95 ? 2036 HOH A O   1 
HETATM 1281 O  O   . HOH C 3 .   ? -1.248  2.276   9.600   1.00 18.58 ? 2037 HOH A O   1 
HETATM 1282 O  O   . HOH C 3 .   ? 5.655   5.135   13.473  1.00 27.46 ? 2038 HOH A O   1 
HETATM 1283 O  O   . HOH C 3 .   ? 4.702   -3.863  9.170   1.00 32.65 ? 2039 HOH A O   1 
HETATM 1284 O  O   . HOH C 3 .   ? 3.158   0.559   12.823  1.00 23.90 ? 2040 HOH A O   1 
HETATM 1285 O  O   . HOH C 3 .   ? -19.755 -13.862 10.830  1.00 25.92 ? 2041 HOH A O   1 
HETATM 1286 O  O   . HOH C 3 .   ? 0.043   18.942  8.521   1.00 30.74 ? 2042 HOH A O   1 
HETATM 1287 O  O   . HOH C 3 .   ? -8.778  -23.900 4.462   1.00 24.10 ? 2043 HOH A O   1 
HETATM 1288 O  O   . HOH C 3 .   ? -2.829  -16.653 11.050  1.00 36.16 ? 2044 HOH A O   1 
HETATM 1289 O  O   . HOH C 3 .   ? -11.132 17.464  3.645   1.00 22.02 ? 2045 HOH A O   1 
HETATM 1290 O  O   . HOH C 3 .   ? -2.846  11.634  10.765  1.00 29.11 ? 2046 HOH A O   1 
HETATM 1291 O  O   . HOH C 3 .   ? 10.928  7.853   8.363   1.00 31.85 ? 2047 HOH A O   1 
HETATM 1292 O  O   . HOH C 3 .   ? 9.557   13.847  7.739   1.00 29.53 ? 2048 HOH A O   1 
HETATM 1293 O  O   . HOH C 3 .   ? 14.825  13.749  0.786   1.00 30.96 ? 2049 HOH A O   1 
HETATM 1294 O  O   . HOH C 3 .   ? 16.239  13.684  7.133   1.00 32.02 ? 2050 HOH A O   1 
HETATM 1295 O  O   . HOH C 3 .   ? -9.930  -4.330  -7.292  1.00 19.09 ? 2051 HOH A O   1 
HETATM 1296 O  O   . HOH C 3 .   ? -12.739 -4.018  -4.728  1.00 27.17 ? 2052 HOH A O   1 
HETATM 1297 O  O   . HOH C 3 .   ? -4.808  3.643   -4.613  1.00 15.66 ? 2053 HOH A O   1 
HETATM 1298 O  O   . HOH C 3 .   ? 1.475   -0.373  -10.982 1.00 27.22 ? 2054 HOH A O   1 
HETATM 1299 O  O   . HOH C 3 .   ? -12.719 4.223   -3.795  1.00 17.97 ? 2055 HOH A O   1 
HETATM 1300 O  O   . HOH C 3 .   ? -13.413 2.127   -8.043  1.00 27.44 ? 2056 HOH A O   1 
HETATM 1301 O  O   . HOH C 3 .   ? -14.157 -4.164  -11.108 1.00 41.74 ? 2057 HOH A O   1 
HETATM 1302 O  O   . HOH C 3 .   ? -14.462 -5.248  -8.929  1.00 43.43 ? 2058 HOH A O   1 
HETATM 1303 O  O   . HOH C 3 .   ? -11.781 3.812   -1.430  1.00 26.08 ? 2059 HOH A O   1 
HETATM 1304 O  O   . HOH C 3 .   ? -9.423  6.462   4.490   1.00 31.85 ? 2060 HOH A O   1 
HETATM 1305 O  O   . HOH C 3 .   ? -7.315  3.764   6.741   1.00 34.80 ? 2061 HOH A O   1 
HETATM 1306 O  O   . HOH C 3 .   ? -1.871  8.886   3.930   1.00 17.61 ? 2062 HOH A O   1 
HETATM 1307 O  O   . HOH C 3 .   ? -3.855  3.633   12.290  1.00 22.90 ? 2063 HOH A O   1 
HETATM 1308 O  O   . HOH C 3 .   ? 3.580   8.355   13.801  1.00 27.31 ? 2064 HOH A O   1 
HETATM 1309 O  O   . HOH C 3 .   ? -2.032  4.418   15.094  1.00 27.26 ? 2065 HOH A O   1 
HETATM 1310 O  O   . HOH C 3 .   ? -15.153 -0.407  5.171   1.00 33.68 ? 2066 HOH A O   1 
HETATM 1311 O  O   . HOH C 3 .   ? -10.103 -0.005  10.167  1.00 27.57 ? 2067 HOH A O   1 
HETATM 1312 O  O   . HOH C 3 .   ? -9.871  -1.524  -1.228  1.00 19.74 ? 2068 HOH A O   1 
HETATM 1313 O  O   . HOH C 3 .   ? -13.344 -1.556  0.941   1.00 28.52 ? 2069 HOH A O   1 
HETATM 1314 O  O   . HOH C 3 .   ? -15.901 -1.029  1.138   1.00 35.31 ? 2070 HOH A O   1 
HETATM 1315 O  O   . HOH C 3 .   ? -18.571 -14.248 -5.889  1.00 29.02 ? 2071 HOH A O   1 
HETATM 1316 O  O   . HOH C 3 .   ? -18.792 -11.247 -2.468  1.00 31.76 ? 2072 HOH A O   1 
HETATM 1317 O  O   . HOH C 3 .   ? -19.618 -17.404 -2.131  1.00 31.16 ? 2073 HOH A O   1 
HETATM 1318 O  O   . HOH C 3 .   ? -17.064 -16.277 -7.605  1.00 24.36 ? 2074 HOH A O   1 
HETATM 1319 O  O   . HOH C 3 .   ? -19.956 -21.114 -7.259  1.00 36.28 ? 2075 HOH A O   1 
HETATM 1320 O  O   . HOH C 3 .   ? -16.688 -23.756 -11.464 1.00 30.89 ? 2076 HOH A O   1 
HETATM 1321 O  O   . HOH C 3 .   ? -19.859 -22.230 -9.982  1.00 35.51 ? 2077 HOH A O   1 
HETATM 1322 O  O   . HOH C 3 .   ? -16.304 -17.544 -11.494 1.00 31.55 ? 2078 HOH A O   1 
HETATM 1323 O  O   . HOH C 3 .   ? -11.694 -15.099 -11.443 1.00 37.90 ? 2079 HOH A O   1 
HETATM 1324 O  O   . HOH C 3 .   ? -4.322  1.238   -3.017  1.00 24.32 ? 2080 HOH A O   1 
HETATM 1325 O  O   . HOH C 3 .   ? 1.964   7.734   -7.353  1.00 16.59 ? 2081 HOH A O   1 
HETATM 1326 O  O   . HOH C 3 .   ? 6.090   21.767  5.730   1.00 27.30 ? 2082 HOH A O   1 
HETATM 1327 O  O   . HOH C 3 .   ? 17.966  14.842  -1.608  1.00 29.91 ? 2083 HOH A O   1 
HETATM 1328 O  O   . HOH C 3 .   ? 18.529  2.998   -1.272  1.00 24.62 ? 2084 HOH A O   1 
HETATM 1329 O  O   . HOH C 3 .   ? 15.925  8.560   2.142   1.00 29.53 ? 2085 HOH A O   1 
HETATM 1330 O  O   . HOH C 3 .   ? 15.198  -0.330  3.279   1.00 31.12 ? 2086 HOH A O   1 
HETATM 1331 O  O   . HOH C 3 .   ? 9.086   -1.189  8.944   1.00 34.88 ? 2087 HOH A O   1 
HETATM 1332 O  O   . HOH C 3 .   ? 10.879  2.490   7.400   1.00 26.92 ? 2088 HOH A O   1 
HETATM 1333 O  O   . HOH C 3 .   ? 13.170  1.528   6.170   1.00 24.16 ? 2089 HOH A O   1 
HETATM 1334 O  O   . HOH C 3 .   ? -0.994  -9.564  11.874  1.00 33.54 ? 2090 HOH A O   1 
HETATM 1335 O  O   . HOH C 3 .   ? -17.902 -12.540 9.424   1.00 18.47 ? 2091 HOH A O   1 
HETATM 1336 O  O   . HOH C 3 .   ? -13.968 -20.698 3.761   1.00 21.44 ? 2092 HOH A O   1 
HETATM 1337 O  O   . HOH C 3 .   ? -16.738 -18.218 4.164   1.00 24.45 ? 2093 HOH A O   1 
HETATM 1338 O  O   . HOH C 3 .   ? -6.902  -21.955 5.762   1.00 28.62 ? 2094 HOH A O   1 
HETATM 1339 O  O   . HOH C 3 .   ? -11.510 -21.545 5.432   1.00 28.48 ? 2095 HOH A O   1 
HETATM 1340 O  O   . HOH C 3 .   ? -1.813  -18.074 9.058   1.00 25.15 ? 2096 HOH A O   1 
HETATM 1341 O  O   . HOH C 3 .   ? -4.046  -23.063 6.107   1.00 38.19 ? 2097 HOH A O   1 
HETATM 1342 O  O   . HOH C 3 .   ? -1.286  -25.948 5.424   1.00 32.68 ? 2098 HOH A O   1 
HETATM 1343 O  O   . HOH C 3 .   ? 1.845   -19.987 3.030   1.00 18.71 ? 2099 HOH A O   1 
HETATM 1344 O  O   . HOH C 3 .   ? 4.696   -18.646 1.882   1.00 29.80 ? 2100 HOH A O   1 
HETATM 1345 O  O   . HOH C 3 .   ? 2.588   -13.904 7.626   1.00 29.67 ? 2101 HOH A O   1 
HETATM 1346 O  O   . HOH C 3 .   ? 1.304   -9.828  10.637  1.00 28.86 ? 2102 HOH A O   1 
HETATM 1347 O  O   . HOH C 3 .   ? 4.774   -12.395 6.350   1.00 35.57 ? 2103 HOH A O   1 
HETATM 1348 O  O   . HOH C 3 .   ? 5.445   -8.127  8.281   1.00 27.34 ? 2104 HOH A O   1 
HETATM 1349 O  O   . HOH C 3 .   ? 8.783   -3.356  4.277   1.00 31.09 ? 2105 HOH A O   1 
HETATM 1350 O  O   . HOH C 3 .   ? 12.893  -2.179  2.981   1.00 34.16 ? 2106 HOH A O   1 
HETATM 1351 O  O   . HOH C 3 .   ? 9.368   4.678   -5.425  1.00 22.21 ? 2107 HOH A O   1 
HETATM 1352 O  O   . HOH C 3 .   ? 15.221  14.164  -12.715 1.00 34.32 ? 2108 HOH A O   1 
HETATM 1353 O  O   . HOH C 3 .   ? -10.788 -6.422  -8.901  1.00 29.47 ? 2109 HOH A O   1 
HETATM 1354 O  O   . HOH C 3 .   ? -14.100 -10.315 -7.701  1.00 28.37 ? 2110 HOH A O   1 
# 
